data_5MTZ
#
_entry.id   5MTZ
#
_cell.length_a   136.000
_cell.length_b   136.000
_cell.length_c   115.810
_cell.angle_alpha   90.000
_cell.angle_beta   90.000
_cell.angle_gamma   90.000
#
_symmetry.space_group_name_H-M   'P 41'
#
loop_
_entity.id
_entity.type
_entity.pdbx_description
1 polymer 'Ribonuclease Z'
2 non-polymer 'ZINC ION'
3 non-polymer 'PHOSPHATE ION'
#
_entity_poly.entity_id   1
_entity_poly.type   'polypeptide(L)'
_entity_poly.pdbx_seq_one_letter_code
;(MSE)AHHHHHHVGTGSNDDDDKSPDPNWELVYTARLQEF(MSE)FTFIPITHPTSDTKHPLLLVQSAHGEKYFFGKIGE
GSQRSLTENKIRISKLKDIFLTGELNWSDIGGLPG(MSE)ILTIADQGKSNLVLHYGNDILNYIVSTWRYFVFRFGIDLN
DHI(MSE)KDKEVYKDKIIAVKSFNVLKNGGEDRLGVFDSFQKGVLRSIVAK(MSE)FPKHAPTDRYDPSSDPHLNVELP
DLDAKVEVSTNYEISFSPVRGKFKVEEAIKLGVPKGPLFAKLTKGQTITLDNGIVVTPEQVLENERHFAKVLILDIPDDL
YLNAFVEKFKDYDCAELG(MSE)VYYFLGDEVTINDNLFAFIDIFEKNNYGKVNH(MSE)ISHNKISPNTISFFGSALTT
LKLKALQVNNYNLPKTDRVFSKDFYDRFDTPLSRGTS(MSE)CKSQEEPLNTIIEKDNIHIFSQNKTVTFEPFR(MSE)N
EEP(MSE)KCNINGEVADFSWQEIFEEHVKPLEFPLADVDTVINNQLHVDNFNNSAEKKKHVEIITLGTGSALPSKYRNV
VSTLVKVPFTDADGNTINRNI(MSE)LDAGENTLGTIHR(MSE)FSQLAVKSIFQDLK(MSE)IYLSHLHADHHLGIISV
LNEWYKYNKDDETSYIYVVTPWQYHKFVNEWLVLENKEILKRIKYISCEHFINDSFVR(MSE)QTQSVPLAEFNEILKEN
SNQESNRKLELDRDSSYRDVDLIRQ(MSE)YEDLSIEYFQTCRAIHCDWAYSNSITFR(MSE)DENNEHNTFKVSYSGDT
RPNIEKFSLEIGYNSDLLIHEATLENQLLEDAVKKKHCTINEAIGVSNK(MSE)NARKLILTHFSQRYPKLPQLDNNIDV
(MSE)AREFCFAFDS(MSE)IVDYEKIGEQQRIFPLLNKAFVEEKEEEEDVDDVESVQDLEVKLKKHKKN
;
_entity_poly.pdbx_strand_id   A,B
#
loop_
_chem_comp.id
_chem_comp.type
_chem_comp.name
_chem_comp.formula
PO4 non-polymer 'PHOSPHATE ION' 'O4 P -3'
ZN non-polymer 'ZINC ION' 'Zn 2'
#
# COMPACT_ATOMS: atom_id res chain seq x y z
N PHE A 36 -8.80 25.31 -47.70
CA PHE A 36 -8.78 26.20 -46.49
C PHE A 36 -10.21 26.14 -45.90
N MSE A 37 -10.41 25.12 -45.06
CA MSE A 37 -11.73 24.62 -44.59
C MSE A 37 -11.48 23.52 -43.56
O MSE A 37 -10.41 22.94 -43.52
CB MSE A 37 -12.51 24.05 -45.79
CG MSE A 37 -13.97 23.63 -45.54
SE MSE A 37 -14.46 21.98 -46.51
CE MSE A 37 -13.18 20.72 -45.70
N PHE A 38 -12.46 23.29 -42.69
CA PHE A 38 -12.40 22.27 -41.63
C PHE A 38 -13.70 21.49 -41.48
N THR A 39 -13.60 20.16 -41.37
CA THR A 39 -14.76 19.27 -41.20
C THR A 39 -14.70 18.56 -39.84
N PHE A 40 -15.81 18.64 -39.10
CA PHE A 40 -15.96 18.10 -37.74
C PHE A 40 -16.72 16.78 -37.84
N ILE A 41 -15.97 15.70 -37.89
CA ILE A 41 -16.50 14.40 -38.24
C ILE A 41 -16.58 13.55 -36.96
N PRO A 42 -17.79 13.13 -36.54
CA PRO A 42 -17.92 12.39 -35.28
C PRO A 42 -17.59 10.92 -35.43
N ILE A 43 -16.65 10.45 -34.61
CA ILE A 43 -16.20 9.04 -34.61
C ILE A 43 -17.14 8.10 -33.84
N THR A 44 -17.53 8.50 -32.65
CA THR A 44 -18.42 7.69 -31.83
C THR A 44 -19.43 8.56 -31.13
N HIS A 45 -20.63 8.04 -30.93
CA HIS A 45 -21.63 8.70 -30.09
C HIS A 45 -22.09 7.71 -29.02
N PRO A 46 -22.82 8.21 -27.99
CA PRO A 46 -23.30 7.33 -26.91
C PRO A 46 -24.22 6.20 -27.37
N THR A 47 -23.86 4.97 -26.98
CA THR A 47 -24.33 3.74 -27.58
C THR A 47 -23.91 2.58 -26.70
N SER A 48 -24.72 1.53 -26.63
CA SER A 48 -24.39 0.28 -25.89
C SER A 48 -22.92 -0.17 -25.95
N ASP A 49 -22.36 -0.28 -27.16
CA ASP A 49 -20.93 -0.59 -27.38
C ASP A 49 -19.98 0.58 -27.10
N THR A 50 -20.29 1.76 -27.66
CA THR A 50 -19.45 2.98 -27.53
C THR A 50 -20.09 3.97 -26.54
N LYS A 51 -19.55 4.03 -25.32
CA LYS A 51 -20.19 4.82 -24.24
C LYS A 51 -20.07 6.36 -24.37
N HIS A 52 -18.99 6.84 -24.97
CA HIS A 52 -18.70 8.27 -25.03
C HIS A 52 -18.54 8.88 -26.44
N PRO A 53 -18.67 10.20 -26.55
CA PRO A 53 -18.44 10.82 -27.84
C PRO A 53 -16.97 11.06 -28.07
N LEU A 54 -16.57 10.94 -29.32
CA LEU A 54 -15.23 11.29 -29.79
C LEU A 54 -15.44 12.01 -31.08
N LEU A 55 -14.66 13.06 -31.29
CA LEU A 55 -14.84 13.92 -32.45
C LEU A 55 -13.49 14.11 -33.09
N LEU A 56 -13.44 13.97 -34.41
CA LEU A 56 -12.24 14.24 -35.20
C LEU A 56 -12.41 15.55 -35.95
N VAL A 57 -11.52 16.53 -35.74
CA VAL A 57 -11.54 17.75 -36.59
C VAL A 57 -10.44 17.58 -37.64
N GLN A 58 -10.83 17.68 -38.90
CA GLN A 58 -9.96 17.44 -40.03
C GLN A 58 -9.88 18.68 -40.90
N SER A 59 -8.65 19.12 -41.16
CA SER A 59 -8.39 20.27 -42.02
C SER A 59 -8.66 19.95 -43.49
N ALA A 60 -8.57 20.99 -44.31
CA ALA A 60 -8.72 20.89 -45.75
C ALA A 60 -7.70 19.94 -46.39
N HIS A 61 -6.44 20.05 -45.96
CA HIS A 61 -5.35 19.24 -46.51
C HIS A 61 -4.88 18.11 -45.57
N GLY A 62 -5.78 17.66 -44.69
CA GLY A 62 -5.59 16.42 -43.92
C GLY A 62 -5.00 16.48 -42.53
N GLU A 63 -4.71 17.66 -41.99
CA GLU A 63 -4.31 17.80 -40.57
C GLU A 63 -5.47 17.39 -39.65
N LYS A 64 -5.17 16.53 -38.67
CA LYS A 64 -6.20 15.86 -37.88
C LYS A 64 -5.94 16.02 -36.39
N TYR A 65 -7.03 16.15 -35.63
CA TYR A 65 -7.03 16.32 -34.16
C TYR A 65 -8.25 15.63 -33.58
N PHE A 66 -8.07 14.87 -32.50
CA PHE A 66 -9.20 14.28 -31.75
C PHE A 66 -9.61 15.19 -30.61
N PHE A 67 -10.91 15.20 -30.33
CA PHE A 67 -11.47 15.89 -29.15
C PHE A 67 -12.51 15.00 -28.52
N GLY A 68 -12.48 14.94 -27.20
CA GLY A 68 -13.47 14.18 -26.46
C GLY A 68 -12.83 13.07 -25.65
N LYS A 69 -13.33 11.87 -25.83
CA LYS A 69 -12.99 10.75 -24.95
C LYS A 69 -12.62 9.54 -25.75
N ILE A 70 -11.58 8.86 -25.32
CA ILE A 70 -11.11 7.68 -26.05
C ILE A 70 -11.46 6.47 -25.22
N GLY A 71 -12.73 6.09 -25.32
CA GLY A 71 -13.32 5.07 -24.45
C GLY A 71 -13.20 3.71 -25.09
N GLU A 72 -13.71 2.69 -24.40
CA GLU A 72 -13.62 1.31 -24.89
C GLU A 72 -14.36 1.16 -26.23
N GLY A 73 -13.68 0.53 -27.19
CA GLY A 73 -14.22 0.35 -28.53
C GLY A 73 -13.92 1.46 -29.51
N SER A 74 -13.28 2.53 -29.04
CA SER A 74 -13.07 3.72 -29.86
C SER A 74 -11.93 3.54 -30.83
N GLN A 75 -11.07 2.56 -30.59
CA GLN A 75 -10.03 2.21 -31.57
C GLN A 75 -10.51 1.21 -32.65
N ARG A 76 -11.45 0.37 -32.25
CA ARG A 76 -12.09 -0.58 -33.15
C ARG A 76 -13.03 0.13 -34.10
N SER A 77 -13.72 1.15 -33.61
CA SER A 77 -14.65 1.88 -34.44
C SER A 77 -13.95 2.65 -35.56
N LEU A 78 -12.69 3.04 -35.34
CA LEU A 78 -11.92 3.61 -36.44
C LEU A 78 -11.73 2.62 -37.58
N THR A 79 -11.31 1.40 -37.28
CA THR A 79 -11.05 0.41 -38.32
C THR A 79 -12.32 -0.05 -39.06
N GLU A 80 -13.41 -0.27 -38.33
CA GLU A 80 -14.73 -0.59 -38.91
C GLU A 80 -15.08 0.37 -40.06
N ASN A 81 -14.95 1.66 -39.79
CA ASN A 81 -15.31 2.75 -40.71
C ASN A 81 -14.22 3.24 -41.65
N LYS A 82 -13.08 2.57 -41.64
CA LYS A 82 -12.00 2.87 -42.55
C LYS A 82 -11.56 4.35 -42.48
N ILE A 83 -11.44 4.88 -41.26
CA ILE A 83 -10.89 6.21 -41.01
C ILE A 83 -9.38 6.11 -40.87
N ARG A 84 -8.66 7.06 -41.47
CA ARG A 84 -7.19 7.03 -41.41
C ARG A 84 -6.62 8.11 -40.45
N ILE A 85 -5.54 7.78 -39.74
CA ILE A 85 -4.95 8.56 -38.62
C ILE A 85 -3.51 9.03 -38.96
N SER A 86 -3.31 9.30 -40.25
CA SER A 86 -2.08 9.86 -40.73
C SER A 86 -2.13 11.35 -40.38
N LYS A 87 -0.99 11.91 -40.01
CA LYS A 87 -0.85 13.30 -39.53
C LYS A 87 -1.35 13.59 -38.09
N LEU A 88 -2.38 12.89 -37.62
CA LEU A 88 -2.89 13.05 -36.25
C LEU A 88 -1.82 12.75 -35.20
N LYS A 89 -1.52 13.75 -34.37
CA LYS A 89 -0.66 13.60 -33.20
C LYS A 89 -1.19 14.35 -31.94
N ASP A 90 -2.43 14.83 -31.96
CA ASP A 90 -3.00 15.62 -30.85
C ASP A 90 -4.37 15.10 -30.43
N ILE A 91 -4.46 14.76 -29.14
CA ILE A 91 -5.67 14.24 -28.55
C ILE A 91 -6.02 15.17 -27.40
N PHE A 92 -7.14 15.87 -27.56
CA PHE A 92 -7.61 16.79 -26.53
C PHE A 92 -8.67 16.10 -25.68
N LEU A 93 -8.23 15.58 -24.54
CA LEU A 93 -9.10 14.84 -23.63
C LEU A 93 -9.96 15.81 -22.85
N THR A 94 -11.29 15.68 -22.97
CA THR A 94 -12.27 16.44 -22.19
C THR A 94 -12.85 15.68 -20.99
N GLY A 95 -13.46 16.44 -20.09
CA GLY A 95 -14.23 15.91 -18.95
C GLY A 95 -13.47 15.39 -17.74
N GLU A 96 -14.15 14.55 -16.97
CA GLU A 96 -13.55 13.76 -15.88
C GLU A 96 -12.93 12.49 -16.47
N LEU A 97 -11.77 12.07 -16.00
CA LEU A 97 -11.15 10.86 -16.57
C LEU A 97 -11.25 9.63 -15.64
N ASN A 98 -12.34 8.88 -15.81
CA ASN A 98 -12.49 7.55 -15.28
C ASN A 98 -12.15 6.51 -16.36
N TRP A 99 -12.21 5.23 -16.01
CA TRP A 99 -11.85 4.19 -16.95
C TRP A 99 -12.73 4.21 -18.21
N SER A 100 -14.01 4.53 -18.07
CA SER A 100 -14.89 4.55 -19.26
C SER A 100 -14.44 5.61 -20.27
N ASP A 101 -13.89 6.71 -19.76
CA ASP A 101 -13.46 7.84 -20.58
C ASP A 101 -12.11 7.61 -21.28
N ILE A 102 -11.28 6.68 -20.79
CA ILE A 102 -9.96 6.41 -21.41
C ILE A 102 -9.56 4.95 -21.66
N GLY A 103 -10.42 3.96 -21.37
CA GLY A 103 -10.07 2.53 -21.55
C GLY A 103 -9.65 2.12 -22.97
N GLY A 104 -10.14 2.87 -23.95
CA GLY A 104 -9.67 2.73 -25.33
C GLY A 104 -8.31 3.38 -25.67
N LEU A 105 -7.77 4.18 -24.75
CA LEU A 105 -6.56 4.96 -24.99
C LEU A 105 -5.26 4.15 -24.94
N PRO A 106 -5.08 3.25 -23.94
CA PRO A 106 -3.92 2.34 -23.96
C PRO A 106 -3.86 1.54 -25.25
N GLY A 107 -5.00 0.98 -25.64
CA GLY A 107 -5.15 0.31 -26.94
C GLY A 107 -4.76 1.19 -28.12
N MSE A 108 -5.31 2.40 -28.16
CA MSE A 108 -5.06 3.36 -29.23
C MSE A 108 -3.62 3.71 -29.33
O MSE A 108 -3.09 3.75 -30.44
CB MSE A 108 -5.89 4.62 -28.98
CG MSE A 108 -5.66 5.75 -29.97
SE MSE A 108 -7.26 5.84 -31.08
CE MSE A 108 -6.85 4.36 -32.31
N ILE A 109 -2.96 3.96 -28.20
CA ILE A 109 -1.54 4.32 -28.21
C ILE A 109 -0.72 3.18 -28.78
N LEU A 110 -0.94 1.95 -28.30
CA LEU A 110 -0.17 0.79 -28.82
C LEU A 110 -0.56 0.34 -30.26
N THR A 111 -1.68 0.83 -30.78
CA THR A 111 -2.07 0.62 -32.19
C THR A 111 -1.51 1.73 -33.11
N ILE A 112 -1.55 2.97 -32.66
CA ILE A 112 -1.01 4.11 -33.40
C ILE A 112 0.55 4.05 -33.45
N ALA A 113 1.15 3.42 -32.44
CA ALA A 113 2.59 3.17 -32.44
C ALA A 113 2.96 2.05 -33.41
N ASP A 114 2.30 0.89 -33.25
CA ASP A 114 2.46 -0.23 -34.20
C ASP A 114 2.23 0.18 -35.66
N GLN A 115 1.35 1.16 -35.89
CA GLN A 115 1.17 1.73 -37.24
C GLN A 115 2.29 2.66 -37.67
N GLY A 116 3.12 3.10 -36.73
CA GLY A 116 4.38 3.80 -37.01
C GLY A 116 4.41 5.31 -36.77
N LYS A 117 3.40 5.84 -36.08
CA LYS A 117 3.31 7.28 -35.74
C LYS A 117 4.51 7.75 -34.90
N SER A 118 5.21 8.78 -35.37
CA SER A 118 6.43 9.26 -34.70
C SER A 118 6.13 9.90 -33.34
N ASN A 119 5.34 10.97 -33.33
CA ASN A 119 4.94 11.69 -32.09
C ASN A 119 3.46 11.50 -31.76
N LEU A 120 3.14 11.74 -30.49
CA LEU A 120 1.76 11.80 -30.03
C LEU A 120 1.67 12.63 -28.76
N VAL A 121 0.71 13.56 -28.71
CA VAL A 121 0.48 14.38 -27.52
C VAL A 121 -0.94 14.27 -26.98
N LEU A 122 -1.01 13.97 -25.69
CA LEU A 122 -2.24 13.90 -24.94
C LEU A 122 -2.38 15.21 -24.20
N HIS A 123 -3.51 15.87 -24.38
CA HIS A 123 -3.78 17.16 -23.71
C HIS A 123 -4.82 16.94 -22.62
N TYR A 124 -4.67 17.64 -21.49
CA TYR A 124 -5.65 17.66 -20.41
C TYR A 124 -5.28 18.76 -19.44
N GLY A 125 -6.25 19.23 -18.67
CA GLY A 125 -6.03 20.34 -17.73
C GLY A 125 -5.74 19.98 -16.28
N ASN A 126 -5.09 18.85 -16.04
CA ASN A 126 -4.81 18.41 -14.68
C ASN A 126 -3.71 17.36 -14.66
N ASP A 127 -2.86 17.43 -13.66
CA ASP A 127 -1.68 16.57 -13.59
C ASP A 127 -2.00 15.10 -13.43
N ILE A 128 -3.24 14.81 -13.01
CA ILE A 128 -3.72 13.45 -12.93
C ILE A 128 -3.43 12.61 -14.19
N LEU A 129 -3.46 13.21 -15.37
CA LEU A 129 -3.15 12.50 -16.60
C LEU A 129 -1.85 11.65 -16.58
N ASN A 130 -0.82 12.15 -15.91
CA ASN A 130 0.44 11.42 -15.81
C ASN A 130 0.30 10.23 -14.87
N TYR A 131 -0.45 10.38 -13.79
CA TYR A 131 -0.82 9.24 -12.92
C TYR A 131 -1.58 8.16 -13.70
N ILE A 132 -2.55 8.57 -14.52
CA ILE A 132 -3.29 7.65 -15.42
C ILE A 132 -2.30 6.79 -16.24
N VAL A 133 -1.48 7.42 -17.09
CA VAL A 133 -0.61 6.60 -17.96
C VAL A 133 0.36 5.79 -17.10
N SER A 134 0.80 6.36 -15.98
CA SER A 134 1.70 5.68 -15.04
C SER A 134 1.12 4.40 -14.45
N THR A 135 -0.19 4.37 -14.24
CA THR A 135 -0.85 3.14 -13.79
C THR A 135 -0.73 1.99 -14.82
N TRP A 136 -0.41 2.33 -16.10
CA TRP A 136 -0.24 1.32 -17.16
C TRP A 136 1.19 0.90 -17.45
N ARG A 137 2.07 0.88 -16.42
CA ARG A 137 3.48 0.47 -16.62
C ARG A 137 3.65 -0.96 -17.07
N TYR A 138 3.00 -1.86 -16.34
CA TYR A 138 3.18 -3.29 -16.55
C TYR A 138 2.53 -3.83 -17.85
N PHE A 139 1.69 -3.02 -18.51
CA PHE A 139 1.04 -3.46 -19.77
C PHE A 139 1.12 -2.56 -21.01
N VAL A 140 1.76 -1.40 -20.90
CA VAL A 140 1.99 -0.55 -22.07
C VAL A 140 3.47 -0.18 -22.11
N PHE A 141 4.08 -0.50 -23.25
CA PHE A 141 5.46 -0.19 -23.55
C PHE A 141 5.65 -0.20 -25.07
N ARG A 142 6.06 0.94 -25.63
CA ARG A 142 6.42 1.02 -27.05
C ARG A 142 7.58 1.99 -27.21
N PHE A 143 8.61 1.54 -27.92
CA PHE A 143 9.74 2.41 -28.29
C PHE A 143 9.46 3.03 -29.66
N GLY A 144 10.16 4.12 -29.93
CA GLY A 144 10.06 4.79 -31.23
C GLY A 144 8.84 5.66 -31.42
N ILE A 145 8.08 5.88 -30.35
CA ILE A 145 7.00 6.86 -30.31
C ILE A 145 7.35 7.90 -29.26
N ASP A 146 7.17 9.18 -29.61
CA ASP A 146 7.46 10.28 -28.67
C ASP A 146 6.16 10.74 -28.01
N LEU A 147 5.78 10.02 -26.95
CA LEU A 147 4.52 10.29 -26.25
C LEU A 147 4.72 11.30 -25.16
N ASN A 148 4.23 12.51 -25.40
CA ASN A 148 4.31 13.57 -24.46
C ASN A 148 2.91 13.84 -23.90
N ASP A 149 2.80 14.08 -22.60
CA ASP A 149 1.57 14.56 -21.98
C ASP A 149 1.68 16.05 -21.73
N HIS A 150 0.71 16.81 -22.23
CA HIS A 150 0.68 18.30 -22.10
C HIS A 150 -0.41 18.80 -21.12
N ILE A 151 0.01 19.18 -19.92
CA ILE A 151 -0.95 19.51 -18.87
C ILE A 151 -1.21 21.01 -18.96
N MSE A 152 -2.44 21.35 -19.36
CA MSE A 152 -2.78 22.72 -19.67
C MSE A 152 -3.26 23.42 -18.45
O MSE A 152 -3.99 22.85 -17.66
CB MSE A 152 -3.83 22.71 -20.78
CG MSE A 152 -3.15 22.22 -22.06
SE MSE A 152 -4.33 22.35 -23.63
CE MSE A 152 -4.52 24.30 -23.82
N LYS A 153 -2.84 24.66 -18.27
CA LYS A 153 -3.35 25.50 -17.16
C LYS A 153 -4.77 25.97 -17.50
N ASP A 154 -5.45 26.59 -16.54
CA ASP A 154 -6.89 26.86 -16.66
C ASP A 154 -7.31 27.57 -17.93
N LYS A 155 -6.58 28.58 -18.35
CA LYS A 155 -6.95 29.31 -19.56
C LYS A 155 -5.91 29.25 -20.66
N GLU A 156 -5.08 28.23 -20.59
CA GLU A 156 -3.91 28.11 -21.47
C GLU A 156 -4.32 27.95 -22.92
N VAL A 157 -3.51 28.51 -23.80
CA VAL A 157 -3.76 28.39 -25.23
C VAL A 157 -2.65 27.51 -25.79
N TYR A 158 -3.01 26.75 -26.80
CA TYR A 158 -2.05 25.92 -27.52
C TYR A 158 -2.24 26.37 -28.93
N LYS A 159 -1.22 27.06 -29.46
CA LYS A 159 -1.25 27.53 -30.83
C LYS A 159 -0.43 26.55 -31.64
N ASP A 160 -0.95 26.27 -32.84
CA ASP A 160 -0.43 25.33 -33.81
C ASP A 160 -0.24 26.17 -35.06
N LYS A 161 0.25 25.55 -36.13
CA LYS A 161 0.32 26.20 -37.46
C LYS A 161 -1.09 26.62 -37.91
N ILE A 162 -2.04 25.71 -37.70
CA ILE A 162 -3.36 25.76 -38.29
C ILE A 162 -4.44 26.10 -37.24
N ILE A 163 -4.41 25.41 -36.11
CA ILE A 163 -5.42 25.53 -35.04
C ILE A 163 -4.94 26.31 -33.79
N ALA A 164 -5.88 26.80 -33.01
CA ALA A 164 -5.61 27.32 -31.67
C ALA A 164 -6.69 26.84 -30.70
N VAL A 165 -6.23 26.44 -29.52
CA VAL A 165 -7.06 25.68 -28.58
C VAL A 165 -6.83 26.16 -27.16
N LYS A 166 -7.76 26.96 -26.66
CA LYS A 166 -7.74 27.40 -25.25
C LYS A 166 -8.58 26.40 -24.44
N SER A 167 -8.08 26.05 -23.25
CA SER A 167 -8.77 25.16 -22.31
C SER A 167 -9.53 25.95 -21.26
N PHE A 168 -10.54 25.33 -20.66
CA PHE A 168 -11.15 25.86 -19.45
C PHE A 168 -11.39 24.68 -18.54
N ASN A 169 -11.04 24.83 -17.26
CA ASN A 169 -11.27 23.78 -16.29
C ASN A 169 -12.39 24.21 -15.36
N VAL A 170 -13.58 23.63 -15.56
CA VAL A 170 -14.62 23.71 -14.54
C VAL A 170 -14.25 22.75 -13.41
N LEU A 171 -14.34 23.22 -12.16
CA LEU A 171 -14.17 22.39 -10.94
C LEU A 171 -15.53 22.10 -10.33
N LYS A 172 -15.96 20.86 -10.45
CA LYS A 172 -17.23 20.37 -9.88
C LYS A 172 -17.84 21.26 -8.79
N ASN A 173 -17.14 21.42 -7.67
CA ASN A 173 -17.64 22.21 -6.52
C ASN A 173 -16.93 23.58 -6.35
N GLY A 174 -15.60 23.58 -6.28
CA GLY A 174 -14.83 24.80 -6.01
C GLY A 174 -14.84 25.87 -7.12
N GLY A 175 -13.84 26.75 -7.07
CA GLY A 175 -13.65 27.83 -8.04
C GLY A 175 -12.33 27.75 -8.80
N GLU A 176 -11.22 28.04 -8.11
CA GLU A 176 -9.86 28.10 -8.71
C GLU A 176 -8.86 27.07 -8.13
N ASP A 177 -8.01 26.54 -9.00
CA ASP A 177 -7.07 25.46 -8.68
C ASP A 177 -5.72 25.97 -8.09
N ARG A 178 -5.48 25.74 -6.80
CA ARG A 178 -4.28 26.23 -6.07
C ARG A 178 -3.06 25.28 -6.10
N LEU A 179 -2.88 24.39 -5.11
CA LEU A 179 -1.70 23.48 -5.08
C LEU A 179 -1.77 22.46 -6.21
N GLY A 180 -2.97 21.94 -6.45
CA GLY A 180 -3.26 21.09 -7.61
C GLY A 180 -3.63 19.69 -7.19
N VAL A 181 -2.62 18.82 -7.13
CA VAL A 181 -2.82 17.41 -6.76
C VAL A 181 -1.52 16.76 -6.30
N PHE A 182 -0.47 16.94 -7.09
CA PHE A 182 0.84 16.44 -6.77
C PHE A 182 1.82 17.59 -6.55
N ASP A 183 2.74 17.41 -5.60
CA ASP A 183 3.90 18.31 -5.48
C ASP A 183 4.84 18.16 -6.68
N SER A 184 5.75 19.12 -6.81
CA SER A 184 6.68 19.21 -7.94
C SER A 184 7.69 18.05 -8.05
N PHE A 185 7.91 17.35 -6.94
CA PHE A 185 8.70 16.11 -6.93
C PHE A 185 7.88 14.92 -7.46
N GLN A 186 6.63 14.82 -6.98
CA GLN A 186 5.65 13.82 -7.42
C GLN A 186 5.34 13.96 -8.92
N LYS A 187 5.07 15.17 -9.38
CA LYS A 187 4.89 15.45 -10.82
C LYS A 187 6.11 15.00 -11.60
N GLY A 188 7.30 15.23 -11.05
CA GLY A 188 8.56 14.88 -11.71
C GLY A 188 8.73 13.40 -11.95
N VAL A 189 8.54 12.61 -10.89
CA VAL A 189 8.71 11.15 -10.99
C VAL A 189 7.67 10.47 -11.87
N LEU A 190 6.42 10.96 -11.86
CA LEU A 190 5.36 10.48 -12.75
C LEU A 190 5.73 10.69 -14.23
N ARG A 191 6.21 11.89 -14.55
CA ARG A 191 6.73 12.19 -15.91
C ARG A 191 7.87 11.27 -16.30
N SER A 192 8.67 10.87 -15.32
CA SER A 192 9.79 9.97 -15.56
C SER A 192 9.31 8.57 -15.87
N ILE A 193 8.25 8.14 -15.19
CA ILE A 193 7.64 6.84 -15.48
C ILE A 193 7.12 6.84 -16.93
N VAL A 194 6.46 7.91 -17.32
CA VAL A 194 5.94 8.04 -18.71
C VAL A 194 7.09 7.96 -19.71
N ALA A 195 8.21 8.58 -19.39
CA ALA A 195 9.37 8.56 -20.25
C ALA A 195 9.92 7.14 -20.37
N LYS A 196 10.03 6.43 -19.25
CA LYS A 196 10.47 5.00 -19.26
C LYS A 196 9.54 4.09 -20.08
N MSE A 197 8.24 4.43 -20.13
CA MSE A 197 7.27 3.68 -20.92
C MSE A 197 7.38 3.85 -22.41
O MSE A 197 7.11 2.90 -23.14
CB MSE A 197 5.86 4.07 -20.50
CG MSE A 197 5.47 3.46 -19.17
SE MSE A 197 3.61 3.95 -18.80
CE MSE A 197 3.99 5.32 -17.49
N PHE A 198 7.76 5.05 -22.90
CA PHE A 198 7.88 5.31 -24.36
C PHE A 198 9.25 5.90 -24.73
N PRO A 199 10.32 5.08 -24.63
CA PRO A 199 11.68 5.55 -24.83
C PRO A 199 12.04 5.72 -26.32
N LYS A 200 13.16 6.38 -26.57
CA LYS A 200 13.60 6.64 -27.94
C LYS A 200 14.08 5.35 -28.65
N HIS A 201 14.99 4.61 -28.02
CA HIS A 201 15.60 3.40 -28.62
C HIS A 201 15.27 2.13 -27.83
N ALA A 202 15.30 1.00 -28.54
CA ALA A 202 14.92 -0.32 -27.98
C ALA A 202 15.81 -0.70 -26.79
N PRO A 203 15.23 -1.23 -25.69
CA PRO A 203 16.04 -1.50 -24.49
C PRO A 203 16.92 -2.76 -24.59
N THR A 204 16.33 -3.95 -24.46
CA THR A 204 16.97 -5.23 -24.78
C THR A 204 15.90 -6.10 -25.47
N ASP A 205 16.33 -7.06 -26.29
CA ASP A 205 15.40 -7.89 -27.11
C ASP A 205 14.48 -8.82 -26.31
N ARG A 206 14.95 -9.26 -25.15
CA ARG A 206 14.16 -10.09 -24.21
C ARG A 206 13.82 -9.24 -22.98
N TYR A 207 12.94 -8.25 -23.18
CA TYR A 207 12.43 -7.35 -22.11
C TYR A 207 10.90 -7.43 -21.92
N ASP A 208 10.50 -8.01 -20.79
CA ASP A 208 9.09 -8.04 -20.38
C ASP A 208 8.92 -7.01 -19.26
N PRO A 209 8.03 -6.00 -19.46
CA PRO A 209 7.66 -5.09 -18.36
C PRO A 209 7.13 -5.78 -17.08
N SER A 210 6.44 -6.91 -17.25
CA SER A 210 5.96 -7.74 -16.12
C SER A 210 7.08 -8.23 -15.19
N SER A 211 8.22 -8.58 -15.77
CA SER A 211 9.36 -9.19 -15.07
C SER A 211 10.54 -8.21 -14.80
N ASP A 212 10.27 -6.91 -14.80
CA ASP A 212 11.26 -5.89 -14.47
C ASP A 212 11.00 -5.42 -13.04
N PRO A 213 12.04 -5.35 -12.18
CA PRO A 213 11.83 -4.87 -10.79
C PRO A 213 11.63 -3.33 -10.62
N HIS A 214 12.23 -2.53 -11.49
CA HIS A 214 12.25 -1.05 -11.36
C HIS A 214 10.90 -0.35 -11.58
N LEU A 215 9.95 -1.07 -12.19
CA LEU A 215 8.56 -0.62 -12.35
C LEU A 215 7.65 -0.83 -11.13
N ASN A 216 8.13 -1.55 -10.12
CA ASN A 216 7.38 -1.74 -8.89
C ASN A 216 7.57 -0.52 -7.97
N VAL A 217 7.00 0.60 -8.39
CA VAL A 217 7.09 1.89 -7.66
C VAL A 217 5.80 2.17 -6.89
N GLU A 218 5.92 2.87 -5.77
CA GLU A 218 4.77 3.32 -5.00
C GLU A 218 4.33 4.66 -5.57
N LEU A 219 3.28 4.65 -6.39
CA LEU A 219 2.73 5.90 -6.95
C LEU A 219 2.21 6.86 -5.86
N PRO A 220 2.27 8.18 -6.13
CA PRO A 220 1.87 9.17 -5.14
C PRO A 220 0.42 9.06 -4.74
N ASP A 221 0.14 9.46 -3.51
CA ASP A 221 -1.16 9.24 -2.88
C ASP A 221 -2.13 10.30 -3.36
N LEU A 222 -3.39 9.90 -3.58
CA LEU A 222 -4.42 10.82 -4.06
C LEU A 222 -5.25 11.35 -2.90
N ASP A 223 -4.72 12.41 -2.29
CA ASP A 223 -5.31 13.10 -1.14
C ASP A 223 -5.76 14.51 -1.49
N ALA A 224 -4.93 15.21 -2.27
CA ALA A 224 -5.26 16.51 -2.88
C ALA A 224 -5.91 16.38 -4.28
N LYS A 225 -6.70 15.32 -4.50
CA LYS A 225 -7.32 15.07 -5.81
C LYS A 225 -8.51 16.03 -6.01
N VAL A 226 -8.75 16.40 -7.27
CA VAL A 226 -9.89 17.28 -7.64
C VAL A 226 -10.72 16.70 -8.79
N GLU A 227 -12.02 16.91 -8.69
CA GLU A 227 -12.96 16.55 -9.74
C GLU A 227 -13.06 17.78 -10.66
N VAL A 228 -12.56 17.63 -11.89
CA VAL A 228 -12.54 18.73 -12.86
C VAL A 228 -12.96 18.26 -14.23
N SER A 229 -13.79 19.05 -14.89
CA SER A 229 -14.06 18.84 -16.29
C SER A 229 -13.16 19.79 -17.00
N THR A 230 -12.45 19.27 -17.99
CA THR A 230 -11.70 20.09 -18.93
C THR A 230 -12.56 20.27 -20.17
N ASN A 231 -12.58 21.50 -20.67
CA ASN A 231 -13.29 21.84 -21.88
C ASN A 231 -12.31 22.58 -22.76
N TYR A 232 -12.73 22.86 -23.99
CA TYR A 232 -11.86 23.54 -24.95
C TYR A 232 -12.64 24.53 -25.83
N GLU A 233 -11.99 25.65 -26.17
CA GLU A 233 -12.45 26.55 -27.23
C GLU A 233 -11.51 26.37 -28.40
N ILE A 234 -12.04 26.07 -29.57
CA ILE A 234 -11.24 25.93 -30.78
C ILE A 234 -11.48 27.14 -31.69
N SER A 235 -10.41 27.88 -31.99
CA SER A 235 -10.41 28.90 -33.06
C SER A 235 -9.55 28.43 -34.21
N PHE A 236 -9.78 29.01 -35.39
CA PHE A 236 -9.01 28.66 -36.55
C PHE A 236 -8.23 29.84 -37.11
N SER A 237 -7.07 29.54 -37.69
CA SER A 237 -6.19 30.54 -38.25
C SER A 237 -6.85 31.18 -39.46
N PRO A 238 -6.90 32.53 -39.50
CA PRO A 238 -7.50 33.21 -40.66
C PRO A 238 -6.83 32.81 -41.97
N VAL A 239 -7.59 32.78 -43.05
CA VAL A 239 -7.02 32.67 -44.39
C VAL A 239 -6.71 34.10 -44.89
N ARG A 240 -5.73 34.22 -45.79
CA ARG A 240 -4.99 35.49 -45.98
C ARG A 240 -5.80 36.61 -46.66
N LEU A 282 -3.66 42.35 -53.22
CA LEU A 282 -3.59 42.51 -51.77
C LEU A 282 -4.66 41.65 -51.07
N GLU A 283 -5.95 41.95 -51.32
CA GLU A 283 -7.17 41.26 -50.72
C GLU A 283 -7.48 41.67 -49.25
N ASN A 284 -8.56 41.10 -48.68
CA ASN A 284 -8.91 41.26 -47.23
C ASN A 284 -9.19 39.92 -46.50
N GLU A 285 -8.80 39.85 -45.23
CA GLU A 285 -8.74 38.57 -44.50
C GLU A 285 -10.09 38.01 -44.06
N ARG A 286 -10.32 36.75 -44.41
CA ARG A 286 -11.50 36.02 -43.96
C ARG A 286 -11.20 35.28 -42.65
N HIS A 287 -12.23 35.18 -41.80
CA HIS A 287 -12.17 34.55 -40.49
C HIS A 287 -13.06 33.31 -40.40
N PHE A 288 -12.81 32.52 -39.37
CA PHE A 288 -13.53 31.28 -39.13
C PHE A 288 -14.39 31.45 -37.90
N ALA A 289 -15.48 30.69 -37.82
CA ALA A 289 -16.27 30.64 -36.59
C ALA A 289 -15.46 29.97 -35.45
N LYS A 290 -15.88 30.15 -34.20
CA LYS A 290 -15.28 29.45 -33.04
C LYS A 290 -16.17 28.32 -32.47
N VAL A 291 -15.57 27.16 -32.24
CA VAL A 291 -16.28 26.03 -31.67
C VAL A 291 -15.85 25.86 -30.24
N LEU A 292 -16.85 25.66 -29.38
CA LEU A 292 -16.63 25.38 -28.00
C LEU A 292 -17.00 23.93 -27.81
N ILE A 293 -16.27 23.24 -26.94
CA ILE A 293 -16.48 21.81 -26.70
C ILE A 293 -16.58 21.63 -25.20
N LEU A 294 -17.80 21.35 -24.74
CA LEU A 294 -18.11 21.26 -23.33
C LEU A 294 -18.37 19.84 -22.93
N ASP A 295 -18.01 19.49 -21.71
CA ASP A 295 -18.10 18.14 -21.23
C ASP A 295 -18.65 18.16 -19.80
N ILE A 296 -19.90 17.75 -19.63
CA ILE A 296 -20.60 17.88 -18.36
C ILE A 296 -20.95 16.48 -17.89
N PRO A 297 -20.18 15.92 -16.94
CA PRO A 297 -20.44 14.55 -16.42
C PRO A 297 -21.79 14.36 -15.74
N ASP A 298 -22.17 15.28 -14.88
CA ASP A 298 -23.44 15.17 -14.16
C ASP A 298 -24.03 16.55 -13.81
N ASP A 299 -25.16 16.55 -13.12
CA ASP A 299 -25.86 17.78 -12.72
C ASP A 299 -25.05 18.66 -11.79
N LEU A 300 -24.30 18.04 -10.88
CA LEU A 300 -23.65 18.78 -9.80
C LEU A 300 -22.60 19.74 -10.39
N TYR A 301 -22.10 19.39 -11.56
CA TYR A 301 -21.27 20.31 -12.36
C TYR A 301 -21.95 21.59 -12.88
N LEU A 302 -23.27 21.59 -13.09
CA LEU A 302 -23.93 22.71 -13.77
C LEU A 302 -23.77 24.06 -13.04
N ASN A 303 -23.90 24.05 -11.72
CA ASN A 303 -23.70 25.27 -10.91
C ASN A 303 -22.31 25.85 -11.17
N ALA A 304 -21.30 24.99 -11.28
CA ALA A 304 -19.94 25.43 -11.59
C ALA A 304 -19.78 25.91 -13.05
N PHE A 305 -20.52 25.27 -13.96
CA PHE A 305 -20.50 25.62 -15.39
C PHE A 305 -21.14 26.98 -15.69
N VAL A 306 -22.23 27.31 -15.00
CA VAL A 306 -22.83 28.65 -15.14
C VAL A 306 -21.90 29.71 -14.54
N GLU A 307 -21.25 29.38 -13.41
CA GLU A 307 -20.29 30.28 -12.75
C GLU A 307 -19.08 30.57 -13.61
N LYS A 308 -18.66 29.62 -14.44
CA LYS A 308 -17.49 29.80 -15.32
C LYS A 308 -17.77 30.42 -16.69
N PHE A 309 -18.99 30.27 -17.20
CA PHE A 309 -19.29 30.71 -18.55
C PHE A 309 -20.33 31.83 -18.68
N LYS A 310 -20.89 32.33 -17.57
CA LYS A 310 -21.98 33.36 -17.65
C LYS A 310 -21.52 34.59 -18.42
N ASP A 311 -20.30 35.04 -18.12
CA ASP A 311 -19.70 36.20 -18.77
C ASP A 311 -18.69 35.77 -19.85
N TYR A 312 -18.97 34.68 -20.56
CA TYR A 312 -18.10 34.21 -21.64
C TYR A 312 -18.55 34.88 -22.94
N ASP A 313 -17.63 35.59 -23.58
CA ASP A 313 -17.95 36.36 -24.77
C ASP A 313 -18.27 35.45 -25.97
N CYS A 314 -19.56 35.29 -26.26
CA CYS A 314 -20.02 34.53 -27.44
C CYS A 314 -19.97 35.32 -28.77
N ALA A 315 -19.06 36.29 -28.87
CA ALA A 315 -18.88 37.13 -30.06
C ALA A 315 -18.85 36.36 -31.41
N GLU A 316 -17.80 35.60 -31.67
CA GLU A 316 -17.67 34.84 -32.92
C GLU A 316 -18.01 33.31 -32.78
N LEU A 317 -18.80 32.97 -31.76
CA LEU A 317 -19.12 31.58 -31.45
C LEU A 317 -20.13 30.99 -32.43
N GLY A 318 -19.66 30.08 -33.30
CA GLY A 318 -20.52 29.40 -34.31
C GLY A 318 -21.27 28.14 -33.87
N MSE A 319 -20.63 27.34 -33.02
CA MSE A 319 -21.19 26.09 -32.51
C MSE A 319 -20.71 25.76 -31.12
O MSE A 319 -19.57 26.05 -30.75
CB MSE A 319 -20.80 24.91 -33.41
CG MSE A 319 -21.38 23.57 -32.97
SE MSE A 319 -21.41 22.33 -34.51
CE MSE A 319 -22.98 23.05 -35.44
N VAL A 320 -21.59 25.14 -30.34
CA VAL A 320 -21.22 24.52 -29.08
C VAL A 320 -21.55 23.06 -29.14
N TYR A 321 -20.61 22.26 -28.66
CA TYR A 321 -20.73 20.81 -28.55
C TYR A 321 -20.90 20.45 -27.09
N TYR A 322 -21.92 19.64 -26.80
CA TYR A 322 -22.25 19.30 -25.44
C TYR A 322 -22.04 17.83 -25.23
N PHE A 323 -20.95 17.48 -24.57
CA PHE A 323 -20.67 16.10 -24.23
C PHE A 323 -21.23 15.87 -22.82
N LEU A 324 -22.52 15.56 -22.82
CA LEU A 324 -23.34 15.44 -21.64
C LEU A 324 -23.34 14.01 -21.17
N GLY A 325 -23.03 13.82 -19.89
CA GLY A 325 -22.95 12.49 -19.29
C GLY A 325 -24.29 11.81 -19.03
N ASP A 326 -24.22 10.49 -18.78
CA ASP A 326 -25.40 9.66 -18.46
C ASP A 326 -26.20 10.23 -17.31
N GLU A 327 -25.47 10.71 -16.31
CA GLU A 327 -26.02 11.20 -15.06
C GLU A 327 -26.66 12.60 -15.19
N VAL A 328 -26.34 13.35 -16.25
CA VAL A 328 -26.91 14.69 -16.45
C VAL A 328 -28.34 14.61 -17.02
N THR A 329 -29.28 15.33 -16.43
CA THR A 329 -30.70 15.17 -16.78
C THR A 329 -31.21 16.34 -17.59
N ILE A 330 -32.06 16.04 -18.56
CA ILE A 330 -32.48 16.96 -19.63
C ILE A 330 -33.72 17.76 -19.18
N ASN A 331 -33.44 18.81 -18.43
CA ASN A 331 -34.47 19.58 -17.78
C ASN A 331 -34.19 21.07 -17.93
N ASP A 332 -35.15 21.88 -17.47
CA ASP A 332 -35.07 23.34 -17.56
C ASP A 332 -33.75 23.91 -17.06
N ASN A 333 -33.17 23.23 -16.07
CA ASN A 333 -31.92 23.63 -15.46
C ASN A 333 -30.72 23.57 -16.41
N LEU A 334 -30.61 22.48 -17.16
CA LEU A 334 -29.54 22.32 -18.16
C LEU A 334 -29.67 23.41 -19.22
N PHE A 335 -30.90 23.59 -19.71
CA PHE A 335 -31.14 24.55 -20.80
C PHE A 335 -31.02 25.99 -20.37
N ALA A 336 -31.08 26.26 -19.06
CA ALA A 336 -30.69 27.56 -18.54
C ALA A 336 -29.20 27.78 -18.69
N PHE A 337 -28.42 26.70 -18.66
CA PHE A 337 -27.00 26.77 -18.99
C PHE A 337 -26.79 26.91 -20.50
N ILE A 338 -27.46 26.09 -21.29
CA ILE A 338 -27.32 26.17 -22.76
C ILE A 338 -27.72 27.57 -23.29
N ASP A 339 -28.78 28.13 -22.71
CA ASP A 339 -29.30 29.45 -23.07
C ASP A 339 -28.26 30.56 -23.03
N ILE A 340 -27.30 30.45 -22.11
CA ILE A 340 -26.13 31.36 -22.07
C ILE A 340 -25.55 31.60 -23.48
N PHE A 341 -25.42 30.53 -24.25
CA PHE A 341 -24.81 30.55 -25.57
C PHE A 341 -25.84 30.66 -26.72
N GLU A 342 -26.96 31.34 -26.49
CA GLU A 342 -28.05 31.45 -27.48
C GLU A 342 -27.64 32.29 -28.68
N LYS A 343 -26.94 33.38 -28.43
CA LYS A 343 -26.57 34.38 -29.47
C LYS A 343 -25.05 34.50 -29.67
N ASN A 344 -24.68 34.85 -30.90
CA ASN A 344 -23.36 35.41 -31.19
C ASN A 344 -23.58 36.82 -31.77
N ASN A 345 -22.50 37.51 -32.09
CA ASN A 345 -22.61 38.86 -32.65
C ASN A 345 -23.21 38.94 -34.07
N TYR A 346 -23.16 37.86 -34.85
CA TYR A 346 -23.55 37.88 -36.27
C TYR A 346 -24.73 36.93 -36.58
N GLY A 347 -25.58 36.70 -35.58
CA GLY A 347 -26.68 35.73 -35.65
C GLY A 347 -26.78 34.82 -34.44
N LYS A 348 -27.39 33.65 -34.63
CA LYS A 348 -27.53 32.60 -33.57
C LYS A 348 -26.44 31.53 -33.69
N VAL A 349 -26.40 30.63 -32.70
CA VAL A 349 -25.38 29.59 -32.61
C VAL A 349 -26.07 28.24 -32.60
N ASN A 350 -25.55 27.32 -33.41
CA ASN A 350 -26.02 25.94 -33.47
C ASN A 350 -25.45 25.10 -32.29
N HIS A 351 -26.28 24.24 -31.71
CA HIS A 351 -25.94 23.43 -30.55
C HIS A 351 -25.97 21.94 -30.87
N MSE A 352 -24.95 21.21 -30.46
CA MSE A 352 -24.84 19.79 -30.76
C MSE A 352 -24.77 18.99 -29.47
O MSE A 352 -23.79 19.10 -28.70
CB MSE A 352 -23.63 19.62 -31.64
CG MSE A 352 -23.59 18.20 -32.16
SE MSE A 352 -24.36 17.87 -33.93
CE MSE A 352 -24.06 19.57 -34.88
N ILE A 353 -25.78 18.15 -29.28
CA ILE A 353 -26.06 17.50 -28.02
C ILE A 353 -25.73 16.02 -28.14
N SER A 354 -24.72 15.58 -27.37
CA SER A 354 -24.37 14.17 -27.22
C SER A 354 -24.90 13.77 -25.87
N HIS A 355 -25.90 12.90 -25.87
CA HIS A 355 -26.44 12.39 -24.61
C HIS A 355 -27.13 11.07 -24.86
N ASN A 356 -27.08 10.20 -23.86
CA ASN A 356 -27.48 8.81 -24.02
C ASN A 356 -29.02 8.57 -24.00
N LYS A 357 -29.81 9.61 -23.71
CA LYS A 357 -31.27 9.61 -23.95
C LYS A 357 -31.66 10.52 -25.13
N ILE A 358 -30.69 10.81 -26.01
CA ILE A 358 -30.89 11.72 -27.14
C ILE A 358 -30.28 11.16 -28.40
N SER A 359 -29.00 10.84 -28.37
CA SER A 359 -28.33 10.19 -29.51
C SER A 359 -28.92 8.80 -29.66
N PRO A 360 -29.12 8.35 -30.91
CA PRO A 360 -29.72 7.07 -31.15
C PRO A 360 -28.72 5.97 -30.86
N ASN A 361 -29.24 4.77 -30.60
CA ASN A 361 -28.43 3.61 -30.23
C ASN A 361 -28.14 2.74 -31.45
N THR A 362 -27.64 3.37 -32.49
CA THR A 362 -27.29 2.66 -33.72
C THR A 362 -26.29 1.52 -33.50
N ILE A 363 -26.18 0.62 -34.48
CA ILE A 363 -25.19 -0.45 -34.41
C ILE A 363 -23.86 0.18 -34.72
N SER A 364 -22.89 -0.04 -33.84
CA SER A 364 -21.56 0.58 -33.96
C SER A 364 -20.65 -0.33 -34.76
N PHE A 365 -20.80 -1.63 -34.58
CA PHE A 365 -19.97 -2.62 -35.26
C PHE A 365 -20.87 -3.49 -36.11
N PHE A 366 -20.97 -3.09 -37.39
CA PHE A 366 -21.80 -3.76 -38.40
C PHE A 366 -21.16 -5.06 -38.89
N GLY A 367 -19.84 -5.06 -39.00
CA GLY A 367 -19.07 -6.29 -39.18
C GLY A 367 -19.51 -7.35 -38.18
N SER A 368 -19.35 -7.06 -36.89
CA SER A 368 -19.81 -7.98 -35.84
C SER A 368 -21.30 -8.39 -35.96
N ALA A 369 -22.16 -7.42 -36.19
CA ALA A 369 -23.62 -7.66 -36.16
C ALA A 369 -24.08 -8.54 -37.31
N LEU A 370 -23.38 -8.44 -38.44
CA LEU A 370 -23.70 -9.22 -39.62
C LEU A 370 -23.20 -10.63 -39.42
N THR A 371 -21.92 -10.71 -39.04
CA THR A 371 -21.27 -11.96 -38.67
C THR A 371 -22.13 -12.72 -37.67
N THR A 372 -22.61 -12.03 -36.64
CA THR A 372 -23.51 -12.62 -35.65
C THR A 372 -24.84 -13.07 -36.25
N LEU A 373 -25.42 -12.28 -37.15
CA LEU A 373 -26.71 -12.66 -37.76
C LEU A 373 -26.62 -13.91 -38.64
N LYS A 374 -25.55 -14.02 -39.42
CA LYS A 374 -25.29 -15.20 -40.27
C LYS A 374 -25.19 -16.48 -39.43
N LEU A 375 -24.36 -16.42 -38.40
CA LEU A 375 -24.26 -17.47 -37.37
C LEU A 375 -25.58 -17.85 -36.71
N LYS A 376 -26.44 -16.86 -36.45
CA LYS A 376 -27.76 -17.16 -35.88
C LYS A 376 -28.66 -17.92 -36.87
N ALA A 377 -28.43 -17.70 -38.17
CA ALA A 377 -29.13 -18.44 -39.20
C ALA A 377 -28.79 -19.93 -39.18
N LEU A 378 -27.55 -20.27 -38.91
CA LEU A 378 -27.16 -21.67 -38.79
C LEU A 378 -27.72 -22.24 -37.48
N GLN A 379 -27.10 -21.88 -36.36
CA GLN A 379 -27.54 -22.35 -35.04
C GLN A 379 -28.21 -21.20 -34.30
N VAL A 380 -29.54 -21.11 -34.44
CA VAL A 380 -30.35 -20.16 -33.64
C VAL A 380 -30.24 -20.60 -32.19
N ASN A 381 -30.72 -19.79 -31.26
CA ASN A 381 -30.66 -20.12 -29.82
C ASN A 381 -29.26 -20.03 -29.23
N ASN A 382 -28.23 -20.01 -30.06
CA ASN A 382 -26.85 -19.82 -29.60
C ASN A 382 -26.30 -18.39 -29.80
N TYR A 383 -27.16 -17.47 -30.28
CA TYR A 383 -26.80 -16.06 -30.46
C TYR A 383 -27.99 -15.16 -30.19
N ASN A 384 -27.75 -14.04 -29.55
CA ASN A 384 -28.73 -12.96 -29.46
C ASN A 384 -28.45 -12.01 -30.59
N LEU A 385 -29.49 -11.32 -31.05
CA LEU A 385 -29.31 -10.29 -32.06
C LEU A 385 -28.99 -9.00 -31.35
N PRO A 386 -28.00 -8.25 -31.87
CA PRO A 386 -27.65 -6.93 -31.37
C PRO A 386 -28.85 -6.04 -31.19
N LYS A 387 -29.05 -5.54 -29.98
CA LYS A 387 -30.17 -4.64 -29.69
C LYS A 387 -29.82 -3.26 -30.21
N THR A 388 -30.83 -2.47 -30.56
CA THR A 388 -30.63 -1.07 -31.00
C THR A 388 -31.59 -0.10 -30.31
N ASP A 389 -32.20 -0.53 -29.22
CA ASP A 389 -33.21 0.31 -28.60
C ASP A 389 -32.65 0.99 -27.37
N ARG A 390 -33.25 2.13 -27.06
CA ARG A 390 -33.04 2.81 -25.81
C ARG A 390 -34.20 3.74 -25.55
N VAL A 391 -34.35 4.09 -24.28
CA VAL A 391 -35.29 5.12 -23.86
C VAL A 391 -34.75 6.51 -24.27
N PHE A 392 -35.58 7.30 -24.95
CA PHE A 392 -35.25 8.68 -25.36
C PHE A 392 -35.97 9.70 -24.49
N SER A 393 -35.61 10.98 -24.63
CA SER A 393 -36.15 12.04 -23.76
C SER A 393 -37.27 12.81 -24.42
N LYS A 394 -38.52 12.46 -24.07
CA LYS A 394 -39.71 13.08 -24.66
C LYS A 394 -39.66 14.59 -24.56
N ASP A 395 -39.27 15.07 -23.39
CA ASP A 395 -39.12 16.50 -23.11
C ASP A 395 -38.36 17.23 -24.22
N PHE A 396 -37.26 16.62 -24.64
CA PHE A 396 -36.39 17.15 -25.66
C PHE A 396 -37.06 17.06 -27.02
N TYR A 397 -37.38 15.84 -27.42
CA TYR A 397 -37.94 15.57 -28.75
C TYR A 397 -39.28 16.31 -29.04
N ASP A 398 -40.09 16.52 -28.01
CA ASP A 398 -41.30 17.34 -28.12
C ASP A 398 -41.01 18.83 -28.20
N ARG A 399 -40.06 19.33 -27.40
CA ARG A 399 -39.70 20.78 -27.40
C ARG A 399 -39.10 21.28 -28.71
N PHE A 400 -38.49 20.37 -29.45
CA PHE A 400 -38.07 20.62 -30.84
C PHE A 400 -38.95 19.68 -31.69
N ASP A 401 -38.44 19.05 -32.74
CA ASP A 401 -39.36 18.24 -33.58
C ASP A 401 -38.79 16.89 -33.93
N THR A 402 -39.53 16.13 -34.74
CA THR A 402 -39.47 14.67 -34.79
C THR A 402 -39.84 14.10 -33.39
N PRO A 403 -41.07 14.35 -32.92
CA PRO A 403 -41.46 13.73 -31.64
C PRO A 403 -41.61 12.22 -31.84
N LEU A 404 -41.57 11.49 -30.73
CA LEU A 404 -41.40 10.03 -30.79
C LEU A 404 -42.61 9.28 -31.33
N SER A 405 -42.36 8.19 -32.06
CA SER A 405 -43.40 7.42 -32.78
C SER A 405 -44.20 6.42 -31.90
N ARG A 406 -44.31 6.69 -30.60
CA ARG A 406 -45.26 6.03 -29.65
C ARG A 406 -45.03 4.53 -29.32
N GLY A 407 -44.44 3.77 -30.25
CA GLY A 407 -43.86 2.46 -29.95
C GLY A 407 -42.58 2.56 -29.12
N THR A 408 -41.69 3.46 -29.54
CA THR A 408 -40.38 3.64 -28.89
C THR A 408 -40.53 4.20 -27.47
N SER A 409 -39.71 3.72 -26.54
CA SER A 409 -39.84 4.06 -25.12
C SER A 409 -39.40 5.50 -24.81
N MSE A 410 -40.23 6.23 -24.07
CA MSE A 410 -39.97 7.63 -23.69
C MSE A 410 -39.68 7.77 -22.22
O MSE A 410 -39.97 6.89 -21.40
CB MSE A 410 -41.19 8.51 -23.97
CG MSE A 410 -41.36 8.98 -25.41
SE MSE A 410 -43.07 8.39 -26.23
CE MSE A 410 -44.43 8.53 -24.81
N CYS A 411 -39.10 8.90 -21.88
CA CYS A 411 -38.78 9.30 -20.52
C CYS A 411 -39.27 10.74 -20.37
N LYS A 412 -39.70 11.11 -19.16
CA LYS A 412 -40.14 12.49 -18.90
C LYS A 412 -39.55 13.04 -17.60
N SER A 413 -38.43 13.75 -17.73
CA SER A 413 -37.68 14.27 -16.59
C SER A 413 -38.34 15.43 -15.81
N GLN A 414 -39.48 15.92 -16.28
CA GLN A 414 -40.20 16.98 -15.57
C GLN A 414 -41.61 17.19 -16.11
N GLU A 415 -42.43 17.85 -15.31
CA GLU A 415 -43.86 17.98 -15.55
C GLU A 415 -44.12 18.91 -16.72
N GLU A 416 -43.57 20.10 -16.63
CA GLU A 416 -43.73 21.16 -17.63
C GLU A 416 -42.89 20.88 -18.90
N PRO A 417 -43.34 21.34 -20.08
CA PRO A 417 -42.44 21.34 -21.24
C PRO A 417 -41.19 22.20 -21.04
N LEU A 418 -40.23 22.07 -21.95
CA LEU A 418 -38.92 22.71 -21.77
C LEU A 418 -38.96 24.23 -21.94
N ASN A 419 -38.50 24.91 -20.89
CA ASN A 419 -38.40 26.35 -20.85
C ASN A 419 -37.02 26.71 -21.39
N THR A 420 -36.99 27.22 -22.63
CA THR A 420 -35.73 27.59 -23.30
C THR A 420 -35.99 28.52 -24.48
N ILE A 421 -35.04 29.42 -24.70
CA ILE A 421 -35.10 30.38 -25.83
C ILE A 421 -34.48 29.83 -27.13
N ILE A 422 -34.04 28.58 -27.14
CA ILE A 422 -33.37 28.04 -28.32
C ILE A 422 -34.44 27.68 -29.36
N GLU A 423 -34.14 27.95 -30.64
CA GLU A 423 -35.01 27.60 -31.77
C GLU A 423 -34.68 26.18 -32.26
N LYS A 424 -35.66 25.52 -32.88
CA LYS A 424 -35.49 24.13 -33.33
C LYS A 424 -34.41 23.91 -34.41
N ASP A 425 -34.20 24.88 -35.28
CA ASP A 425 -33.21 24.75 -36.37
C ASP A 425 -31.78 25.06 -35.93
N ASN A 426 -31.63 25.41 -34.66
CA ASN A 426 -30.33 25.73 -34.06
C ASN A 426 -29.91 24.73 -32.97
N ILE A 427 -30.51 23.55 -32.96
CA ILE A 427 -30.13 22.49 -32.02
C ILE A 427 -30.24 21.13 -32.74
N HIS A 428 -29.24 20.27 -32.52
CA HIS A 428 -29.02 19.05 -33.30
C HIS A 428 -28.54 17.89 -32.42
N ILE A 429 -28.95 16.69 -32.77
CA ILE A 429 -28.51 15.46 -32.09
C ILE A 429 -27.14 15.04 -32.63
N PHE A 430 -26.20 14.78 -31.72
CA PHE A 430 -24.84 14.34 -32.05
C PHE A 430 -24.91 12.86 -32.39
N SER A 431 -24.44 12.55 -33.58
CA SER A 431 -24.67 11.26 -34.20
C SER A 431 -23.48 10.98 -35.12
N GLN A 432 -23.44 9.81 -35.75
CA GLN A 432 -22.22 9.35 -36.37
C GLN A 432 -22.00 9.98 -37.74
N ASN A 433 -23.00 9.90 -38.61
CA ASN A 433 -22.87 10.50 -39.96
C ASN A 433 -23.24 12.00 -40.00
N LYS A 434 -23.56 12.60 -38.85
CA LYS A 434 -23.89 14.03 -38.77
C LYS A 434 -22.62 14.87 -38.58
N THR A 435 -21.96 15.13 -39.70
CA THR A 435 -20.76 15.96 -39.75
C THR A 435 -21.11 17.43 -39.97
N VAL A 436 -20.20 18.30 -39.50
CA VAL A 436 -20.32 19.77 -39.61
C VAL A 436 -19.06 20.31 -40.29
N THR A 437 -19.23 21.24 -41.23
CA THR A 437 -18.11 21.84 -41.96
C THR A 437 -18.09 23.38 -41.90
N PHE A 438 -16.93 23.93 -41.58
CA PHE A 438 -16.76 25.37 -41.41
C PHE A 438 -15.91 25.93 -42.53
N GLU A 439 -16.48 26.88 -43.28
CA GLU A 439 -15.78 27.61 -44.33
C GLU A 439 -15.56 29.02 -43.79
N PRO A 440 -14.56 29.76 -44.33
CA PRO A 440 -14.33 31.10 -43.82
C PRO A 440 -15.21 32.15 -44.52
N PHE A 441 -15.28 33.33 -43.92
CA PHE A 441 -16.24 34.37 -44.30
C PHE A 441 -15.73 35.76 -43.97
N ARG A 442 -16.38 36.75 -44.58
CA ARG A 442 -15.98 38.15 -44.48
C ARG A 442 -16.70 38.73 -43.25
N MSE A 443 -15.95 38.92 -42.16
CA MSE A 443 -16.54 39.08 -40.81
C MSE A 443 -17.93 39.66 -40.82
O MSE A 443 -18.90 38.89 -40.68
CB MSE A 443 -15.60 39.81 -39.82
CG MSE A 443 -16.06 39.65 -38.36
SE MSE A 443 -15.78 37.89 -37.46
CE MSE A 443 -13.90 38.31 -36.99
N ASN A 444 -18.07 40.98 -41.02
CA ASN A 444 -19.40 41.63 -40.89
C ASN A 444 -20.18 41.86 -42.20
N GLU A 445 -19.67 41.42 -43.33
CA GLU A 445 -20.44 41.54 -44.58
C GLU A 445 -21.53 40.48 -44.60
N GLU A 446 -21.14 39.21 -44.46
CA GLU A 446 -22.02 38.03 -44.61
C GLU A 446 -22.20 37.25 -43.28
N PRO A 447 -23.19 36.32 -43.24
CA PRO A 447 -23.32 35.48 -42.06
C PRO A 447 -22.26 34.37 -42.00
N MSE A 448 -21.94 33.95 -40.78
CA MSE A 448 -20.88 32.97 -40.49
C MSE A 448 -21.20 31.68 -41.14
O MSE A 448 -22.32 31.18 -41.02
CB MSE A 448 -20.73 32.64 -39.01
CG MSE A 448 -20.41 33.88 -38.17
SE MSE A 448 -19.40 33.35 -36.57
CE MSE A 448 -20.16 34.73 -35.44
N LYS A 449 -20.22 31.12 -41.84
CA LYS A 449 -20.44 29.92 -42.63
C LYS A 449 -20.20 28.67 -41.76
N CYS A 450 -21.28 27.90 -41.59
CA CYS A 450 -21.29 26.63 -40.85
C CYS A 450 -22.41 25.75 -41.42
N ASN A 451 -22.07 24.53 -41.87
CA ASN A 451 -23.04 23.66 -42.55
C ASN A 451 -23.08 22.30 -41.93
N ILE A 452 -24.25 21.95 -41.39
CA ILE A 452 -24.50 20.68 -40.72
C ILE A 452 -25.08 19.71 -41.73
N ASN A 453 -24.21 18.81 -42.20
CA ASN A 453 -24.54 17.81 -43.24
C ASN A 453 -24.95 16.49 -42.62
N GLY A 454 -25.40 15.57 -43.46
CA GLY A 454 -25.67 14.20 -43.05
C GLY A 454 -26.95 13.95 -42.25
N GLU A 455 -27.37 12.69 -42.27
CA GLU A 455 -28.54 12.20 -41.55
C GLU A 455 -28.14 10.96 -40.75
N VAL A 456 -28.96 10.59 -39.77
CA VAL A 456 -28.72 9.42 -38.91
C VAL A 456 -28.66 8.16 -39.77
N ALA A 457 -27.71 7.27 -39.46
CA ALA A 457 -27.54 6.01 -40.18
C ALA A 457 -28.72 5.07 -39.88
N ASP A 458 -29.66 5.00 -40.82
CA ASP A 458 -30.81 4.07 -40.71
C ASP A 458 -30.39 2.61 -40.94
N PHE A 459 -31.26 1.71 -40.52
CA PHE A 459 -30.90 0.31 -40.38
C PHE A 459 -32.17 -0.52 -40.26
N SER A 460 -32.13 -1.70 -40.88
CA SER A 460 -33.28 -2.58 -40.96
C SER A 460 -32.79 -4.04 -40.92
N TRP A 461 -33.29 -4.79 -39.94
CA TRP A 461 -32.90 -6.19 -39.78
C TRP A 461 -33.35 -7.03 -40.97
N GLN A 462 -34.59 -6.82 -41.39
CA GLN A 462 -35.19 -7.60 -42.48
C GLN A 462 -34.47 -7.35 -43.80
N GLU A 463 -34.21 -6.08 -44.10
CA GLU A 463 -33.55 -5.71 -45.36
C GLU A 463 -32.12 -6.24 -45.48
N ILE A 464 -31.35 -6.27 -44.38
CA ILE A 464 -29.98 -6.84 -44.43
C ILE A 464 -30.02 -8.36 -44.45
N PHE A 465 -31.09 -8.96 -43.91
CA PHE A 465 -31.31 -10.42 -43.98
C PHE A 465 -31.46 -10.90 -45.41
N GLU A 466 -32.44 -10.33 -46.11
CA GLU A 466 -32.74 -10.72 -47.49
C GLU A 466 -31.58 -10.46 -48.46
N GLU A 467 -30.77 -9.44 -48.19
CA GLU A 467 -29.62 -9.15 -49.05
C GLU A 467 -28.42 -10.05 -48.75
N HIS A 468 -28.10 -10.22 -47.46
CA HIS A 468 -26.83 -10.84 -47.05
C HIS A 468 -26.86 -12.32 -46.60
N VAL A 469 -27.99 -12.80 -46.07
CA VAL A 469 -28.11 -14.20 -45.60
C VAL A 469 -29.11 -15.11 -46.35
N LYS A 470 -30.25 -14.56 -46.79
CA LYS A 470 -31.23 -15.30 -47.60
C LYS A 470 -30.61 -15.96 -48.85
N PRO A 471 -29.79 -15.22 -49.64
CA PRO A 471 -29.10 -15.82 -50.79
C PRO A 471 -28.14 -16.96 -50.49
N LEU A 472 -27.63 -17.06 -49.27
CA LEU A 472 -26.84 -18.24 -48.86
C LEU A 472 -27.69 -19.51 -48.83
N GLU A 473 -29.00 -19.33 -48.61
CA GLU A 473 -30.02 -20.39 -48.61
C GLU A 473 -29.62 -21.50 -47.65
N PHE A 474 -29.67 -21.19 -46.36
CA PHE A 474 -29.38 -22.19 -45.33
C PHE A 474 -30.67 -22.96 -45.02
N PRO A 475 -30.54 -24.14 -44.39
CA PRO A 475 -31.71 -24.92 -44.01
C PRO A 475 -32.60 -24.17 -43.02
N LEU A 476 -33.84 -23.90 -43.43
CA LEU A 476 -34.87 -23.27 -42.55
C LEU A 476 -34.55 -21.83 -42.08
N ALA A 477 -33.55 -21.21 -42.70
CA ALA A 477 -33.15 -19.85 -42.38
C ALA A 477 -34.04 -18.86 -43.13
N ASP A 478 -35.07 -18.34 -42.46
CA ASP A 478 -35.91 -17.29 -43.03
C ASP A 478 -36.20 -16.13 -42.07
N VAL A 479 -36.51 -14.98 -42.68
CA VAL A 479 -36.72 -13.67 -42.03
C VAL A 479 -37.62 -13.74 -40.76
N ASP A 480 -38.50 -14.74 -40.66
CA ASP A 480 -39.27 -14.96 -39.43
C ASP A 480 -38.49 -15.73 -38.36
N THR A 481 -38.12 -16.97 -38.67
CA THR A 481 -37.56 -17.87 -37.66
C THR A 481 -36.22 -17.40 -37.09
N VAL A 482 -35.41 -16.72 -37.91
CA VAL A 482 -34.12 -16.15 -37.48
C VAL A 482 -34.31 -14.80 -36.79
N ILE A 483 -35.03 -13.89 -37.42
CA ILE A 483 -35.20 -12.53 -36.90
C ILE A 483 -36.50 -12.35 -36.12
N ASN A 484 -37.63 -12.15 -36.81
CA ASN A 484 -38.88 -11.63 -36.20
C ASN A 484 -39.27 -12.31 -34.90
N ASN A 485 -39.53 -13.61 -34.95
CA ASN A 485 -39.96 -14.34 -33.75
C ASN A 485 -38.83 -14.60 -32.70
N GLN A 486 -37.57 -14.38 -33.10
CA GLN A 486 -36.42 -14.35 -32.17
C GLN A 486 -36.12 -12.97 -31.56
N LEU A 487 -36.64 -11.90 -32.15
CA LEU A 487 -36.22 -10.53 -31.82
C LEU A 487 -36.43 -10.20 -30.35
N HIS A 488 -37.52 -10.67 -29.78
CA HIS A 488 -37.72 -10.52 -28.34
C HIS A 488 -37.55 -11.85 -27.60
N VAL A 489 -36.34 -12.41 -27.70
CA VAL A 489 -35.96 -13.58 -26.89
C VAL A 489 -34.45 -13.70 -26.55
N ASP A 490 -34.21 -13.73 -25.25
CA ASP A 490 -32.91 -13.93 -24.67
C ASP A 490 -32.66 -15.43 -24.66
N ASN A 491 -31.53 -15.84 -25.22
CA ASN A 491 -31.17 -17.25 -25.27
C ASN A 491 -30.09 -17.59 -24.23
N PHE A 492 -30.14 -16.98 -23.05
CA PHE A 492 -29.15 -17.29 -22.02
C PHE A 492 -29.69 -18.34 -21.02
N ASN A 493 -30.40 -17.92 -19.98
CA ASN A 493 -31.09 -18.86 -19.07
C ASN A 493 -32.56 -18.63 -19.34
N ASN A 494 -33.17 -19.51 -20.13
CA ASN A 494 -34.62 -19.47 -20.42
C ASN A 494 -35.29 -20.85 -20.29
N SER A 495 -34.71 -21.85 -20.95
CA SER A 495 -35.23 -23.20 -20.96
C SER A 495 -35.07 -23.95 -19.62
N ALA A 496 -35.63 -25.15 -19.58
CA ALA A 496 -35.57 -26.03 -18.42
C ALA A 496 -34.17 -26.52 -18.11
N GLU A 497 -33.51 -27.18 -19.07
CA GLU A 497 -32.15 -27.75 -18.82
C GLU A 497 -31.16 -26.63 -18.52
N LYS A 498 -31.23 -25.57 -19.32
CA LYS A 498 -30.28 -24.47 -19.21
C LYS A 498 -30.07 -24.01 -17.75
N LYS A 499 -31.13 -24.05 -16.95
CA LYS A 499 -31.03 -23.70 -15.54
C LYS A 499 -29.92 -24.49 -14.83
N LYS A 500 -30.09 -25.80 -14.77
CA LYS A 500 -29.28 -26.67 -13.92
C LYS A 500 -28.04 -27.29 -14.58
N HIS A 501 -27.60 -26.82 -15.75
CA HIS A 501 -26.21 -27.14 -16.15
C HIS A 501 -25.52 -26.07 -17.00
N VAL A 502 -24.20 -26.19 -17.04
CA VAL A 502 -23.24 -25.15 -17.37
C VAL A 502 -23.44 -24.53 -18.75
N GLU A 503 -23.32 -23.19 -18.80
CA GLU A 503 -23.25 -22.45 -20.06
C GLU A 503 -21.97 -21.63 -20.14
N ILE A 504 -21.57 -21.35 -21.37
CA ILE A 504 -20.46 -20.44 -21.67
C ILE A 504 -20.92 -19.42 -22.72
N ILE A 505 -20.77 -18.14 -22.40
CA ILE A 505 -20.89 -17.09 -23.38
C ILE A 505 -19.45 -16.70 -23.72
N THR A 506 -19.09 -16.72 -25.00
CA THR A 506 -17.77 -16.25 -25.47
C THR A 506 -17.89 -14.81 -26.03
N LEU A 507 -17.73 -13.83 -25.14
CA LEU A 507 -17.99 -12.39 -25.43
C LEU A 507 -16.90 -11.73 -26.30
N GLY A 508 -15.76 -12.40 -26.41
CA GLY A 508 -14.69 -11.99 -27.33
C GLY A 508 -13.80 -13.16 -27.66
N THR A 509 -13.42 -13.26 -28.94
CA THR A 509 -12.77 -14.47 -29.47
C THR A 509 -11.51 -14.19 -30.33
N GLY A 510 -10.74 -13.16 -29.96
CA GLY A 510 -9.66 -12.67 -30.81
C GLY A 510 -8.32 -12.40 -30.15
N SER A 511 -7.31 -12.30 -30.99
CA SER A 511 -5.93 -12.10 -30.54
C SER A 511 -5.52 -10.64 -30.62
N ALA A 512 -4.87 -10.16 -29.56
CA ALA A 512 -4.12 -8.90 -29.58
C ALA A 512 -4.93 -7.64 -29.94
N LEU A 513 -5.19 -7.45 -31.23
CA LEU A 513 -5.88 -6.27 -31.77
C LEU A 513 -7.37 -6.59 -31.82
N PRO A 514 -8.25 -5.64 -31.42
CA PRO A 514 -9.66 -5.78 -31.79
C PRO A 514 -9.81 -5.68 -33.30
N SER A 515 -10.42 -6.70 -33.93
CA SER A 515 -10.64 -6.69 -35.37
C SER A 515 -12.08 -6.25 -35.65
N LYS A 516 -12.37 -6.04 -36.93
CA LYS A 516 -13.73 -5.78 -37.42
C LYS A 516 -14.72 -6.86 -37.02
N TYR A 517 -14.25 -8.13 -37.04
CA TYR A 517 -15.09 -9.32 -36.88
C TYR A 517 -14.95 -10.10 -35.58
N ARG A 518 -13.80 -9.99 -34.90
CA ARG A 518 -13.60 -10.56 -33.53
C ARG A 518 -12.96 -9.56 -32.52
N ASN A 519 -13.70 -9.22 -31.47
CA ASN A 519 -13.17 -8.37 -30.38
C ASN A 519 -12.13 -9.16 -29.55
N VAL A 520 -11.34 -8.44 -28.78
CA VAL A 520 -10.49 -9.05 -27.76
C VAL A 520 -11.22 -9.95 -26.73
N VAL A 521 -10.45 -10.90 -26.21
CA VAL A 521 -10.96 -12.08 -25.48
C VAL A 521 -11.81 -11.75 -24.26
N SER A 522 -12.83 -12.56 -24.08
CA SER A 522 -13.53 -12.65 -22.82
C SER A 522 -14.38 -13.91 -22.83
N THR A 523 -14.35 -14.64 -21.71
CA THR A 523 -15.05 -15.93 -21.60
C THR A 523 -15.83 -15.96 -20.29
N LEU A 524 -17.16 -16.04 -20.36
CA LEU A 524 -18.00 -15.98 -19.16
C LEU A 524 -18.69 -17.32 -18.97
N VAL A 525 -18.38 -18.01 -17.87
CA VAL A 525 -18.96 -19.34 -17.59
C VAL A 525 -20.01 -19.30 -16.46
N LYS A 526 -21.25 -19.62 -16.79
CA LYS A 526 -22.29 -19.82 -15.79
C LYS A 526 -22.20 -21.24 -15.24
N VAL A 527 -21.85 -21.38 -13.96
CA VAL A 527 -21.77 -22.68 -13.27
C VAL A 527 -22.81 -22.73 -12.18
N PRO A 528 -23.93 -23.45 -12.39
CA PRO A 528 -25.02 -23.39 -11.40
C PRO A 528 -24.73 -24.24 -10.16
N PHE A 529 -25.33 -23.84 -9.04
CA PHE A 529 -25.26 -24.57 -7.76
C PHE A 529 -26.65 -24.77 -7.22
N THR A 530 -27.01 -26.04 -7.05
CA THR A 530 -28.34 -26.44 -6.57
C THR A 530 -28.31 -26.60 -5.05
N ASP A 531 -29.38 -26.14 -4.43
CA ASP A 531 -29.51 -26.04 -2.97
C ASP A 531 -30.03 -27.36 -2.40
N ALA A 532 -29.98 -27.49 -1.07
CA ALA A 532 -30.67 -28.56 -0.33
C ALA A 532 -32.14 -28.61 -0.72
N ASP A 533 -32.82 -27.47 -0.60
CA ASP A 533 -34.24 -27.36 -0.96
C ASP A 533 -34.52 -27.62 -2.44
N GLY A 534 -33.50 -27.45 -3.30
CA GLY A 534 -33.57 -27.85 -4.71
C GLY A 534 -33.62 -26.70 -5.72
N ASN A 535 -33.80 -25.47 -5.23
CA ASN A 535 -33.72 -24.28 -6.11
C ASN A 535 -32.25 -24.02 -6.44
N THR A 536 -32.03 -23.51 -7.66
CA THR A 536 -30.69 -23.43 -8.27
C THR A 536 -30.31 -21.99 -8.61
N ILE A 537 -29.16 -21.55 -8.09
CA ILE A 537 -28.60 -20.22 -8.38
C ILE A 537 -27.32 -20.33 -9.18
N ASN A 538 -27.04 -19.33 -10.01
CA ASN A 538 -25.83 -19.32 -10.84
C ASN A 538 -24.58 -18.77 -10.12
N ARG A 539 -23.41 -19.25 -10.56
CA ARG A 539 -22.12 -18.67 -10.17
C ARG A 539 -21.37 -18.27 -11.44
N ASN A 540 -21.61 -17.05 -11.91
CA ASN A 540 -20.99 -16.60 -13.15
C ASN A 540 -19.50 -16.32 -12.91
N ILE A 541 -18.67 -16.63 -13.91
CA ILE A 541 -17.21 -16.66 -13.74
C ILE A 541 -16.56 -16.03 -14.97
N MSE A 542 -15.80 -14.97 -14.77
CA MSE A 542 -15.20 -14.21 -15.86
C MSE A 542 -13.79 -14.69 -16.03
O MSE A 542 -13.02 -14.70 -15.08
CB MSE A 542 -15.31 -12.74 -15.46
CG MSE A 542 -14.75 -11.72 -16.44
SE MSE A 542 -16.06 -11.33 -17.83
CE MSE A 542 -17.56 -10.46 -16.90
N LEU A 543 -13.43 -15.06 -17.25
CA LEU A 543 -12.09 -15.56 -17.55
C LEU A 543 -11.45 -14.66 -18.60
N ASP A 544 -10.71 -13.68 -18.11
CA ASP A 544 -10.26 -12.51 -18.87
C ASP A 544 -11.45 -11.63 -19.33
N ALA A 545 -11.10 -10.42 -19.73
CA ALA A 545 -12.06 -9.42 -20.20
C ALA A 545 -11.29 -8.23 -20.76
N GLY A 546 -11.02 -8.28 -22.06
CA GLY A 546 -10.32 -7.19 -22.76
C GLY A 546 -11.18 -5.96 -23.02
N GLU A 547 -10.59 -4.98 -23.71
CA GLU A 547 -11.29 -3.74 -24.08
C GLU A 547 -12.73 -4.04 -24.53
N ASN A 548 -13.67 -3.37 -23.86
CA ASN A 548 -15.06 -3.26 -24.35
C ASN A 548 -15.87 -4.54 -24.15
N THR A 549 -15.47 -5.35 -23.20
CA THR A 549 -16.20 -6.54 -22.84
C THR A 549 -17.61 -6.14 -22.34
N LEU A 550 -17.68 -5.17 -21.42
CA LEU A 550 -18.99 -4.71 -20.88
C LEU A 550 -19.90 -4.12 -21.98
N GLY A 551 -19.28 -3.62 -23.03
CA GLY A 551 -19.99 -3.20 -24.23
C GLY A 551 -20.64 -4.36 -24.92
N THR A 552 -19.86 -5.41 -25.23
CA THR A 552 -20.42 -6.48 -26.03
C THR A 552 -21.54 -7.14 -25.22
N ILE A 553 -21.38 -7.16 -23.89
CA ILE A 553 -22.45 -7.58 -22.96
C ILE A 553 -23.70 -6.71 -23.07
N HIS A 554 -23.56 -5.41 -22.84
CA HIS A 554 -24.72 -4.49 -22.89
C HIS A 554 -25.49 -4.53 -24.21
N ARG A 555 -24.80 -4.86 -25.29
CA ARG A 555 -25.37 -4.94 -26.64
C ARG A 555 -26.25 -6.16 -26.92
N MSE A 556 -25.82 -7.33 -26.46
CA MSE A 556 -26.59 -8.57 -26.63
C MSE A 556 -27.80 -8.55 -25.71
O MSE A 556 -28.92 -8.66 -26.18
CB MSE A 556 -25.70 -9.82 -26.56
CG MSE A 556 -25.22 -10.22 -25.17
SE MSE A 556 -23.62 -11.36 -25.26
CE MSE A 556 -24.51 -13.05 -25.76
N PHE A 557 -27.60 -8.33 -24.42
CA PHE A 557 -28.69 -8.39 -23.42
C PHE A 557 -29.47 -7.08 -23.20
N SER A 558 -30.70 -7.21 -22.73
CA SER A 558 -31.48 -6.09 -22.28
C SER A 558 -30.99 -5.68 -20.90
N GLN A 559 -31.30 -4.47 -20.47
CA GLN A 559 -30.89 -4.01 -19.14
C GLN A 559 -31.47 -4.90 -18.01
N LEU A 560 -32.72 -5.34 -18.16
CA LEU A 560 -33.32 -6.20 -17.12
C LEU A 560 -32.44 -7.46 -16.91
N ALA A 561 -31.86 -7.95 -18.00
CA ALA A 561 -31.03 -9.15 -17.99
C ALA A 561 -29.62 -8.98 -17.44
N VAL A 562 -29.03 -7.79 -17.61
CA VAL A 562 -27.64 -7.55 -17.15
C VAL A 562 -27.54 -7.56 -15.61
N LYS A 563 -28.53 -6.99 -14.93
CA LYS A 563 -28.57 -7.00 -13.46
C LYS A 563 -28.41 -8.39 -12.87
N SER A 564 -29.24 -9.34 -13.32
CA SER A 564 -29.14 -10.73 -12.85
C SER A 564 -27.74 -11.34 -13.07
N ILE A 565 -27.11 -11.01 -14.20
CA ILE A 565 -25.77 -11.55 -14.55
C ILE A 565 -24.66 -11.06 -13.62
N PHE A 566 -24.63 -9.76 -13.39
CA PHE A 566 -23.69 -9.16 -12.44
C PHE A 566 -23.97 -9.48 -10.96
N GLN A 567 -25.25 -9.61 -10.58
CA GLN A 567 -25.61 -10.09 -9.23
C GLN A 567 -25.13 -11.52 -8.94
N ASP A 568 -24.95 -12.32 -9.98
CA ASP A 568 -24.44 -13.68 -9.88
C ASP A 568 -22.96 -13.80 -10.29
N LEU A 569 -22.29 -12.69 -10.59
CA LEU A 569 -20.85 -12.69 -10.95
C LEU A 569 -20.06 -12.81 -9.69
N LYS A 570 -19.37 -13.93 -9.49
CA LYS A 570 -18.69 -14.21 -8.22
C LYS A 570 -17.17 -14.12 -8.24
N MSE A 571 -16.57 -14.16 -9.44
CA MSE A 571 -15.13 -14.22 -9.61
C MSE A 571 -14.67 -13.72 -10.95
O MSE A 571 -15.37 -13.92 -11.96
CB MSE A 571 -14.67 -15.67 -9.50
CG MSE A 571 -13.22 -15.76 -9.07
SE MSE A 571 -12.48 -17.49 -9.62
CE MSE A 571 -12.25 -17.04 -11.51
N ILE A 572 -13.51 -13.05 -10.98
CA ILE A 572 -12.86 -12.57 -12.20
C ILE A 572 -11.43 -13.10 -12.18
N TYR A 573 -11.06 -13.91 -13.17
CA TYR A 573 -9.68 -14.44 -13.28
C TYR A 573 -9.00 -13.80 -14.48
N LEU A 574 -7.74 -13.44 -14.29
CA LEU A 574 -6.92 -12.97 -15.39
C LEU A 574 -5.78 -13.97 -15.57
N SER A 575 -5.50 -14.34 -16.81
CA SER A 575 -4.43 -15.25 -17.13
C SER A 575 -3.05 -14.59 -17.05
N HIS A 576 -2.90 -13.44 -17.69
CA HIS A 576 -1.61 -12.72 -17.67
C HIS A 576 -1.77 -11.23 -17.98
N LEU A 577 -0.64 -10.51 -17.97
CA LEU A 577 -0.68 -9.05 -18.03
C LEU A 577 -0.79 -8.41 -19.42
N HIS A 578 -0.97 -9.21 -20.48
CA HIS A 578 -1.14 -8.62 -21.79
C HIS A 578 -2.47 -7.88 -21.84
N ALA A 579 -2.41 -6.70 -22.44
CA ALA A 579 -3.56 -5.76 -22.47
C ALA A 579 -4.83 -6.31 -23.18
N ASP A 580 -4.65 -7.26 -24.12
CA ASP A 580 -5.81 -7.89 -24.78
C ASP A 580 -6.62 -8.78 -23.86
N HIS A 581 -6.13 -9.04 -22.64
CA HIS A 581 -6.86 -9.87 -21.68
C HIS A 581 -7.49 -9.16 -20.49
N HIS A 582 -7.05 -7.93 -20.16
CA HIS A 582 -7.59 -7.23 -18.94
C HIS A 582 -8.25 -5.81 -19.04
N LEU A 583 -8.10 -5.12 -20.17
CA LEU A 583 -8.53 -3.68 -20.29
C LEU A 583 -10.02 -3.37 -20.06
N GLY A 584 -10.88 -4.39 -19.94
CA GLY A 584 -12.29 -4.20 -19.58
C GLY A 584 -12.64 -4.57 -18.14
N ILE A 585 -11.65 -5.06 -17.38
CA ILE A 585 -11.89 -5.55 -16.02
C ILE A 585 -12.42 -4.44 -15.10
N ILE A 586 -11.96 -3.21 -15.32
CA ILE A 586 -12.33 -2.09 -14.46
C ILE A 586 -13.78 -1.76 -14.71
N SER A 587 -14.15 -1.62 -15.98
CA SER A 587 -15.55 -1.46 -16.37
C SER A 587 -16.45 -2.55 -15.77
N VAL A 588 -15.96 -3.79 -15.82
CA VAL A 588 -16.69 -4.93 -15.29
C VAL A 588 -16.90 -4.79 -13.77
N LEU A 589 -15.85 -4.38 -13.07
CA LEU A 589 -15.93 -4.18 -11.63
C LEU A 589 -16.87 -3.03 -11.31
N ASN A 590 -16.78 -1.94 -12.08
CA ASN A 590 -17.71 -0.82 -11.91
C ASN A 590 -19.15 -1.26 -12.06
N GLU A 591 -19.44 -2.05 -13.09
CA GLU A 591 -20.79 -2.60 -13.25
C GLU A 591 -21.14 -3.57 -12.13
N TRP A 592 -20.21 -4.41 -11.73
CA TRP A 592 -20.48 -5.33 -10.62
C TRP A 592 -20.90 -4.56 -9.38
N TYR A 593 -20.21 -3.47 -9.12
CA TYR A 593 -20.51 -2.64 -7.97
C TYR A 593 -21.92 -2.03 -8.12
N LYS A 594 -22.23 -1.42 -9.25
CA LYS A 594 -23.57 -0.91 -9.48
C LYS A 594 -24.70 -1.84 -8.96
N TYR A 595 -24.53 -3.16 -9.13
CA TYR A 595 -25.55 -4.14 -8.80
C TYR A 595 -25.40 -4.81 -7.43
N ASN A 596 -24.17 -5.05 -7.00
CA ASN A 596 -23.90 -5.65 -5.68
C ASN A 596 -23.59 -4.64 -4.58
N LYS A 597 -23.47 -3.38 -4.95
CA LYS A 597 -23.34 -2.24 -4.02
C LYS A 597 -24.12 -2.41 -2.72
N ASP A 598 -25.40 -2.73 -2.85
CA ASP A 598 -26.38 -2.52 -1.81
C ASP A 598 -26.47 -3.67 -0.81
N ASP A 599 -26.03 -4.84 -1.21
CA ASP A 599 -25.85 -5.97 -0.31
C ASP A 599 -24.49 -5.79 0.40
N GLU A 600 -24.52 -5.39 1.66
CA GLU A 600 -23.29 -5.27 2.51
C GLU A 600 -22.40 -6.54 2.59
N THR A 601 -23.00 -7.71 2.42
CA THR A 601 -22.27 -8.98 2.42
C THR A 601 -21.85 -9.51 1.02
N SER A 602 -22.00 -8.70 -0.04
CA SER A 602 -21.65 -9.14 -1.39
C SER A 602 -20.22 -8.79 -1.70
N TYR A 603 -19.45 -9.77 -2.11
CA TYR A 603 -18.01 -9.63 -2.40
C TYR A 603 -17.66 -10.29 -3.73
N ILE A 604 -16.56 -9.83 -4.32
CA ILE A 604 -16.07 -10.45 -5.55
C ILE A 604 -14.61 -10.86 -5.40
N TYR A 605 -14.32 -12.10 -5.79
CA TYR A 605 -12.95 -12.61 -5.75
C TYR A 605 -12.25 -12.29 -7.06
N VAL A 606 -11.02 -11.77 -6.97
CA VAL A 606 -10.29 -11.38 -8.15
C VAL A 606 -8.93 -12.09 -8.14
N VAL A 607 -8.80 -13.16 -8.94
CA VAL A 607 -7.58 -13.96 -8.98
C VAL A 607 -6.73 -13.63 -10.21
N THR A 608 -5.65 -12.88 -10.03
CA THR A 608 -4.92 -12.27 -11.13
C THR A 608 -3.44 -12.35 -10.83
N PRO A 609 -2.58 -12.07 -11.82
CA PRO A 609 -1.16 -11.84 -11.49
C PRO A 609 -1.04 -10.65 -10.56
N TRP A 610 -0.05 -10.72 -9.66
CA TRP A 610 0.13 -9.73 -8.60
C TRP A 610 0.31 -8.30 -9.11
N GLN A 611 0.92 -8.14 -10.28
CA GLN A 611 1.09 -6.81 -10.86
C GLN A 611 -0.24 -6.13 -11.23
N TYR A 612 -1.21 -6.92 -11.67
CA TYR A 612 -2.56 -6.39 -11.91
C TYR A 612 -3.32 -5.98 -10.65
N HIS A 613 -2.98 -6.55 -9.51
CA HIS A 613 -3.53 -6.08 -8.25
C HIS A 613 -2.96 -4.71 -7.84
N LYS A 614 -1.73 -4.41 -8.30
CA LYS A 614 -1.15 -3.07 -8.09
C LYS A 614 -2.00 -2.08 -8.85
N PHE A 615 -2.22 -2.38 -10.13
CA PHE A 615 -3.08 -1.58 -11.01
C PHE A 615 -4.49 -1.34 -10.39
N VAL A 616 -5.22 -2.41 -10.14
CA VAL A 616 -6.57 -2.31 -9.57
C VAL A 616 -6.59 -1.34 -8.39
N ASN A 617 -5.60 -1.47 -7.52
CA ASN A 617 -5.45 -0.62 -6.33
C ASN A 617 -5.16 0.82 -6.70
N GLU A 618 -4.19 1.04 -7.58
CA GLU A 618 -3.81 2.42 -7.91
C GLU A 618 -4.83 3.08 -8.84
N TRP A 619 -5.60 2.27 -9.58
CA TRP A 619 -6.72 2.81 -10.32
C TRP A 619 -7.94 3.11 -9.46
N LEU A 620 -8.39 2.16 -8.68
CA LEU A 620 -9.66 2.37 -7.99
C LEU A 620 -9.61 3.42 -6.86
N VAL A 621 -8.46 3.58 -6.21
CA VAL A 621 -8.25 4.74 -5.29
C VAL A 621 -8.51 6.07 -5.98
N LEU A 622 -8.21 6.15 -7.28
CA LEU A 622 -8.60 7.30 -8.12
C LEU A 622 -10.11 7.31 -8.39
N GLU A 623 -10.61 6.31 -9.11
CA GLU A 623 -12.01 6.26 -9.58
C GLU A 623 -13.10 5.98 -8.52
N ASN A 624 -13.01 4.87 -7.79
CA ASN A 624 -14.02 4.54 -6.75
C ASN A 624 -13.50 3.70 -5.55
N LYS A 625 -12.73 4.35 -4.67
CA LYS A 625 -12.15 3.75 -3.42
C LYS A 625 -12.99 2.64 -2.76
N GLU A 626 -14.30 2.83 -2.76
CA GLU A 626 -15.26 1.90 -2.12
C GLU A 626 -15.22 0.48 -2.66
N ILE A 627 -14.97 0.34 -3.95
CA ILE A 627 -14.93 -0.99 -4.59
C ILE A 627 -13.80 -1.83 -4.01
N LEU A 628 -12.70 -1.20 -3.64
CA LEU A 628 -11.57 -1.92 -3.00
C LEU A 628 -11.91 -2.65 -1.69
N LYS A 629 -12.88 -2.15 -0.94
CA LYS A 629 -13.38 -2.85 0.25
C LYS A 629 -14.15 -4.15 -0.05
N ARG A 630 -14.51 -4.39 -1.30
CA ARG A 630 -15.20 -5.65 -1.69
C ARG A 630 -14.42 -6.63 -2.57
N ILE A 631 -13.25 -6.20 -3.01
CA ILE A 631 -12.39 -7.02 -3.81
C ILE A 631 -11.63 -7.91 -2.85
N LYS A 632 -11.62 -9.22 -3.12
CA LYS A 632 -10.89 -10.20 -2.33
C LYS A 632 -9.92 -10.90 -3.26
N TYR A 633 -8.75 -10.29 -3.41
CA TYR A 633 -7.80 -10.72 -4.43
C TYR A 633 -6.96 -11.86 -3.89
N ILE A 634 -6.79 -12.94 -4.65
CA ILE A 634 -5.97 -14.06 -4.18
C ILE A 634 -4.57 -13.91 -4.70
N SER A 635 -4.43 -13.91 -6.01
CA SER A 635 -3.10 -14.05 -6.65
C SER A 635 -2.96 -15.44 -7.24
N CYS A 636 -2.45 -15.46 -8.46
CA CYS A 636 -2.39 -16.68 -9.22
C CYS A 636 -1.29 -17.59 -8.70
N GLU A 637 -0.16 -17.00 -8.28
CA GLU A 637 0.99 -17.79 -7.82
C GLU A 637 0.68 -18.59 -6.54
N HIS A 638 -0.27 -18.10 -5.75
CA HIS A 638 -0.74 -18.81 -4.55
C HIS A 638 -1.61 -20.06 -4.81
N PHE A 639 -1.88 -20.35 -6.07
CA PHE A 639 -2.54 -21.59 -6.49
C PHE A 639 -1.64 -22.49 -7.34
N ILE A 640 -0.38 -22.10 -7.53
CA ILE A 640 0.48 -22.84 -8.44
C ILE A 640 0.60 -24.24 -7.87
N ASN A 641 0.52 -25.24 -8.75
CA ASN A 641 0.71 -26.66 -8.40
C ASN A 641 2.20 -26.95 -8.56
N ASP A 642 2.96 -26.45 -7.61
CA ASP A 642 4.42 -26.53 -7.59
C ASP A 642 4.86 -26.29 -6.15
N SER A 643 5.80 -27.07 -5.67
CA SER A 643 6.37 -26.86 -4.34
C SER A 643 6.87 -25.41 -4.21
N PHE A 644 7.59 -24.96 -5.23
CA PHE A 644 8.22 -23.63 -5.24
C PHE A 644 7.24 -22.54 -5.68
N VAL A 645 7.06 -21.54 -4.82
CA VAL A 645 6.19 -20.39 -5.06
C VAL A 645 7.08 -19.18 -5.36
N ARG A 646 6.92 -18.59 -6.55
CA ARG A 646 7.80 -17.47 -6.95
C ARG A 646 7.55 -16.24 -6.08
N MSE A 647 8.64 -15.62 -5.66
CA MSE A 647 8.62 -14.52 -4.72
C MSE A 647 8.47 -13.22 -5.51
O MSE A 647 9.23 -12.98 -6.46
CB MSE A 647 9.92 -14.57 -3.93
CG MSE A 647 9.73 -14.20 -2.47
SE MSE A 647 11.30 -14.87 -1.50
CE MSE A 647 12.21 -13.28 -0.78
N GLN A 648 7.48 -12.42 -5.14
CA GLN A 648 7.22 -11.15 -5.84
C GLN A 648 8.20 -10.08 -5.36
N THR A 649 8.40 -9.05 -6.18
CA THR A 649 9.35 -7.96 -5.88
C THR A 649 8.79 -7.05 -4.78
N GLN A 650 9.69 -6.42 -4.00
CA GLN A 650 9.29 -5.45 -2.98
C GLN A 650 9.12 -4.08 -3.62
N SER A 651 8.07 -3.37 -3.20
CA SER A 651 7.73 -2.10 -3.78
C SER A 651 8.74 -1.03 -3.37
N VAL A 652 9.43 -0.48 -4.35
CA VAL A 652 10.42 0.60 -4.13
C VAL A 652 9.68 1.94 -3.94
N PRO A 653 9.91 2.64 -2.79
CA PRO A 653 9.16 3.89 -2.57
C PRO A 653 9.41 4.99 -3.58
N LEU A 654 8.67 6.08 -3.44
CA LEU A 654 8.70 7.16 -4.40
C LEU A 654 10.09 7.82 -4.46
N ALA A 655 10.58 8.20 -3.28
CA ALA A 655 11.90 8.83 -3.11
C ALA A 655 13.00 8.15 -3.95
N GLU A 656 13.04 6.83 -3.84
CA GLU A 656 14.16 6.01 -4.35
C GLU A 656 13.97 5.45 -5.77
N PHE A 657 13.07 6.04 -6.57
CA PHE A 657 12.98 5.68 -8.00
C PHE A 657 14.23 6.12 -8.80
N ASN A 658 14.95 7.12 -8.28
CA ASN A 658 16.10 7.73 -8.96
C ASN A 658 17.43 6.93 -8.95
N GLU A 659 18.33 7.32 -9.85
CA GLU A 659 19.57 6.59 -10.19
C GLU A 659 20.79 7.23 -9.51
N LYS A 672 19.02 -6.66 -8.07
CA LYS A 672 19.40 -5.75 -6.99
C LYS A 672 18.27 -5.57 -5.98
N LEU A 673 17.11 -5.17 -6.48
CA LEU A 673 15.93 -4.87 -5.64
C LEU A 673 15.46 -6.12 -4.85
N GLU A 674 15.28 -5.95 -3.53
CA GLU A 674 14.93 -7.08 -2.63
C GLU A 674 13.55 -7.64 -2.94
N LEU A 675 13.45 -8.97 -2.84
CA LEU A 675 12.19 -9.69 -3.04
C LEU A 675 11.47 -9.75 -1.69
N ASP A 676 10.19 -10.10 -1.71
CA ASP A 676 9.31 -10.02 -0.53
C ASP A 676 9.05 -11.40 0.09
N ARG A 677 9.84 -11.78 1.09
CA ARG A 677 9.73 -13.13 1.69
C ARG A 677 8.28 -13.54 2.01
N ASP A 678 7.50 -12.60 2.56
CA ASP A 678 6.11 -12.89 2.94
C ASP A 678 5.21 -13.26 1.73
N SER A 679 5.55 -12.72 0.55
CA SER A 679 4.80 -13.00 -0.70
C SER A 679 4.80 -14.47 -1.16
N SER A 680 5.73 -15.25 -0.62
CA SER A 680 5.84 -16.67 -0.91
C SER A 680 4.76 -17.51 -0.20
N TYR A 681 4.22 -17.00 0.91
CA TYR A 681 3.23 -17.74 1.69
C TYR A 681 1.85 -17.67 1.05
N ARG A 682 1.24 -18.84 0.79
CA ARG A 682 -0.14 -18.92 0.25
C ARG A 682 -1.14 -18.28 1.21
N ASP A 683 -1.99 -17.38 0.72
CA ASP A 683 -3.02 -16.76 1.55
C ASP A 683 -4.13 -17.78 1.71
N VAL A 684 -3.86 -18.75 2.59
CA VAL A 684 -4.69 -19.94 2.73
C VAL A 684 -6.03 -19.63 3.40
N ASP A 685 -6.04 -18.63 4.28
CA ASP A 685 -7.28 -18.16 4.88
C ASP A 685 -8.27 -17.78 3.78
N LEU A 686 -7.83 -16.92 2.86
CA LEU A 686 -8.71 -16.40 1.82
C LEU A 686 -9.07 -17.47 0.75
N ILE A 687 -8.13 -18.36 0.46
CA ILE A 687 -8.41 -19.48 -0.45
C ILE A 687 -9.52 -20.38 0.14
N ARG A 688 -9.41 -20.71 1.43
CA ARG A 688 -10.41 -21.56 2.10
C ARG A 688 -11.79 -20.87 2.11
N GLN A 689 -11.76 -19.56 2.30
CA GLN A 689 -12.95 -18.71 2.31
C GLN A 689 -13.63 -18.60 0.93
N MSE A 690 -12.83 -18.72 -0.13
CA MSE A 690 -13.35 -18.74 -1.52
C MSE A 690 -14.07 -20.03 -1.72
O MSE A 690 -15.20 -20.06 -2.24
CB MSE A 690 -12.22 -18.60 -2.55
CG MSE A 690 -12.78 -18.40 -3.95
SE MSE A 690 -11.34 -18.18 -5.26
CE MSE A 690 -10.71 -20.04 -5.36
N TYR A 691 -13.40 -21.11 -1.33
CA TYR A 691 -13.95 -22.45 -1.48
C TYR A 691 -15.32 -22.55 -0.81
N GLU A 692 -15.45 -22.08 0.41
CA GLU A 692 -16.73 -22.13 1.11
C GLU A 692 -17.81 -21.27 0.42
N ASP A 693 -17.42 -20.07 -0.01
CA ASP A 693 -18.35 -19.11 -0.64
C ASP A 693 -18.89 -19.57 -1.99
N LEU A 694 -17.99 -19.94 -2.91
CA LEU A 694 -18.32 -20.30 -4.30
C LEU A 694 -18.53 -21.80 -4.53
N SER A 695 -18.32 -22.60 -3.48
CA SER A 695 -18.43 -24.07 -3.50
C SER A 695 -17.40 -24.69 -4.44
N ILE A 696 -16.18 -24.17 -4.41
CA ILE A 696 -15.09 -24.72 -5.18
C ILE A 696 -14.51 -25.85 -4.35
N GLU A 697 -14.30 -27.02 -4.98
CA GLU A 697 -13.65 -28.16 -4.31
C GLU A 697 -12.14 -28.00 -4.40
N TYR A 698 -11.66 -27.53 -5.55
CA TYR A 698 -10.24 -27.24 -5.75
C TYR A 698 -10.04 -26.27 -6.90
N PHE A 699 -9.18 -25.26 -6.66
CA PHE A 699 -8.75 -24.28 -7.67
C PHE A 699 -7.23 -24.40 -7.72
N GLN A 700 -6.66 -24.60 -8.90
CA GLN A 700 -5.21 -24.55 -9.03
C GLN A 700 -4.71 -24.09 -10.39
N THR A 701 -3.52 -23.51 -10.39
CA THR A 701 -2.93 -22.94 -11.58
C THR A 701 -1.61 -23.63 -11.90
N CYS A 702 -1.06 -23.28 -13.05
CA CYS A 702 0.27 -23.69 -13.45
C CYS A 702 0.80 -22.58 -14.30
N ARG A 703 2.10 -22.63 -14.57
CA ARG A 703 2.73 -21.59 -15.39
C ARG A 703 2.51 -21.83 -16.87
N ALA A 704 2.11 -20.77 -17.56
CA ALA A 704 1.96 -20.78 -18.99
C ALA A 704 3.33 -20.52 -19.62
N ILE A 705 3.51 -21.00 -20.85
CA ILE A 705 4.77 -20.81 -21.57
C ILE A 705 4.47 -19.71 -22.54
N HIS A 706 4.68 -18.48 -22.08
CA HIS A 706 4.27 -17.32 -22.84
C HIS A 706 5.04 -16.10 -22.34
N CYS A 707 4.52 -15.50 -21.29
CA CYS A 707 5.03 -14.26 -20.72
C CYS A 707 5.63 -14.71 -19.38
N ASP A 708 6.45 -13.90 -18.74
CA ASP A 708 6.66 -14.11 -17.30
C ASP A 708 5.34 -13.83 -16.56
N TRP A 709 5.12 -14.54 -15.46
CA TRP A 709 3.89 -14.45 -14.68
C TRP A 709 2.60 -14.67 -15.49
N ALA A 710 2.69 -15.48 -16.52
CA ALA A 710 1.51 -15.97 -17.20
C ALA A 710 1.04 -17.23 -16.49
N TYR A 711 -0.18 -17.65 -16.78
CA TYR A 711 -0.79 -18.77 -16.08
C TYR A 711 -1.87 -19.46 -16.90
N SER A 712 -2.00 -20.77 -16.67
CA SER A 712 -3.15 -21.58 -17.08
C SER A 712 -3.73 -22.17 -15.80
N ASN A 713 -5.03 -22.43 -15.78
CA ASN A 713 -5.74 -22.72 -14.52
C ASN A 713 -6.88 -23.70 -14.69
N SER A 714 -7.30 -24.26 -13.56
CA SER A 714 -8.22 -25.38 -13.51
C SER A 714 -9.04 -25.33 -12.23
N ILE A 715 -10.35 -25.43 -12.35
CA ILE A 715 -11.28 -25.19 -11.25
C ILE A 715 -12.30 -26.32 -11.21
N THR A 716 -12.60 -26.82 -10.00
CA THR A 716 -13.54 -27.94 -9.82
C THR A 716 -14.74 -27.53 -8.92
N PHE A 717 -15.91 -27.40 -9.51
CA PHE A 717 -17.11 -26.92 -8.79
C PHE A 717 -18.05 -28.03 -8.29
N ARG A 718 -18.24 -28.15 -6.98
CA ARG A 718 -19.31 -29.00 -6.44
C ARG A 718 -20.66 -28.39 -6.81
N MSE A 719 -21.57 -29.20 -7.34
CA MSE A 719 -22.79 -28.72 -7.99
C MSE A 719 -24.06 -28.73 -7.17
O MSE A 719 -25.03 -28.08 -7.55
CB MSE A 719 -23.08 -29.54 -9.25
CG MSE A 719 -21.89 -29.60 -10.21
SE MSE A 719 -21.44 -27.88 -11.06
CE MSE A 719 -23.11 -27.77 -12.08
N ASP A 720 -24.06 -29.48 -6.06
CA ASP A 720 -25.13 -29.36 -5.04
C ASP A 720 -24.73 -29.89 -3.67
N GLU A 721 -25.50 -29.52 -2.65
CA GLU A 721 -25.28 -30.00 -1.28
C GLU A 721 -25.35 -31.53 -1.18
N ASN A 722 -26.40 -32.10 -1.76
CA ASN A 722 -26.79 -33.52 -1.56
C ASN A 722 -26.09 -34.50 -2.53
N ASN A 723 -24.80 -34.31 -2.72
CA ASN A 723 -24.00 -35.17 -3.61
C ASN A 723 -22.50 -34.85 -3.52
N GLU A 724 -21.73 -35.89 -3.25
CA GLU A 724 -20.27 -35.80 -3.16
C GLU A 724 -19.64 -35.86 -4.57
N HIS A 725 -20.19 -36.72 -5.42
CA HIS A 725 -19.59 -37.10 -6.71
C HIS A 725 -19.91 -36.15 -7.86
N ASN A 726 -20.81 -35.18 -7.64
CA ASN A 726 -21.31 -34.29 -8.69
C ASN A 726 -20.40 -33.05 -8.83
N THR A 727 -19.22 -33.27 -9.42
CA THR A 727 -18.25 -32.20 -9.64
C THR A 727 -18.14 -31.90 -11.12
N PHE A 728 -17.91 -30.62 -11.42
CA PHE A 728 -17.69 -30.11 -12.77
C PHE A 728 -16.32 -29.44 -12.79
N LYS A 729 -15.47 -29.80 -13.76
CA LYS A 729 -14.09 -29.30 -13.80
C LYS A 729 -13.78 -28.54 -15.10
N VAL A 730 -13.47 -27.26 -14.97
CA VAL A 730 -13.15 -26.34 -16.07
C VAL A 730 -11.64 -26.09 -16.08
N SER A 731 -11.07 -25.86 -17.26
CA SER A 731 -9.65 -25.42 -17.37
C SER A 731 -9.53 -24.41 -18.50
N TYR A 732 -8.58 -23.48 -18.36
CA TYR A 732 -8.40 -22.37 -19.29
C TYR A 732 -6.94 -22.04 -19.42
N SER A 733 -6.42 -22.25 -20.61
CA SER A 733 -5.08 -21.80 -20.94
C SER A 733 -5.00 -20.29 -20.95
N GLY A 734 -3.82 -19.78 -20.71
CA GLY A 734 -3.57 -18.37 -20.93
C GLY A 734 -3.45 -18.11 -22.41
N ASP A 735 -2.28 -17.58 -22.79
CA ASP A 735 -1.85 -17.52 -24.16
C ASP A 735 -0.68 -18.52 -24.23
N THR A 736 -0.84 -19.71 -23.66
CA THR A 736 0.30 -20.62 -23.51
C THR A 736 0.71 -21.22 -24.86
N ARG A 737 2.01 -21.51 -24.95
CA ARG A 737 2.56 -22.43 -25.92
C ARG A 737 2.11 -23.79 -25.37
N PRO A 738 1.78 -24.80 -26.22
CA PRO A 738 1.19 -26.03 -25.65
C PRO A 738 2.05 -26.64 -24.55
N ASN A 739 1.41 -26.91 -23.41
CA ASN A 739 2.07 -27.21 -22.14
C ASN A 739 1.49 -28.53 -21.66
N ILE A 740 1.78 -29.59 -22.41
CA ILE A 740 1.21 -30.92 -22.12
C ILE A 740 1.75 -31.57 -20.83
N GLU A 741 2.98 -31.21 -20.45
CA GLU A 741 3.62 -31.73 -19.25
C GLU A 741 2.86 -31.30 -18.00
N LYS A 742 2.84 -29.99 -17.76
CA LYS A 742 2.41 -29.37 -16.48
C LYS A 742 0.92 -29.03 -16.39
N PHE A 743 0.27 -28.89 -17.55
CA PHE A 743 -1.14 -28.46 -17.65
C PHE A 743 -2.05 -29.60 -18.08
N SER A 744 -1.76 -30.20 -19.23
CA SER A 744 -2.55 -31.29 -19.78
C SER A 744 -2.55 -32.54 -18.90
N LEU A 745 -1.36 -33.02 -18.56
CA LEU A 745 -1.24 -34.24 -17.77
C LEU A 745 -1.41 -34.01 -16.26
N GLU A 746 -0.89 -32.91 -15.73
CA GLU A 746 -1.03 -32.57 -14.29
C GLU A 746 -2.37 -31.84 -13.92
N ILE A 747 -2.41 -30.50 -13.84
CA ILE A 747 -3.60 -29.81 -13.25
C ILE A 747 -4.90 -29.97 -14.04
N GLY A 748 -4.81 -29.96 -15.36
CA GLY A 748 -5.99 -29.97 -16.20
C GLY A 748 -6.72 -31.29 -16.28
N TYR A 749 -6.05 -32.37 -15.85
CA TYR A 749 -6.39 -33.74 -16.27
C TYR A 749 -7.82 -34.16 -15.97
N ASN A 750 -8.41 -34.95 -16.86
CA ASN A 750 -9.80 -35.43 -16.73
C ASN A 750 -10.86 -34.34 -16.52
N SER A 751 -10.68 -33.19 -17.15
CA SER A 751 -11.62 -32.07 -17.00
C SER A 751 -12.87 -32.20 -17.91
N ASP A 752 -14.03 -31.93 -17.33
CA ASP A 752 -15.30 -31.93 -18.06
C ASP A 752 -15.26 -30.97 -19.28
N LEU A 753 -14.61 -29.82 -19.12
CA LEU A 753 -14.50 -28.77 -20.15
C LEU A 753 -13.12 -28.14 -20.11
N LEU A 754 -12.47 -28.04 -21.27
CA LEU A 754 -11.24 -27.25 -21.43
C LEU A 754 -11.63 -26.07 -22.30
N ILE A 755 -11.05 -24.89 -22.02
CA ILE A 755 -11.15 -23.73 -22.91
C ILE A 755 -9.71 -23.39 -23.28
N HIS A 756 -9.34 -23.58 -24.55
CA HIS A 756 -7.93 -23.43 -24.94
C HIS A 756 -7.77 -22.40 -26.05
N GLU A 757 -6.62 -21.73 -25.99
CA GLU A 757 -6.17 -20.75 -26.95
C GLU A 757 -5.82 -21.42 -28.27
N ALA A 758 -6.33 -20.90 -29.38
CA ALA A 758 -6.00 -21.41 -30.71
C ALA A 758 -5.68 -20.28 -31.70
N THR A 759 -4.70 -19.47 -31.31
CA THR A 759 -4.35 -18.24 -32.03
C THR A 759 -4.15 -18.50 -33.51
N LEU A 760 -3.17 -19.33 -33.82
CA LEU A 760 -2.68 -19.42 -35.20
C LEU A 760 -3.21 -20.56 -36.06
N GLU A 761 -3.38 -20.23 -37.35
CA GLU A 761 -3.70 -21.21 -38.37
C GLU A 761 -2.48 -22.14 -38.45
N ASN A 762 -2.75 -23.45 -38.61
CA ASN A 762 -1.70 -24.50 -38.66
C ASN A 762 -0.57 -24.14 -39.63
N GLN A 763 -0.96 -23.60 -40.78
CA GLN A 763 -0.02 -23.10 -41.78
C GLN A 763 1.09 -22.17 -41.23
N LEU A 764 0.85 -21.52 -40.10
CA LEU A 764 1.82 -20.57 -39.51
C LEU A 764 2.52 -21.11 -38.27
N LEU A 765 2.89 -22.38 -38.30
CA LEU A 765 3.44 -23.06 -37.14
C LEU A 765 4.73 -22.40 -36.61
N GLU A 766 5.58 -21.94 -37.52
CA GLU A 766 6.88 -21.37 -37.14
C GLU A 766 6.74 -19.95 -36.53
N ASP A 767 5.62 -19.27 -36.80
CA ASP A 767 5.29 -17.97 -36.19
C ASP A 767 4.67 -18.13 -34.80
N ALA A 768 3.84 -19.16 -34.65
CA ALA A 768 3.24 -19.53 -33.37
C ALA A 768 4.26 -19.85 -32.29
N VAL A 769 5.31 -20.58 -32.65
CA VAL A 769 6.41 -20.88 -31.72
C VAL A 769 7.19 -19.63 -31.27
N LYS A 770 7.33 -18.63 -32.15
CA LYS A 770 8.06 -17.39 -31.79
C LYS A 770 7.18 -16.51 -30.92
N LYS A 771 5.95 -16.28 -31.39
CA LYS A 771 4.96 -15.50 -30.65
C LYS A 771 4.37 -16.20 -29.41
N LYS A 772 4.70 -17.48 -29.23
CA LYS A 772 4.35 -18.28 -28.04
C LYS A 772 2.85 -18.50 -27.86
N HIS A 773 2.19 -18.91 -28.95
CA HIS A 773 0.79 -19.38 -28.94
C HIS A 773 0.71 -20.76 -29.57
N CYS A 774 -0.30 -21.53 -29.20
CA CYS A 774 -0.66 -22.76 -29.91
C CYS A 774 -1.24 -22.47 -31.32
N THR A 775 -1.02 -23.41 -32.23
CA THR A 775 -1.80 -23.57 -33.46
C THR A 775 -3.04 -24.42 -33.15
N ILE A 776 -3.99 -24.50 -34.10
CA ILE A 776 -5.27 -25.22 -33.90
C ILE A 776 -5.03 -26.68 -33.57
N ASN A 777 -4.05 -27.27 -34.26
CA ASN A 777 -3.58 -28.61 -33.94
C ASN A 777 -2.92 -28.64 -32.54
N GLU A 778 -1.90 -27.85 -32.32
CA GLU A 778 -1.27 -27.85 -31.02
C GLU A 778 -2.26 -27.72 -29.85
N ALA A 779 -3.34 -26.99 -30.09
CA ALA A 779 -4.44 -26.88 -29.12
C ALA A 779 -5.19 -28.18 -28.96
N ILE A 780 -5.63 -28.75 -30.08
CA ILE A 780 -6.35 -30.04 -30.04
C ILE A 780 -5.49 -31.16 -29.36
N GLY A 781 -4.19 -31.18 -29.65
CA GLY A 781 -3.25 -32.07 -28.98
C GLY A 781 -3.26 -31.96 -27.46
N VAL A 782 -3.29 -30.73 -26.96
CA VAL A 782 -3.43 -30.49 -25.52
C VAL A 782 -4.75 -31.09 -25.04
N SER A 783 -5.85 -30.78 -25.73
CA SER A 783 -7.17 -31.31 -25.35
C SER A 783 -7.22 -32.82 -25.33
N ASN A 784 -6.43 -33.42 -26.22
CA ASN A 784 -6.29 -34.88 -26.31
C ASN A 784 -5.63 -35.50 -25.07
N LYS A 785 -4.36 -35.17 -24.82
CA LYS A 785 -3.63 -35.72 -23.66
C LYS A 785 -4.27 -35.42 -22.30
N MSE A 786 -4.99 -34.31 -22.19
CA MSE A 786 -5.75 -33.95 -20.99
C MSE A 786 -6.86 -34.91 -20.69
O MSE A 786 -7.18 -35.14 -19.53
CB MSE A 786 -6.40 -32.57 -21.14
CG MSE A 786 -6.98 -32.02 -19.83
SE MSE A 786 -7.33 -30.08 -19.86
CE MSE A 786 -5.47 -29.42 -19.98
N ASN A 787 -7.45 -35.47 -21.74
CA ASN A 787 -8.74 -36.14 -21.71
C ASN A 787 -9.81 -35.11 -21.34
N ALA A 788 -10.03 -34.18 -22.26
CA ALA A 788 -11.13 -33.24 -22.13
C ALA A 788 -12.42 -33.89 -22.59
N ARG A 789 -13.39 -33.99 -21.70
CA ARG A 789 -14.71 -34.51 -22.08
C ARG A 789 -15.38 -33.63 -23.16
N LYS A 790 -15.11 -32.32 -23.12
CA LYS A 790 -15.50 -31.38 -24.18
C LYS A 790 -14.45 -30.25 -24.34
N LEU A 791 -14.42 -29.64 -25.54
CA LEU A 791 -13.45 -28.58 -25.88
C LEU A 791 -14.13 -27.34 -26.49
N ILE A 792 -13.58 -26.16 -26.17
CA ILE A 792 -13.95 -24.88 -26.79
C ILE A 792 -12.66 -24.15 -27.18
N LEU A 793 -12.57 -23.69 -28.42
CA LEU A 793 -11.40 -22.91 -28.86
C LEU A 793 -11.71 -21.43 -29.06
N THR A 794 -10.83 -20.55 -28.55
CA THR A 794 -11.00 -19.06 -28.57
C THR A 794 -9.67 -18.41 -28.88
N HIS A 795 -9.62 -17.08 -28.78
CA HIS A 795 -8.39 -16.31 -28.94
C HIS A 795 -7.78 -16.60 -30.31
N PHE A 796 -8.63 -16.40 -31.33
CA PHE A 796 -8.27 -16.62 -32.74
C PHE A 796 -7.67 -15.38 -33.35
N SER A 797 -6.56 -15.53 -34.06
CA SER A 797 -6.08 -14.51 -35.01
C SER A 797 -6.53 -14.88 -36.42
N GLN A 798 -7.10 -13.92 -37.12
CA GLN A 798 -7.70 -14.13 -38.42
C GLN A 798 -7.74 -12.82 -39.22
N ARG A 799 -7.51 -12.89 -40.52
CA ARG A 799 -7.73 -11.76 -41.42
C ARG A 799 -9.25 -11.57 -41.68
N TYR A 800 -10.04 -12.63 -41.55
CA TYR A 800 -11.48 -12.62 -41.84
C TYR A 800 -12.19 -13.78 -41.11
N PRO A 801 -13.51 -13.69 -40.90
CA PRO A 801 -14.23 -14.77 -40.23
C PRO A 801 -14.26 -16.06 -41.04
N LYS A 802 -13.61 -17.09 -40.51
CA LYS A 802 -13.69 -18.43 -41.06
C LYS A 802 -13.71 -19.41 -39.92
N LEU A 803 -14.28 -20.58 -40.18
CA LEU A 803 -14.12 -21.73 -39.32
C LEU A 803 -12.68 -22.20 -39.52
N PRO A 804 -11.93 -22.47 -38.43
CA PRO A 804 -10.53 -22.92 -38.60
C PRO A 804 -10.37 -24.21 -39.41
N GLN A 805 -9.26 -24.33 -40.13
CA GLN A 805 -9.03 -25.52 -40.94
C GLN A 805 -8.57 -26.69 -40.08
N LEU A 806 -9.51 -27.56 -39.70
CA LEU A 806 -9.20 -28.80 -38.99
C LEU A 806 -8.25 -29.64 -39.80
N ASP A 807 -7.25 -30.20 -39.14
CA ASP A 807 -6.39 -31.18 -39.79
C ASP A 807 -7.04 -32.57 -39.71
N ASN A 808 -7.18 -33.19 -40.89
CA ASN A 808 -7.77 -34.52 -41.05
C ASN A 808 -6.98 -35.62 -40.34
N ASN A 809 -5.68 -35.39 -40.17
CA ASN A 809 -4.76 -36.37 -39.60
C ASN A 809 -4.75 -36.47 -38.08
N ILE A 810 -5.38 -35.50 -37.39
CA ILE A 810 -5.44 -35.47 -35.91
C ILE A 810 -6.86 -35.78 -35.39
N ASP A 811 -6.93 -36.57 -34.30
CA ASP A 811 -8.20 -36.95 -33.68
C ASP A 811 -8.70 -35.85 -32.75
N VAL A 812 -10.01 -35.81 -32.60
CA VAL A 812 -10.67 -35.04 -31.53
C VAL A 812 -11.06 -36.03 -30.43
N MSE A 813 -10.10 -36.39 -29.57
CA MSE A 813 -10.43 -37.11 -28.34
C MSE A 813 -11.23 -36.11 -27.52
O MSE A 813 -10.68 -35.24 -26.83
CB MSE A 813 -9.21 -37.63 -27.54
CG MSE A 813 -8.15 -38.41 -28.34
SE MSE A 813 -8.90 -39.84 -29.47
CE MSE A 813 -9.98 -40.72 -28.08
N ALA A 814 -12.56 -36.19 -27.67
CA ALA A 814 -13.52 -35.28 -27.02
C ALA A 814 -14.92 -35.54 -27.57
N ARG A 815 -15.79 -36.11 -26.74
CA ARG A 815 -17.18 -36.40 -27.12
C ARG A 815 -17.92 -35.27 -27.89
N GLU A 816 -17.64 -34.01 -27.56
CA GLU A 816 -18.20 -32.85 -28.29
C GLU A 816 -17.15 -31.71 -28.35
N PHE A 817 -17.25 -30.86 -29.36
CA PHE A 817 -16.42 -29.63 -29.42
C PHE A 817 -17.02 -28.51 -30.29
N CYS A 818 -16.46 -27.31 -30.13
CA CYS A 818 -16.90 -26.11 -30.86
C CYS A 818 -15.89 -24.98 -30.87
N PHE A 819 -16.03 -24.14 -31.89
CA PHE A 819 -15.16 -23.01 -32.15
C PHE A 819 -15.91 -21.74 -31.75
N ALA A 820 -15.26 -20.88 -30.97
CA ALA A 820 -15.93 -19.72 -30.40
C ALA A 820 -16.05 -18.58 -31.41
N PHE A 821 -17.17 -17.87 -31.31
CA PHE A 821 -17.51 -16.69 -32.14
C PHE A 821 -18.17 -15.64 -31.22
N ASP A 822 -17.91 -14.35 -31.47
CA ASP A 822 -18.33 -13.30 -30.53
C ASP A 822 -19.85 -13.31 -30.30
N SER A 823 -20.26 -13.23 -29.03
CA SER A 823 -21.67 -13.32 -28.58
C SER A 823 -22.29 -14.74 -28.56
N MSE A 824 -21.47 -15.78 -28.67
CA MSE A 824 -21.99 -17.16 -28.74
C MSE A 824 -22.34 -17.70 -27.37
O MSE A 824 -21.54 -17.57 -26.45
CB MSE A 824 -20.99 -18.11 -29.41
CG MSE A 824 -21.50 -19.53 -29.67
SE MSE A 824 -19.92 -20.68 -29.87
CE MSE A 824 -19.97 -20.65 -31.82
N ILE A 825 -23.51 -18.37 -27.27
CA ILE A 825 -24.00 -18.97 -26.01
C ILE A 825 -24.24 -20.49 -26.13
N VAL A 826 -23.19 -21.28 -25.94
CA VAL A 826 -23.35 -22.74 -25.82
C VAL A 826 -23.96 -23.14 -24.47
N ASP A 827 -24.66 -24.27 -24.48
CA ASP A 827 -24.97 -25.03 -23.26
C ASP A 827 -23.94 -26.13 -23.25
N TYR A 828 -23.38 -26.42 -22.09
CA TYR A 828 -22.32 -27.43 -21.99
C TYR A 828 -22.76 -28.77 -22.55
N GLU A 829 -24.01 -29.13 -22.28
CA GLU A 829 -24.60 -30.37 -22.77
C GLU A 829 -24.73 -30.40 -24.29
N LYS A 830 -24.99 -29.22 -24.87
CA LYS A 830 -25.20 -29.07 -26.30
C LYS A 830 -24.05 -28.35 -27.03
N ILE A 831 -22.81 -28.58 -26.58
CA ILE A 831 -21.61 -28.02 -27.23
C ILE A 831 -21.39 -28.60 -28.62
N GLY A 832 -21.76 -29.86 -28.80
CA GLY A 832 -21.38 -30.64 -29.98
C GLY A 832 -22.22 -30.31 -31.19
N GLU A 833 -23.43 -29.81 -30.96
CA GLU A 833 -24.37 -29.55 -32.05
C GLU A 833 -23.97 -28.41 -33.04
N GLN A 834 -22.70 -27.99 -32.97
CA GLN A 834 -22.08 -27.19 -34.01
C GLN A 834 -21.54 -28.09 -35.09
N GLN A 835 -20.76 -29.09 -34.70
CA GLN A 835 -20.20 -30.09 -35.64
C GLN A 835 -21.12 -30.43 -36.83
N ARG A 836 -22.41 -30.61 -36.58
CA ARG A 836 -23.42 -30.85 -37.65
C ARG A 836 -23.44 -29.74 -38.72
N ILE A 837 -23.15 -28.51 -38.30
CA ILE A 837 -23.20 -27.29 -39.13
C ILE A 837 -21.85 -26.87 -39.74
N PHE A 838 -20.76 -27.49 -39.30
CA PHE A 838 -19.41 -27.17 -39.80
C PHE A 838 -19.26 -26.96 -41.33
N PRO A 839 -19.89 -27.83 -42.16
CA PRO A 839 -19.74 -27.63 -43.61
C PRO A 839 -20.36 -26.34 -44.14
N LEU A 840 -21.58 -26.04 -43.73
CA LEU A 840 -22.29 -24.80 -44.10
C LEU A 840 -21.63 -23.53 -43.57
N LEU A 841 -21.03 -23.65 -42.38
CA LEU A 841 -20.47 -22.49 -41.70
C LEU A 841 -19.36 -21.88 -42.53
N ASN A 842 -18.57 -22.74 -43.16
CA ASN A 842 -17.43 -22.31 -43.96
C ASN A 842 -17.87 -21.39 -45.12
N LYS A 843 -18.94 -21.80 -45.80
CA LYS A 843 -19.54 -21.04 -46.92
C LYS A 843 -19.96 -19.61 -46.55
N ALA A 844 -20.47 -19.45 -45.33
CA ALA A 844 -21.19 -18.24 -44.89
C ALA A 844 -20.46 -16.90 -45.06
N PHE A 845 -19.12 -16.93 -44.98
CA PHE A 845 -18.33 -15.69 -45.02
C PHE A 845 -17.44 -15.58 -46.25
N VAL A 846 -17.94 -15.99 -47.41
CA VAL A 846 -17.23 -15.81 -48.67
C VAL A 846 -17.32 -14.34 -49.11
N GLU A 847 -18.40 -13.67 -48.68
CA GLU A 847 -18.60 -12.22 -48.86
C GLU A 847 -17.48 -11.42 -48.16
N GLU A 848 -17.19 -11.79 -46.92
CA GLU A 848 -16.12 -11.17 -46.12
C GLU A 848 -14.71 -11.62 -46.50
N LYS A 849 -14.59 -12.76 -47.16
CA LYS A 849 -13.30 -13.24 -47.71
C LYS A 849 -12.92 -12.36 -48.88
N GLU A 850 -13.75 -12.36 -49.93
CA GLU A 850 -13.48 -11.60 -51.16
C GLU A 850 -13.23 -10.11 -50.86
N GLU A 851 -13.95 -9.58 -49.87
CA GLU A 851 -13.77 -8.20 -49.46
C GLU A 851 -12.38 -7.95 -48.90
N GLU A 852 -11.99 -8.71 -47.88
CA GLU A 852 -10.66 -8.54 -47.24
C GLU A 852 -9.49 -8.94 -48.17
N GLU A 853 -9.78 -9.74 -49.19
CA GLU A 853 -8.84 -10.04 -50.28
C GLU A 853 -8.65 -8.93 -51.34
N ASP A 854 -9.36 -7.79 -51.21
CA ASP A 854 -9.15 -6.61 -52.08
C ASP A 854 -7.74 -6.03 -52.05
N VAL A 855 -7.03 -6.24 -50.94
CA VAL A 855 -5.62 -5.84 -50.82
C VAL A 855 -4.67 -6.91 -51.42
N ASP A 856 -5.03 -8.19 -51.29
CA ASP A 856 -4.22 -9.32 -51.78
C ASP A 856 -4.38 -9.54 -53.30
N PHE B 36 1.18 -28.40 7.28
CA PHE B 36 0.94 -27.70 8.59
C PHE B 36 2.09 -28.02 9.54
N MSE B 37 2.64 -26.97 10.16
CA MSE B 37 3.90 -27.02 10.92
C MSE B 37 4.16 -25.67 11.52
O MSE B 37 4.46 -24.71 10.80
CB MSE B 37 5.07 -27.40 10.02
CG MSE B 37 6.43 -27.35 10.73
SE MSE B 37 7.89 -27.10 9.44
CE MSE B 37 7.46 -25.23 8.95
N PHE B 38 4.08 -25.58 12.84
CA PHE B 38 4.36 -24.34 13.58
C PHE B 38 5.81 -24.14 13.99
N THR B 39 6.50 -23.22 13.32
CA THR B 39 7.84 -22.81 13.70
C THR B 39 7.80 -21.79 14.85
N PHE B 40 8.84 -21.78 15.69
CA PHE B 40 8.95 -20.85 16.85
C PHE B 40 10.25 -20.07 16.76
N ILE B 41 10.18 -18.83 16.28
CA ILE B 41 11.37 -17.99 16.08
C ILE B 41 11.54 -17.00 17.25
N PRO B 42 12.72 -17.00 17.92
CA PRO B 42 13.00 -15.96 18.91
C PRO B 42 13.51 -14.69 18.25
N ILE B 43 12.78 -13.59 18.41
CA ILE B 43 13.08 -12.29 17.79
C ILE B 43 14.19 -11.52 18.54
N THR B 44 14.13 -11.55 19.86
CA THR B 44 15.14 -10.96 20.76
C THR B 44 15.29 -11.83 21.98
N HIS B 45 16.51 -11.93 22.49
CA HIS B 45 16.80 -12.61 23.78
C HIS B 45 17.53 -11.61 24.65
N PRO B 46 17.67 -11.91 25.96
CA PRO B 46 18.32 -10.98 26.86
C PRO B 46 19.71 -10.62 26.40
N THR B 47 19.91 -9.32 26.22
CA THR B 47 21.18 -8.73 25.83
C THR B 47 21.23 -7.26 26.29
N SER B 48 22.41 -6.68 26.19
CA SER B 48 22.64 -5.27 26.52
C SER B 48 21.75 -4.31 25.72
N ASP B 49 21.59 -4.59 24.42
CA ASP B 49 20.68 -3.86 23.53
C ASP B 49 19.21 -4.13 23.79
N THR B 50 18.88 -5.37 24.12
CA THR B 50 17.49 -5.86 24.16
C THR B 50 17.25 -6.70 25.42
N LYS B 51 16.80 -6.02 26.47
CA LYS B 51 16.61 -6.62 27.81
C LYS B 51 15.72 -7.86 27.87
N HIS B 52 14.73 -7.98 27.02
CA HIS B 52 13.72 -9.02 27.21
C HIS B 52 13.55 -10.05 26.09
N PRO B 53 12.97 -11.21 26.43
CA PRO B 53 12.73 -12.19 25.39
C PRO B 53 11.44 -11.91 24.62
N LEU B 54 11.46 -12.20 23.33
CA LEU B 54 10.30 -12.03 22.48
C LEU B 54 10.22 -13.21 21.52
N LEU B 55 9.06 -13.87 21.52
CA LEU B 55 8.84 -15.07 20.72
C LEU B 55 7.75 -14.91 19.65
N LEU B 56 8.15 -15.13 18.41
CA LEU B 56 7.26 -15.21 17.25
C LEU B 56 6.89 -16.66 16.97
N VAL B 57 5.59 -17.02 17.04
CA VAL B 57 5.14 -18.33 16.50
C VAL B 57 4.56 -18.12 15.09
N GLN B 58 5.07 -18.88 14.13
CA GLN B 58 4.76 -18.70 12.72
C GLN B 58 4.16 -20.00 12.20
N SER B 59 2.93 -19.94 11.71
CA SER B 59 2.30 -21.03 10.95
C SER B 59 3.04 -21.37 9.66
N ALA B 60 2.70 -22.52 9.07
CA ALA B 60 3.30 -22.99 7.80
C ALA B 60 3.04 -22.07 6.63
N HIS B 61 1.89 -21.39 6.69
CA HIS B 61 1.44 -20.45 5.66
C HIS B 61 1.57 -18.97 6.09
N GLY B 62 2.47 -18.70 7.02
CA GLY B 62 2.85 -17.34 7.39
C GLY B 62 2.07 -16.64 8.49
N GLU B 63 0.99 -17.25 9.00
CA GLU B 63 0.17 -16.64 10.07
C GLU B 63 1.01 -16.53 11.33
N LYS B 64 1.05 -15.34 11.93
CA LYS B 64 2.02 -15.00 12.98
C LYS B 64 1.37 -14.58 14.28
N TYR B 65 2.02 -14.90 15.41
CA TYR B 65 1.60 -14.46 16.76
C TYR B 65 2.83 -14.14 17.62
N PHE B 66 2.74 -13.08 18.43
CA PHE B 66 3.83 -12.68 19.37
C PHE B 66 3.52 -13.08 20.82
N PHE B 67 4.52 -13.70 21.45
CA PHE B 67 4.45 -14.10 22.84
C PHE B 67 5.65 -13.54 23.54
N GLY B 68 5.40 -12.87 24.67
CA GLY B 68 6.47 -12.40 25.53
C GLY B 68 6.38 -10.92 25.84
N LYS B 69 7.39 -10.18 25.38
CA LYS B 69 7.60 -8.79 25.81
C LYS B 69 8.05 -7.97 24.64
N ILE B 70 7.36 -6.86 24.41
CA ILE B 70 7.69 -5.93 23.34
C ILE B 70 8.46 -4.77 23.96
N GLY B 71 9.71 -5.03 24.35
CA GLY B 71 10.54 -4.04 25.03
C GLY B 71 11.35 -3.19 24.08
N GLU B 72 12.08 -2.22 24.62
CA GLU B 72 12.78 -1.26 23.79
C GLU B 72 13.70 -1.99 22.81
N GLY B 73 13.62 -1.57 21.56
CA GLY B 73 14.39 -2.16 20.50
C GLY B 73 13.84 -3.45 19.92
N SER B 74 12.53 -3.70 20.08
CA SER B 74 11.90 -4.86 19.46
C SER B 74 11.76 -4.66 17.99
N GLN B 75 11.10 -3.58 17.55
CA GLN B 75 10.86 -3.36 16.10
C GLN B 75 12.14 -3.22 15.30
N ARG B 76 13.18 -2.64 15.91
CA ARG B 76 14.47 -2.55 15.25
C ARG B 76 15.04 -3.95 15.00
N SER B 77 14.74 -4.90 15.89
CA SER B 77 15.15 -6.29 15.71
C SER B 77 14.47 -6.97 14.53
N LEU B 78 13.17 -6.77 14.37
CA LEU B 78 12.46 -7.18 13.13
C LEU B 78 13.23 -6.66 11.90
N THR B 79 13.40 -5.35 11.82
CA THR B 79 14.07 -4.68 10.69
C THR B 79 15.49 -5.18 10.40
N GLU B 80 16.23 -5.55 11.45
CA GLU B 80 17.62 -5.99 11.30
C GLU B 80 17.67 -7.41 10.73
N ASN B 81 16.93 -8.31 11.37
CA ASN B 81 16.85 -9.71 10.97
C ASN B 81 15.89 -9.95 9.78
N LYS B 82 15.29 -8.90 9.22
CA LYS B 82 14.45 -8.99 8.00
C LYS B 82 13.21 -9.89 8.19
N ILE B 83 12.35 -9.53 9.14
CA ILE B 83 11.08 -10.24 9.41
C ILE B 83 9.93 -9.26 9.23
N ARG B 84 8.91 -9.66 8.46
CA ARG B 84 7.70 -8.86 8.30
C ARG B 84 6.61 -9.21 9.32
N ILE B 85 5.69 -8.28 9.50
CA ILE B 85 4.62 -8.33 10.52
C ILE B 85 3.24 -8.39 9.86
N SER B 86 3.20 -8.75 8.58
CA SER B 86 1.96 -9.01 7.91
C SER B 86 1.49 -10.36 8.41
N LYS B 87 0.22 -10.66 8.16
CA LYS B 87 -0.45 -11.83 8.72
C LYS B 87 -0.29 -11.95 10.26
N LEU B 88 -0.19 -10.82 10.96
CA LEU B 88 -0.01 -10.78 12.43
C LEU B 88 -1.17 -10.05 13.08
N LYS B 89 -1.93 -10.75 13.92
CA LYS B 89 -3.12 -10.17 14.53
C LYS B 89 -3.11 -10.09 16.08
N ASP B 90 -2.29 -10.90 16.76
CA ASP B 90 -2.25 -10.94 18.23
C ASP B 90 -0.87 -10.74 18.85
N ILE B 91 -0.81 -10.09 20.02
CA ILE B 91 0.38 -10.01 20.88
C ILE B 91 -0.04 -10.54 22.26
N PHE B 92 0.72 -11.52 22.76
CA PHE B 92 0.45 -12.14 24.05
C PHE B 92 1.50 -11.70 25.07
N LEU B 93 1.16 -10.68 25.84
CA LEU B 93 2.10 -10.07 26.78
C LEU B 93 2.20 -10.94 28.01
N THR B 94 3.44 -11.18 28.45
CA THR B 94 3.72 -12.04 29.60
C THR B 94 4.23 -11.26 30.81
N GLY B 95 4.07 -11.83 31.99
CA GLY B 95 4.75 -11.34 33.19
C GLY B 95 4.14 -10.11 33.78
N GLU B 96 4.96 -9.31 34.45
CA GLU B 96 4.52 -8.03 34.99
C GLU B 96 5.03 -6.94 34.05
N LEU B 97 4.18 -5.92 33.87
CA LEU B 97 4.38 -4.91 32.84
C LEU B 97 4.86 -3.59 33.45
N ASN B 98 6.19 -3.39 33.37
CA ASN B 98 6.85 -2.12 33.67
C ASN B 98 7.29 -1.55 32.33
N TRP B 99 8.05 -0.44 32.35
CA TRP B 99 8.43 0.21 31.10
C TRP B 99 9.28 -0.68 30.21
N SER B 100 10.38 -1.23 30.72
CA SER B 100 11.22 -2.12 29.90
C SER B 100 10.43 -3.22 29.15
N ASP B 101 9.41 -3.77 29.79
CA ASP B 101 8.61 -4.88 29.22
C ASP B 101 7.75 -4.43 28.03
N ILE B 102 7.23 -3.22 28.12
CA ILE B 102 6.26 -2.68 27.17
C ILE B 102 6.74 -1.49 26.30
N GLY B 103 7.94 -0.96 26.56
CA GLY B 103 8.40 0.28 25.92
C GLY B 103 8.49 0.28 24.40
N GLY B 104 8.69 -0.88 23.82
CA GLY B 104 8.80 -1.00 22.37
C GLY B 104 7.49 -1.14 21.64
N LEU B 105 6.39 -1.05 22.39
CA LEU B 105 5.04 -1.32 21.89
C LEU B 105 4.43 -0.17 21.11
N PRO B 106 4.45 1.07 21.68
CA PRO B 106 3.92 2.21 20.92
C PRO B 106 4.48 2.26 19.50
N GLY B 107 5.80 2.16 19.38
CA GLY B 107 6.46 2.05 18.07
C GLY B 107 6.05 0.85 17.26
N MSE B 108 5.78 -0.26 17.92
CA MSE B 108 5.31 -1.49 17.28
C MSE B 108 3.92 -1.31 16.74
O MSE B 108 3.59 -1.85 15.69
CB MSE B 108 5.41 -2.68 18.25
CG MSE B 108 5.01 -4.05 17.71
SE MSE B 108 6.38 -4.64 16.44
CE MSE B 108 7.29 -5.83 17.73
N ILE B 109 3.06 -0.58 17.46
CA ILE B 109 1.71 -0.29 16.99
C ILE B 109 1.75 0.65 15.79
N LEU B 110 2.44 1.78 15.95
CA LEU B 110 2.66 2.73 14.84
C LEU B 110 3.34 2.12 13.62
N THR B 111 4.19 1.11 13.81
CA THR B 111 4.84 0.45 12.68
C THR B 111 3.85 -0.50 11.98
N ILE B 112 3.14 -1.36 12.73
CA ILE B 112 2.18 -2.32 12.12
C ILE B 112 0.98 -1.59 11.50
N ALA B 113 0.53 -0.50 12.13
CA ALA B 113 -0.58 0.30 11.62
C ALA B 113 -0.27 0.97 10.28
N ASP B 114 0.82 1.73 10.26
CA ASP B 114 1.29 2.44 9.05
C ASP B 114 1.91 1.52 7.99
N GLN B 115 2.25 0.28 8.36
CA GLN B 115 2.52 -0.77 7.37
C GLN B 115 1.23 -1.03 6.59
N GLY B 116 0.11 -1.14 7.31
CA GLY B 116 -1.24 -1.21 6.73
C GLY B 116 -2.02 -2.40 7.27
N LYS B 117 -2.41 -2.31 8.54
CA LYS B 117 -3.09 -3.42 9.24
C LYS B 117 -4.43 -2.94 9.74
N SER B 118 -5.48 -3.74 9.53
CA SER B 118 -6.81 -3.38 10.01
C SER B 118 -6.98 -3.78 11.47
N ASN B 119 -6.41 -4.92 11.86
CA ASN B 119 -6.66 -5.50 13.18
C ASN B 119 -5.36 -5.80 13.96
N LEU B 120 -5.44 -5.54 15.27
CA LEU B 120 -4.42 -5.93 16.24
C LEU B 120 -5.08 -6.11 17.61
N VAL B 121 -4.90 -7.28 18.22
CA VAL B 121 -5.36 -7.52 19.59
C VAL B 121 -4.14 -7.65 20.49
N LEU B 122 -4.17 -7.03 21.65
CA LEU B 122 -3.13 -7.17 22.66
C LEU B 122 -3.75 -7.90 23.81
N HIS B 123 -3.26 -9.10 24.06
CA HIS B 123 -3.78 -9.95 25.12
C HIS B 123 -2.91 -9.78 26.36
N TYR B 124 -3.55 -9.71 27.53
CA TYR B 124 -2.84 -9.68 28.80
C TYR B 124 -3.88 -9.99 29.87
N GLY B 125 -3.45 -10.58 30.99
CA GLY B 125 -4.36 -11.02 32.05
C GLY B 125 -4.69 -10.07 33.20
N ASN B 126 -4.81 -8.78 32.90
CA ASN B 126 -5.15 -7.77 33.93
C ASN B 126 -5.54 -6.47 33.28
N ASP B 127 -6.53 -5.79 33.87
CA ASP B 127 -7.10 -4.54 33.30
C ASP B 127 -6.09 -3.37 33.24
N ILE B 128 -5.07 -3.44 34.10
CA ILE B 128 -3.92 -2.52 34.09
C ILE B 128 -3.39 -2.20 32.69
N LEU B 129 -3.44 -3.17 31.77
CA LEU B 129 -3.06 -2.94 30.38
C LEU B 129 -3.77 -1.75 29.78
N ASN B 130 -5.05 -1.58 30.13
CA ASN B 130 -5.81 -0.43 29.65
C ASN B 130 -5.26 0.90 30.23
N TYR B 131 -4.85 0.90 31.50
CA TYR B 131 -4.12 2.05 32.08
C TYR B 131 -2.81 2.30 31.33
N ILE B 132 -2.09 1.22 31.02
CA ILE B 132 -0.79 1.32 30.35
C ILE B 132 -0.93 2.01 28.94
N VAL B 133 -1.92 1.60 28.16
CA VAL B 133 -2.17 2.20 26.83
C VAL B 133 -2.73 3.62 27.01
N SER B 134 -3.46 3.85 28.10
CA SER B 134 -4.03 5.17 28.38
C SER B 134 -2.99 6.24 28.72
N THR B 135 -1.87 5.84 29.31
CA THR B 135 -0.79 6.79 29.54
C THR B 135 -0.20 7.38 28.24
N TRP B 136 -0.35 6.62 27.15
CA TRP B 136 0.14 7.03 25.83
C TRP B 136 -0.77 7.99 25.01
N ARG B 137 -1.79 8.55 25.64
CA ARG B 137 -2.75 9.48 25.00
C ARG B 137 -2.23 10.54 24.05
N TYR B 138 -1.17 11.22 24.51
CA TYR B 138 -0.64 12.40 23.87
C TYR B 138 0.30 12.14 22.70
N PHE B 139 0.82 10.91 22.60
CA PHE B 139 1.78 10.54 21.54
C PHE B 139 1.48 9.30 20.69
N VAL B 140 0.30 8.70 20.88
CA VAL B 140 -0.16 7.61 20.01
C VAL B 140 -1.61 7.90 19.60
N PHE B 141 -1.88 7.70 18.30
CA PHE B 141 -3.18 7.96 17.66
C PHE B 141 -3.15 7.46 16.19
N ARG B 142 -3.87 6.38 15.88
CA ARG B 142 -3.96 5.88 14.49
C ARG B 142 -5.38 5.65 14.01
N PHE B 143 -5.59 5.96 12.73
CA PHE B 143 -6.92 6.22 12.16
C PHE B 143 -7.56 4.93 11.70
N GLY B 144 -6.85 4.18 10.85
CA GLY B 144 -7.33 2.90 10.31
C GLY B 144 -6.64 1.73 10.97
N ILE B 145 -7.06 1.42 12.20
CA ILE B 145 -6.48 0.33 13.00
C ILE B 145 -7.49 -0.04 14.09
N ASP B 146 -8.06 -1.23 13.98
CA ASP B 146 -8.96 -1.74 15.00
C ASP B 146 -8.09 -2.41 16.07
N LEU B 147 -7.60 -1.59 16.99
CA LEU B 147 -6.81 -2.06 18.12
C LEU B 147 -7.72 -2.41 19.30
N ASN B 148 -7.61 -3.65 19.76
CA ASN B 148 -8.38 -4.13 20.90
C ASN B 148 -7.46 -4.62 22.00
N ASP B 149 -7.75 -4.23 23.24
CA ASP B 149 -7.09 -4.75 24.44
C ASP B 149 -7.91 -5.90 25.07
N HIS B 150 -7.58 -7.14 24.69
CA HIS B 150 -8.24 -8.32 25.26
C HIS B 150 -7.69 -8.68 26.64
N ILE B 151 -8.45 -8.34 27.68
CA ILE B 151 -8.14 -8.76 29.04
C ILE B 151 -8.66 -10.19 29.25
N MSE B 152 -7.74 -11.07 29.70
CA MSE B 152 -8.02 -12.49 29.90
C MSE B 152 -8.20 -12.70 31.37
O MSE B 152 -7.40 -12.24 32.19
CB MSE B 152 -6.88 -13.37 29.36
CG MSE B 152 -6.69 -13.05 27.88
SE MSE B 152 -5.75 -14.44 26.85
CE MSE B 152 -7.12 -15.84 26.96
N LYS B 153 -9.28 -13.39 31.73
CA LYS B 153 -9.44 -13.93 33.08
C LYS B 153 -8.49 -15.10 33.22
N ASP B 154 -8.32 -15.56 34.45
CA ASP B 154 -7.48 -16.72 34.73
C ASP B 154 -8.11 -17.98 34.12
N LYS B 155 -7.31 -18.70 33.33
CA LYS B 155 -7.74 -19.90 32.60
C LYS B 155 -8.72 -19.67 31.43
N GLU B 156 -9.09 -18.42 31.16
CA GLU B 156 -9.78 -18.10 29.90
C GLU B 156 -8.98 -18.66 28.70
N VAL B 157 -9.68 -19.02 27.64
CA VAL B 157 -9.04 -19.61 26.47
C VAL B 157 -9.48 -18.90 25.20
N TYR B 158 -8.57 -18.09 24.64
CA TYR B 158 -8.75 -17.49 23.33
C TYR B 158 -8.53 -18.56 22.26
N LYS B 159 -9.61 -18.91 21.57
CA LYS B 159 -9.57 -19.78 20.39
C LYS B 159 -9.55 -18.95 19.10
N ASP B 160 -8.85 -19.49 18.11
CA ASP B 160 -8.60 -18.86 16.81
C ASP B 160 -8.90 -20.00 15.86
N LYS B 161 -8.93 -19.75 14.56
CA LYS B 161 -9.11 -20.85 13.57
C LYS B 161 -7.91 -21.80 13.47
N ILE B 162 -6.80 -21.45 14.10
CA ILE B 162 -5.55 -22.18 13.99
C ILE B 162 -4.89 -22.50 15.36
N ILE B 163 -5.32 -21.84 16.45
CA ILE B 163 -4.52 -21.76 17.68
C ILE B 163 -5.42 -21.53 18.90
N ALA B 164 -4.99 -22.03 20.05
CA ALA B 164 -5.78 -21.84 21.27
C ALA B 164 -4.82 -21.58 22.38
N VAL B 165 -5.11 -20.57 23.20
CA VAL B 165 -4.15 -20.06 24.18
C VAL B 165 -4.83 -19.89 25.53
N LYS B 166 -4.49 -20.79 26.46
CA LYS B 166 -5.06 -20.76 27.80
C LYS B 166 -4.18 -19.90 28.69
N SER B 167 -4.75 -18.86 29.31
CA SER B 167 -3.96 -17.92 30.13
C SER B 167 -3.95 -18.35 31.59
N PHE B 168 -2.76 -18.46 32.18
CA PHE B 168 -2.61 -18.71 33.62
C PHE B 168 -1.98 -17.49 34.29
N ASN B 169 -2.69 -16.89 35.24
CA ASN B 169 -2.23 -15.68 35.95
C ASN B 169 -1.74 -16.06 37.32
N VAL B 170 -0.49 -15.75 37.62
CA VAL B 170 0.11 -16.02 38.93
C VAL B 170 0.24 -14.70 39.64
N LEU B 171 -0.13 -14.66 40.91
CA LEU B 171 0.10 -13.45 41.70
C LEU B 171 1.37 -13.64 42.49
N LYS B 172 2.11 -12.56 42.70
CA LYS B 172 3.31 -12.58 43.57
C LYS B 172 2.93 -12.88 45.03
N ASN B 173 1.82 -12.29 45.44
CA ASN B 173 1.29 -12.40 46.80
C ASN B 173 0.80 -13.82 47.08
N GLY B 174 0.29 -14.48 46.05
CA GLY B 174 0.04 -15.94 46.05
C GLY B 174 -1.39 -16.36 46.28
N GLY B 175 -2.31 -15.76 45.52
CA GLY B 175 -3.74 -16.02 45.63
C GLY B 175 -4.33 -16.45 44.30
N GLU B 176 -5.64 -16.24 44.14
CA GLU B 176 -6.39 -16.50 42.88
C GLU B 176 -6.77 -15.22 42.08
N ASP B 177 -7.07 -14.13 42.81
CA ASP B 177 -7.50 -12.83 42.27
C ASP B 177 -8.09 -12.01 43.44
N ARG B 178 -9.19 -12.53 43.98
CA ARG B 178 -10.01 -11.89 45.03
C ARG B 178 -10.57 -10.52 44.61
N LEU B 179 -9.82 -9.44 44.86
CA LEU B 179 -10.25 -8.09 44.51
C LEU B 179 -9.61 -7.62 43.20
N GLY B 180 -10.38 -6.84 42.43
CA GLY B 180 -9.90 -6.26 41.17
C GLY B 180 -9.03 -5.03 41.38
N VAL B 181 -8.52 -4.50 40.27
CA VAL B 181 -7.67 -3.28 40.27
C VAL B 181 -8.49 -1.99 40.09
N PHE B 182 -9.55 -2.06 39.29
CA PHE B 182 -10.37 -0.90 38.96
C PHE B 182 -11.87 -1.19 39.16
N ASP B 183 -12.63 -0.12 39.44
CA ASP B 183 -14.11 -0.17 39.46
C ASP B 183 -14.60 -0.55 38.08
N SER B 184 -15.90 -0.81 37.98
CA SER B 184 -16.55 -1.03 36.67
C SER B 184 -16.65 0.29 35.91
N PHE B 185 -16.71 1.38 36.67
CA PHE B 185 -16.63 2.75 36.17
C PHE B 185 -15.27 3.01 35.53
N GLN B 186 -14.23 2.77 36.31
CA GLN B 186 -12.86 3.02 35.90
C GLN B 186 -12.49 2.17 34.69
N LYS B 187 -12.76 0.86 34.74
CA LYS B 187 -12.60 -0.04 33.57
C LYS B 187 -13.17 0.54 32.26
N GLY B 188 -14.32 1.22 32.37
CA GLY B 188 -15.01 1.77 31.21
C GLY B 188 -14.34 3.01 30.63
N VAL B 189 -14.12 4.01 31.49
CA VAL B 189 -13.37 5.22 31.11
C VAL B 189 -11.98 4.89 30.54
N LEU B 190 -11.23 4.02 31.21
CA LEU B 190 -9.98 3.47 30.65
C LEU B 190 -10.23 2.89 29.25
N ARG B 191 -11.21 2.00 29.15
CA ARG B 191 -11.58 1.40 27.85
C ARG B 191 -12.04 2.40 26.78
N SER B 192 -12.60 3.53 27.22
CA SER B 192 -13.03 4.63 26.32
C SER B 192 -11.84 5.40 25.76
N ILE B 193 -10.94 5.79 26.66
CA ILE B 193 -9.71 6.50 26.34
C ILE B 193 -8.91 5.76 25.26
N VAL B 194 -8.76 4.44 25.44
CA VAL B 194 -8.06 3.55 24.48
C VAL B 194 -8.80 3.49 23.15
N ALA B 195 -10.13 3.52 23.23
CA ALA B 195 -10.97 3.52 22.04
C ALA B 195 -10.78 4.82 21.23
N LYS B 196 -10.65 5.96 21.91
CA LYS B 196 -10.42 7.25 21.21
C LYS B 196 -9.09 7.31 20.47
N MSE B 197 -8.09 6.59 20.94
CA MSE B 197 -6.80 6.52 20.25
C MSE B 197 -6.80 5.78 18.94
O MSE B 197 -5.92 5.99 18.11
CB MSE B 197 -5.80 5.82 21.16
CG MSE B 197 -5.45 6.74 22.31
SE MSE B 197 -4.30 5.72 23.51
CE MSE B 197 -5.13 6.49 25.08
N PHE B 198 -7.76 4.90 18.73
CA PHE B 198 -7.83 4.12 17.50
C PHE B 198 -9.25 4.14 17.00
N PRO B 199 -9.67 5.26 16.39
CA PRO B 199 -11.07 5.50 16.06
C PRO B 199 -11.44 4.88 14.72
N LYS B 200 -12.73 4.83 14.43
CA LYS B 200 -13.23 4.20 13.21
C LYS B 200 -12.77 4.88 11.90
N HIS B 201 -12.82 6.22 11.84
CA HIS B 201 -12.37 7.02 10.67
C HIS B 201 -11.50 8.20 11.11
N ALA B 202 -10.84 8.82 10.13
CA ALA B 202 -9.98 9.97 10.39
C ALA B 202 -10.80 11.23 10.76
N PRO B 203 -10.26 12.09 11.67
CA PRO B 203 -10.83 13.43 11.85
C PRO B 203 -10.26 14.42 10.79
N THR B 204 -10.34 15.74 11.02
CA THR B 204 -9.67 16.74 10.15
C THR B 204 -8.15 16.62 10.31
N ASP B 205 -7.40 16.92 9.24
CA ASP B 205 -5.92 16.77 9.20
C ASP B 205 -5.14 17.70 10.15
N ARG B 206 -5.80 18.73 10.68
CA ARG B 206 -5.26 19.56 11.75
C ARG B 206 -5.01 18.83 13.09
N TYR B 207 -5.70 17.70 13.32
CA TYR B 207 -5.71 17.03 14.65
C TYR B 207 -4.33 16.71 15.23
N ASP B 208 -3.90 17.58 16.15
CA ASP B 208 -2.72 17.37 16.97
C ASP B 208 -3.25 16.84 18.30
N PRO B 209 -2.96 15.55 18.64
CA PRO B 209 -3.35 14.95 19.95
C PRO B 209 -2.90 15.74 21.20
N SER B 210 -1.76 16.43 21.09
CA SER B 210 -1.22 17.34 22.13
C SER B 210 -2.15 18.50 22.46
N SER B 211 -2.64 19.13 21.39
CA SER B 211 -3.57 20.25 21.47
C SER B 211 -5.05 19.77 21.53
N ASP B 212 -5.29 18.70 22.29
CA ASP B 212 -6.64 18.26 22.61
C ASP B 212 -6.86 18.57 24.09
N PRO B 213 -7.97 19.25 24.44
CA PRO B 213 -8.38 19.38 25.85
C PRO B 213 -9.20 18.19 26.42
N HIS B 214 -9.79 17.38 25.54
CA HIS B 214 -10.65 16.24 25.96
C HIS B 214 -9.80 15.10 26.49
N LEU B 215 -8.54 15.05 26.04
CA LEU B 215 -7.55 14.06 26.50
C LEU B 215 -6.79 14.47 27.77
N ASN B 216 -6.91 15.72 28.22
CA ASN B 216 -6.40 16.10 29.55
C ASN B 216 -7.40 15.63 30.61
N VAL B 217 -7.36 14.33 30.89
CA VAL B 217 -8.23 13.65 31.85
C VAL B 217 -7.38 13.08 32.97
N GLU B 218 -7.81 13.31 34.22
CA GLU B 218 -7.14 12.74 35.39
C GLU B 218 -7.40 11.22 35.45
N LEU B 219 -6.35 10.42 35.25
CA LEU B 219 -6.48 8.95 35.33
C LEU B 219 -6.71 8.51 36.78
N PRO B 220 -7.26 7.30 36.99
CA PRO B 220 -7.55 6.81 38.35
C PRO B 220 -6.32 6.38 39.11
N ASP B 221 -6.21 6.86 40.34
CA ASP B 221 -4.99 6.65 41.14
C ASP B 221 -4.85 5.16 41.49
N LEU B 222 -3.61 4.69 41.55
CA LEU B 222 -3.33 3.26 41.69
C LEU B 222 -3.12 2.85 43.15
N ASP B 223 -4.22 2.37 43.75
CA ASP B 223 -4.27 1.94 45.16
C ASP B 223 -4.55 0.44 45.33
N ALA B 224 -5.27 -0.14 44.37
CA ALA B 224 -5.57 -1.59 44.33
C ALA B 224 -4.91 -2.30 43.13
N LYS B 225 -3.70 -1.86 42.75
CA LYS B 225 -2.88 -2.54 41.73
C LYS B 225 -2.40 -3.87 42.28
N VAL B 226 -2.42 -4.90 41.44
CA VAL B 226 -1.91 -6.24 41.81
C VAL B 226 -0.64 -6.60 41.00
N GLU B 227 0.28 -7.31 41.65
CA GLU B 227 1.46 -7.83 40.98
C GLU B 227 1.06 -9.18 40.39
N VAL B 228 1.10 -9.29 39.06
CA VAL B 228 0.66 -10.50 38.35
C VAL B 228 1.56 -10.87 37.19
N SER B 229 1.89 -12.16 37.07
CA SER B 229 2.54 -12.69 35.87
C SER B 229 1.57 -13.51 35.05
N THR B 230 1.29 -13.04 33.83
CA THR B 230 0.43 -13.75 32.92
C THR B 230 1.30 -14.73 32.14
N ASN B 231 0.89 -16.00 32.15
CA ASN B 231 1.57 -17.06 31.44
C ASN B 231 0.55 -17.66 30.52
N TYR B 232 1.03 -18.37 29.51
CA TYR B 232 0.17 -18.87 28.44
C TYR B 232 0.49 -20.31 28.09
N GLU B 233 -0.54 -21.10 27.78
CA GLU B 233 -0.40 -22.42 27.19
C GLU B 233 -0.97 -22.37 25.78
N ILE B 234 -0.07 -22.48 24.80
CA ILE B 234 -0.42 -22.59 23.39
C ILE B 234 -0.74 -24.06 23.12
N SER B 235 -1.83 -24.29 22.39
CA SER B 235 -2.10 -25.56 21.72
C SER B 235 -2.43 -25.22 20.28
N PHE B 236 -2.18 -26.15 19.39
CA PHE B 236 -2.61 -26.03 18.00
C PHE B 236 -3.86 -26.89 17.71
N SER B 237 -4.72 -26.42 16.82
CA SER B 237 -5.92 -27.15 16.41
C SER B 237 -5.54 -28.35 15.54
N PRO B 238 -6.06 -29.56 15.83
CA PRO B 238 -5.54 -30.75 15.13
C PRO B 238 -5.96 -30.85 13.66
N VAL B 239 -5.05 -31.33 12.79
CA VAL B 239 -5.31 -31.45 11.35
C VAL B 239 -6.20 -32.68 11.02
N ARG B 240 -7.02 -32.56 9.97
CA ARG B 240 -7.97 -33.62 9.51
C ARG B 240 -9.00 -34.05 10.57
N GLU B 283 -12.15 -41.01 8.74
CA GLU B 283 -10.71 -40.73 8.59
C GLU B 283 -10.08 -40.26 9.89
N ASN B 284 -8.79 -40.57 10.07
CA ASN B 284 -8.04 -40.21 11.30
C ASN B 284 -7.50 -38.76 11.27
N GLU B 285 -7.18 -38.27 12.47
CA GLU B 285 -6.70 -36.90 12.69
C GLU B 285 -5.33 -36.92 13.36
N ARG B 286 -4.46 -35.98 12.98
CA ARG B 286 -3.12 -35.86 13.53
C ARG B 286 -3.04 -34.64 14.48
N HIS B 287 -2.38 -34.82 15.62
CA HIS B 287 -2.37 -33.82 16.72
C HIS B 287 -1.00 -33.14 16.89
N PHE B 288 -0.99 -32.08 17.71
CA PHE B 288 0.18 -31.25 18.04
C PHE B 288 0.46 -31.26 19.54
N ALA B 289 1.72 -31.01 19.91
CA ALA B 289 2.10 -30.83 21.31
C ALA B 289 1.61 -29.50 21.88
N LYS B 290 1.40 -29.48 23.20
CA LYS B 290 1.14 -28.24 23.95
C LYS B 290 2.47 -27.56 24.31
N VAL B 291 2.57 -26.24 24.09
CA VAL B 291 3.72 -25.45 24.54
C VAL B 291 3.27 -24.49 25.65
N LEU B 292 4.18 -24.25 26.61
CA LEU B 292 3.91 -23.44 27.78
C LEU B 292 4.92 -22.30 27.83
N ILE B 293 4.42 -21.07 28.01
CA ILE B 293 5.23 -19.85 28.07
C ILE B 293 5.13 -19.34 29.51
N LEU B 294 6.27 -19.37 30.22
CA LEU B 294 6.34 -18.97 31.63
C LEU B 294 7.22 -17.76 31.87
N ASP B 295 6.72 -16.88 32.74
CA ASP B 295 7.36 -15.61 33.05
C ASP B 295 7.53 -15.43 34.56
N ILE B 296 8.72 -15.78 35.04
CA ILE B 296 9.08 -15.53 36.42
C ILE B 296 9.99 -14.31 36.45
N PRO B 297 9.53 -13.19 37.07
CA PRO B 297 10.35 -11.97 37.17
C PRO B 297 11.37 -11.98 38.29
N ASP B 298 10.91 -12.22 39.51
CA ASP B 298 11.78 -12.24 40.70
C ASP B 298 11.82 -13.63 41.25
N ASP B 299 12.68 -13.83 42.24
CA ASP B 299 12.61 -15.01 43.12
C ASP B 299 11.30 -15.07 43.89
N LEU B 300 10.81 -13.93 44.34
CA LEU B 300 9.64 -13.89 45.23
C LEU B 300 8.33 -14.45 44.59
N TYR B 301 8.25 -14.40 43.26
CA TYR B 301 7.17 -15.07 42.48
C TYR B 301 7.22 -16.60 42.53
N LEU B 302 8.37 -17.15 42.90
CA LEU B 302 8.60 -18.59 42.77
C LEU B 302 7.78 -19.47 43.74
N ASN B 303 7.57 -19.01 44.96
CA ASN B 303 6.68 -19.74 45.89
C ASN B 303 5.28 -19.88 45.29
N ALA B 304 4.79 -18.82 44.64
CA ALA B 304 3.48 -18.81 43.97
C ALA B 304 3.43 -19.56 42.62
N PHE B 305 4.56 -19.61 41.91
CA PHE B 305 4.65 -20.40 40.69
C PHE B 305 4.57 -21.91 40.95
N VAL B 306 5.19 -22.40 42.02
CA VAL B 306 5.03 -23.83 42.39
C VAL B 306 3.58 -24.13 42.77
N GLU B 307 2.94 -23.28 43.58
CA GLU B 307 1.50 -23.49 43.93
C GLU B 307 0.60 -23.54 42.68
N LYS B 308 0.86 -22.67 41.71
CA LYS B 308 0.06 -22.63 40.50
C LYS B 308 0.17 -23.92 39.70
N PHE B 309 1.37 -24.42 39.50
CA PHE B 309 1.61 -25.56 38.60
C PHE B 309 2.01 -26.87 39.30
N LYS B 310 1.83 -26.95 40.63
CA LYS B 310 2.17 -28.18 41.42
C LYS B 310 1.42 -29.40 40.91
N ASP B 311 0.19 -29.17 40.45
CA ASP B 311 -0.65 -30.21 39.88
C ASP B 311 -1.01 -29.91 38.42
N TYR B 312 -0.04 -29.46 37.64
CA TYR B 312 -0.27 -29.22 36.20
C TYR B 312 -0.12 -30.55 35.46
N ASP B 313 -1.11 -30.88 34.61
CA ASP B 313 -1.08 -32.11 33.80
C ASP B 313 -0.14 -31.91 32.61
N CYS B 314 1.01 -32.58 32.64
CA CYS B 314 1.99 -32.47 31.54
C CYS B 314 1.84 -33.58 30.50
N ALA B 315 0.61 -33.98 30.19
CA ALA B 315 0.38 -35.17 29.33
C ALA B 315 0.91 -34.97 27.92
N GLU B 316 0.41 -33.92 27.25
CA GLU B 316 0.80 -33.62 25.87
C GLU B 316 1.92 -32.55 25.75
N LEU B 317 2.28 -31.95 26.89
CA LEU B 317 3.40 -30.98 27.03
C LEU B 317 4.72 -31.41 26.35
N GLY B 318 5.11 -30.73 25.27
CA GLY B 318 6.35 -30.98 24.54
C GLY B 318 7.51 -30.05 24.88
N MSE B 319 7.21 -28.82 25.27
CA MSE B 319 8.24 -27.80 25.56
C MSE B 319 7.72 -26.73 26.49
O MSE B 319 6.56 -26.37 26.43
CB MSE B 319 8.73 -27.23 24.23
CG MSE B 319 9.36 -25.84 24.24
SE MSE B 319 10.93 -25.69 23.08
CE MSE B 319 10.61 -27.01 21.67
N VAL B 320 8.61 -26.24 27.35
CA VAL B 320 8.33 -25.13 28.26
C VAL B 320 9.33 -24.00 28.02
N TYR B 321 8.81 -22.80 27.87
CA TYR B 321 9.63 -21.60 27.72
C TYR B 321 9.70 -20.84 29.08
N TYR B 322 10.91 -20.67 29.59
CA TYR B 322 11.14 -19.94 30.84
C TYR B 322 11.75 -18.56 30.56
N PHE B 323 10.89 -17.54 30.57
CA PHE B 323 11.36 -16.18 30.49
C PHE B 323 11.64 -15.73 31.92
N LEU B 324 12.84 -16.06 32.39
CA LEU B 324 13.29 -15.71 33.74
C LEU B 324 13.83 -14.29 33.75
N GLY B 325 13.50 -13.57 34.82
CA GLY B 325 13.89 -12.17 34.96
C GLY B 325 15.28 -12.00 35.49
N ASP B 326 15.83 -10.82 35.32
CA ASP B 326 17.21 -10.53 35.75
C ASP B 326 17.41 -10.82 37.23
N GLU B 327 16.40 -10.51 38.04
CA GLU B 327 16.47 -10.68 39.49
C GLU B 327 16.00 -12.07 39.92
N VAL B 328 16.39 -13.10 39.17
CA VAL B 328 16.10 -14.50 39.49
C VAL B 328 17.44 -15.19 39.67
N THR B 329 17.60 -15.84 40.82
CA THR B 329 18.81 -16.58 41.13
C THR B 329 18.73 -17.92 40.42
N ILE B 330 19.84 -18.39 39.88
CA ILE B 330 19.94 -19.74 39.29
C ILE B 330 20.40 -20.76 40.36
N ASN B 331 19.43 -21.22 41.16
CA ASN B 331 19.67 -22.08 42.32
C ASN B 331 18.77 -23.33 42.40
N ASP B 332 18.93 -24.13 43.45
CA ASP B 332 18.15 -25.35 43.65
C ASP B 332 16.63 -25.08 43.67
N ASN B 333 16.23 -24.00 44.36
CA ASN B 333 14.79 -23.70 44.53
C ASN B 333 14.11 -23.29 43.21
N LEU B 334 14.89 -22.77 42.25
CA LEU B 334 14.39 -22.53 40.89
C LEU B 334 14.09 -23.84 40.21
N PHE B 335 15.08 -24.72 40.18
CA PHE B 335 14.95 -26.05 39.55
C PHE B 335 14.04 -27.04 40.28
N ALA B 336 13.68 -26.77 41.54
CA ALA B 336 12.54 -27.47 42.18
C ALA B 336 11.28 -27.27 41.33
N PHE B 337 11.06 -26.02 40.91
CA PHE B 337 9.92 -25.66 40.06
C PHE B 337 10.03 -26.24 38.63
N ILE B 338 11.21 -26.16 38.02
CA ILE B 338 11.41 -26.68 36.65
C ILE B 338 11.20 -28.20 36.58
N ASP B 339 11.69 -28.91 37.60
CA ASP B 339 11.52 -30.38 37.74
C ASP B 339 10.06 -30.85 37.67
N ILE B 340 9.11 -29.97 37.94
CA ILE B 340 7.69 -30.29 37.75
C ILE B 340 7.41 -30.72 36.29
N PHE B 341 8.05 -30.07 35.33
CA PHE B 341 7.81 -30.32 33.90
C PHE B 341 8.93 -31.17 33.27
N GLU B 342 9.45 -32.15 34.02
CA GLU B 342 10.51 -33.04 33.54
C GLU B 342 10.01 -33.99 32.47
N LYS B 343 8.81 -34.50 32.65
CA LYS B 343 8.36 -35.69 31.94
C LYS B 343 6.89 -35.62 31.58
N ASN B 344 6.59 -35.94 30.32
CA ASN B 344 5.24 -36.09 29.80
C ASN B 344 4.94 -37.59 29.62
N ASN B 345 3.69 -37.93 29.27
CA ASN B 345 3.27 -39.32 29.03
C ASN B 345 4.16 -40.05 28.05
N TYR B 346 4.50 -39.39 26.96
CA TYR B 346 5.18 -40.03 25.82
C TYR B 346 6.71 -40.06 25.94
N GLY B 347 7.27 -39.21 26.80
CA GLY B 347 8.73 -39.12 26.96
C GLY B 347 9.16 -37.95 27.84
N LYS B 348 10.40 -37.50 27.65
CA LYS B 348 10.94 -36.33 28.37
C LYS B 348 10.58 -35.02 27.66
N VAL B 349 10.24 -34.01 28.47
CA VAL B 349 9.86 -32.67 28.00
C VAL B 349 11.12 -31.83 27.78
N ASN B 350 11.13 -31.02 26.72
CA ASN B 350 12.23 -30.10 26.44
C ASN B 350 12.05 -28.74 27.12
N HIS B 351 13.17 -28.11 27.44
CA HIS B 351 13.17 -26.92 28.27
C HIS B 351 14.01 -25.83 27.60
N MSE B 352 13.45 -24.62 27.58
CA MSE B 352 14.05 -23.48 26.92
C MSE B 352 14.09 -22.33 27.91
O MSE B 352 13.06 -21.80 28.33
CB MSE B 352 13.25 -23.19 25.66
CG MSE B 352 13.98 -22.16 24.83
SE MSE B 352 15.39 -22.85 23.64
CE MSE B 352 14.29 -23.90 22.37
N ILE B 353 15.31 -21.93 28.25
CA ILE B 353 15.60 -20.97 29.32
C ILE B 353 16.06 -19.67 28.68
N SER B 354 15.41 -18.56 29.08
CA SER B 354 15.88 -17.20 28.75
C SER B 354 16.27 -16.42 30.00
N HIS B 355 17.55 -16.02 30.09
CA HIS B 355 18.07 -15.34 31.29
C HIS B 355 19.28 -14.46 30.99
N ASN B 356 19.41 -13.39 31.80
CA ASN B 356 20.55 -12.44 31.74
C ASN B 356 21.92 -13.03 32.15
N LYS B 357 21.93 -14.24 32.72
CA LYS B 357 23.15 -14.96 33.14
C LYS B 357 23.26 -16.36 32.47
N ILE B 358 22.66 -16.51 31.28
CA ILE B 358 22.55 -17.80 30.58
C ILE B 358 22.55 -17.54 29.05
N SER B 359 21.54 -16.80 28.58
CA SER B 359 21.43 -16.46 27.15
C SER B 359 22.59 -15.52 26.79
N PRO B 360 23.30 -15.77 25.69
CA PRO B 360 24.48 -14.97 25.32
C PRO B 360 24.23 -13.48 25.04
N ASN B 361 25.24 -12.65 25.30
CA ASN B 361 25.18 -11.21 25.00
C ASN B 361 25.68 -10.93 23.56
N THR B 362 25.08 -11.62 22.61
CA THR B 362 25.40 -11.43 21.21
C THR B 362 25.00 -10.02 20.82
N ILE B 363 25.61 -9.55 19.75
CA ILE B 363 25.23 -8.30 19.15
C ILE B 363 23.83 -8.47 18.56
N SER B 364 22.96 -7.49 18.79
CA SER B 364 21.59 -7.58 18.31
C SER B 364 21.43 -6.82 17.03
N PHE B 365 22.19 -5.76 16.85
CA PHE B 365 22.13 -4.95 15.64
C PHE B 365 23.51 -4.95 15.00
N PHE B 366 23.71 -5.93 14.13
CA PHE B 366 24.99 -6.15 13.45
C PHE B 366 25.31 -5.06 12.44
N GLY B 367 24.38 -4.76 11.55
CA GLY B 367 24.56 -3.70 10.55
C GLY B 367 25.07 -2.38 11.10
N SER B 368 24.55 -1.99 12.26
CA SER B 368 25.04 -0.82 13.01
C SER B 368 26.40 -1.08 13.68
N ALA B 369 26.61 -2.31 14.16
CA ALA B 369 27.91 -2.73 14.69
C ALA B 369 29.03 -2.71 13.64
N LEU B 370 28.69 -3.14 12.43
CA LEU B 370 29.59 -3.08 11.28
C LEU B 370 30.05 -1.64 11.04
N THR B 371 29.08 -0.76 10.77
CA THR B 371 29.36 0.60 10.32
C THR B 371 30.09 1.41 11.40
N THR B 372 29.85 1.11 12.68
CA THR B 372 30.58 1.81 13.76
C THR B 372 32.06 1.42 13.73
N LEU B 373 32.35 0.17 13.36
CA LEU B 373 33.73 -0.30 13.14
C LEU B 373 34.38 0.44 11.97
N LYS B 374 33.71 0.48 10.83
CA LYS B 374 34.23 1.23 9.70
C LYS B 374 34.44 2.70 10.05
N LEU B 375 33.44 3.36 10.64
CA LEU B 375 33.57 4.76 11.08
C LEU B 375 34.77 5.00 12.03
N LYS B 376 35.06 4.02 12.87
CA LYS B 376 36.19 4.05 13.80
C LYS B 376 37.56 3.93 13.11
N ALA B 377 37.62 3.10 12.07
CA ALA B 377 38.83 2.94 11.27
C ALA B 377 39.25 4.31 10.71
N LEU B 378 38.29 5.03 10.15
CA LEU B 378 38.49 6.41 9.70
C LEU B 378 38.89 7.39 10.82
N GLN B 379 38.29 7.24 12.01
CA GLN B 379 38.70 8.01 13.20
C GLN B 379 38.38 7.31 14.55
N VAL B 380 39.28 6.42 14.97
CA VAL B 380 39.36 6.00 16.39
C VAL B 380 39.42 7.24 17.29
N ASN B 381 39.21 7.05 18.59
CA ASN B 381 39.08 8.18 19.57
C ASN B 381 37.68 8.81 19.55
N ASN B 382 36.89 8.58 18.50
CA ASN B 382 35.51 9.01 18.44
C ASN B 382 34.47 7.89 18.61
N TYR B 383 34.93 6.67 18.84
CA TYR B 383 34.03 5.53 18.96
C TYR B 383 34.55 4.48 19.95
N ASN B 384 33.63 3.68 20.44
CA ASN B 384 33.92 2.50 21.21
C ASN B 384 33.34 1.38 20.39
N LEU B 385 33.97 0.22 20.42
CA LEU B 385 33.38 -0.94 19.79
C LEU B 385 32.28 -1.44 20.70
N PRO B 386 31.15 -1.92 20.12
CA PRO B 386 30.14 -2.56 20.93
C PRO B 386 30.70 -3.68 21.79
N LYS B 387 30.18 -3.80 23.00
CA LYS B 387 30.59 -4.83 23.95
C LYS B 387 29.79 -6.11 23.70
N THR B 388 30.37 -7.24 24.08
CA THR B 388 29.67 -8.54 24.10
C THR B 388 29.88 -9.32 25.40
N ASP B 389 30.50 -8.71 26.39
CA ASP B 389 30.90 -9.46 27.57
C ASP B 389 29.69 -9.69 28.45
N ARG B 390 29.72 -10.79 29.18
CA ARG B 390 28.68 -11.13 30.13
C ARG B 390 29.13 -12.21 31.10
N VAL B 391 28.72 -12.10 32.36
CA VAL B 391 28.92 -13.21 33.31
C VAL B 391 27.81 -14.22 33.05
N PHE B 392 28.15 -15.51 33.14
CA PHE B 392 27.22 -16.62 32.90
C PHE B 392 27.16 -17.50 34.14
N SER B 393 26.02 -18.14 34.37
CA SER B 393 25.81 -18.92 35.60
C SER B 393 26.67 -20.18 35.58
N LYS B 394 27.65 -20.21 36.48
CA LYS B 394 28.53 -21.37 36.66
C LYS B 394 27.76 -22.59 37.14
N ASP B 395 26.76 -22.39 37.99
CA ASP B 395 25.90 -23.51 38.42
C ASP B 395 25.26 -24.21 37.21
N PHE B 396 24.73 -23.41 36.29
CA PHE B 396 24.10 -23.91 35.06
C PHE B 396 25.06 -24.66 34.15
N TYR B 397 26.16 -23.98 33.79
CA TYR B 397 27.12 -24.47 32.78
C TYR B 397 27.97 -25.64 33.29
N ASP B 398 28.16 -25.73 34.61
CA ASP B 398 28.80 -26.90 35.21
C ASP B 398 27.86 -28.09 35.15
N ARG B 399 26.68 -27.95 35.73
CA ARG B 399 25.66 -29.03 35.78
C ARG B 399 25.14 -29.50 34.38
N PHE B 400 25.31 -28.68 33.34
CA PHE B 400 24.88 -29.05 31.98
C PHE B 400 25.99 -29.05 30.93
N ASP B 401 27.24 -29.11 31.38
CA ASP B 401 28.40 -29.38 30.51
C ASP B 401 28.60 -28.44 29.31
N THR B 402 27.86 -27.34 29.26
CA THR B 402 27.69 -26.60 27.99
C THR B 402 28.99 -25.87 27.60
N PRO B 403 29.30 -25.76 26.28
CA PRO B 403 30.61 -25.29 25.79
C PRO B 403 31.23 -24.09 26.52
N LEU B 404 30.58 -22.93 26.44
CA LEU B 404 31.09 -21.66 27.01
C LEU B 404 32.18 -21.02 26.10
N SER B 405 33.40 -20.82 26.59
CA SER B 405 34.47 -20.07 25.90
C SER B 405 35.76 -20.05 26.73
N ARG B 406 36.81 -19.49 26.12
CA ARG B 406 38.13 -19.25 26.73
C ARG B 406 38.06 -18.59 28.13
N GLY B 407 37.69 -19.41 29.11
CA GLY B 407 37.48 -18.99 30.50
C GLY B 407 36.72 -17.68 30.71
N THR B 408 35.69 -17.44 29.90
CA THR B 408 34.90 -16.20 29.95
C THR B 408 34.29 -16.02 31.34
N SER B 409 33.91 -14.79 31.66
CA SER B 409 33.51 -14.43 33.03
C SER B 409 32.39 -15.30 33.66
N MSE B 410 32.66 -15.84 34.85
CA MSE B 410 31.79 -16.81 35.53
C MSE B 410 31.18 -16.23 36.78
O MSE B 410 31.52 -15.13 37.19
CB MSE B 410 32.65 -18.03 35.90
CG MSE B 410 33.07 -18.90 34.72
SE MSE B 410 31.55 -19.22 33.50
CE MSE B 410 31.24 -21.16 33.75
N CYS B 411 30.27 -16.99 37.37
CA CYS B 411 29.52 -16.53 38.56
C CYS B 411 28.78 -17.69 39.19
N LYS B 412 29.01 -17.94 40.49
CA LYS B 412 28.35 -19.04 41.19
C LYS B 412 27.23 -18.52 42.06
N SER B 413 26.02 -19.00 41.82
CA SER B 413 24.82 -18.61 42.59
C SER B 413 24.77 -19.19 44.00
N GLN B 414 25.34 -20.37 44.16
CA GLN B 414 25.28 -21.13 45.41
C GLN B 414 26.54 -21.94 45.59
N GLU B 415 26.71 -22.47 46.79
CA GLU B 415 27.89 -23.24 47.15
C GLU B 415 27.93 -24.63 46.48
N GLU B 416 26.78 -25.31 46.51
CA GLU B 416 26.60 -26.67 45.96
C GLU B 416 26.52 -26.69 44.43
N PRO B 417 26.58 -27.89 43.82
CA PRO B 417 26.13 -28.01 42.43
C PRO B 417 24.59 -27.98 42.36
N LEU B 418 24.04 -27.74 41.17
CA LEU B 418 22.58 -27.82 40.99
C LEU B 418 22.10 -29.25 41.08
N ASN B 419 21.10 -29.50 41.93
CA ASN B 419 20.43 -30.81 41.91
C ASN B 419 19.15 -30.66 41.13
N THR B 420 19.04 -31.41 40.03
CA THR B 420 17.87 -31.39 39.17
C THR B 420 17.80 -32.68 38.37
N ILE B 421 16.58 -33.19 38.19
CA ILE B 421 16.34 -34.42 37.43
C ILE B 421 16.29 -34.22 35.90
N ILE B 422 16.56 -33.00 35.41
CA ILE B 422 16.56 -32.72 33.97
C ILE B 422 17.84 -33.24 33.32
N GLU B 423 17.70 -33.77 32.11
CA GLU B 423 18.84 -34.30 31.37
C GLU B 423 19.38 -33.20 30.47
N LYS B 424 20.69 -33.18 30.26
CA LYS B 424 21.36 -32.16 29.42
C LYS B 424 20.67 -31.93 28.07
N ASP B 425 20.33 -33.01 27.38
CA ASP B 425 19.80 -32.92 26.02
C ASP B 425 18.37 -32.41 25.98
N ASN B 426 17.73 -32.33 27.14
CA ASN B 426 16.38 -31.74 27.31
C ASN B 426 16.30 -30.27 27.78
N ILE B 427 17.43 -29.57 27.87
CA ILE B 427 17.43 -28.19 28.30
C ILE B 427 18.30 -27.41 27.35
N HIS B 428 17.79 -26.26 26.88
CA HIS B 428 18.57 -25.44 25.95
C HIS B 428 18.47 -23.97 26.31
N ILE B 429 19.45 -23.23 25.80
CA ILE B 429 19.52 -21.77 25.94
C ILE B 429 18.75 -21.03 24.82
N PHE B 430 17.78 -20.19 25.24
CA PHE B 430 17.03 -19.27 24.36
C PHE B 430 17.98 -18.29 23.68
N SER B 431 18.06 -18.36 22.35
CA SER B 431 18.99 -17.54 21.55
C SER B 431 18.31 -17.08 20.26
N GLN B 432 18.85 -16.03 19.66
CA GLN B 432 18.21 -15.42 18.48
C GLN B 432 18.14 -16.37 17.28
N ASN B 433 19.13 -17.26 17.16
CA ASN B 433 19.13 -18.22 16.06
C ASN B 433 18.51 -19.57 16.42
N LYS B 434 18.28 -19.83 17.71
CA LYS B 434 17.74 -21.13 18.17
C LYS B 434 16.24 -21.30 17.83
N THR B 435 15.99 -21.64 16.57
CA THR B 435 14.63 -21.90 16.05
C THR B 435 14.21 -23.34 16.26
N VAL B 436 12.90 -23.58 16.21
CA VAL B 436 12.34 -24.88 16.57
C VAL B 436 10.95 -25.12 15.97
N THR B 437 10.83 -26.23 15.23
CA THR B 437 9.59 -26.60 14.55
C THR B 437 8.79 -27.63 15.35
N PHE B 438 7.48 -27.65 15.12
CA PHE B 438 6.54 -28.59 15.72
C PHE B 438 5.66 -29.15 14.61
N GLU B 439 5.87 -30.40 14.26
CA GLU B 439 5.09 -31.08 13.23
C GLU B 439 3.98 -31.92 13.88
N PRO B 440 3.00 -32.37 13.07
CA PRO B 440 1.94 -33.20 13.64
C PRO B 440 2.34 -34.68 13.68
N PHE B 441 1.64 -35.43 14.51
CA PHE B 441 1.87 -36.87 14.73
C PHE B 441 0.55 -37.52 15.11
N ARG B 442 0.41 -38.81 14.79
CA ARG B 442 -0.75 -39.57 15.28
C ARG B 442 -0.53 -39.90 16.75
N MSE B 443 -1.53 -39.56 17.56
CA MSE B 443 -1.40 -39.53 19.02
C MSE B 443 -1.48 -40.93 19.57
O MSE B 443 -2.38 -41.70 19.19
CB MSE B 443 -2.51 -38.64 19.59
CG MSE B 443 -2.09 -37.96 20.89
SE MSE B 443 -3.69 -37.70 22.02
CE MSE B 443 -4.34 -35.96 21.37
N ASN B 444 -0.56 -41.27 20.48
CA ASN B 444 -0.36 -42.63 21.01
C ASN B 444 0.15 -43.65 19.96
N GLU B 445 0.89 -43.17 18.95
CA GLU B 445 1.52 -44.04 17.93
C GLU B 445 2.98 -43.61 17.69
N GLU B 446 3.19 -42.53 16.94
CA GLU B 446 4.52 -42.04 16.55
C GLU B 446 5.03 -41.11 17.68
N PRO B 447 6.37 -40.89 17.80
CA PRO B 447 6.85 -39.93 18.82
C PRO B 447 6.52 -38.45 18.52
N MSE B 448 6.50 -37.63 19.57
CA MSE B 448 6.18 -36.19 19.46
C MSE B 448 7.26 -35.48 18.69
O MSE B 448 8.28 -35.10 19.27
CB MSE B 448 6.11 -35.54 20.84
CG MSE B 448 4.89 -35.95 21.67
SE MSE B 448 4.56 -34.61 23.08
CE MSE B 448 6.40 -34.52 23.76
N LYS B 449 7.03 -35.28 17.39
CA LYS B 449 8.08 -34.75 16.50
C LYS B 449 8.33 -33.25 16.79
N CYS B 450 9.60 -32.89 16.91
CA CYS B 450 10.02 -31.58 17.41
C CYS B 450 11.52 -31.35 17.19
N ASN B 451 11.88 -30.86 16.01
CA ASN B 451 13.26 -30.53 15.67
C ASN B 451 13.64 -29.19 16.36
N ILE B 452 14.87 -29.09 16.86
CA ILE B 452 15.43 -27.84 17.47
C ILE B 452 16.72 -27.42 16.75
N ASN B 453 16.64 -27.21 15.44
CA ASN B 453 17.80 -26.81 14.63
C ASN B 453 18.29 -25.41 15.05
N GLY B 454 19.21 -25.39 16.02
CA GLY B 454 19.79 -24.15 16.55
C GLY B 454 21.29 -24.23 16.72
N GLU B 455 22.01 -23.46 15.90
CA GLU B 455 23.46 -23.32 15.98
C GLU B 455 23.81 -21.83 15.94
N VAL B 456 24.37 -21.32 17.03
CA VAL B 456 24.63 -19.88 17.18
C VAL B 456 25.81 -19.36 16.30
N ALA B 457 26.50 -20.24 15.58
CA ALA B 457 27.66 -19.89 14.73
C ALA B 457 28.78 -19.28 15.60
N ASP B 458 29.37 -18.14 15.22
CA ASP B 458 30.35 -17.45 16.09
C ASP B 458 30.64 -16.01 15.65
N PHE B 459 31.42 -15.32 16.46
CA PHE B 459 31.74 -13.91 16.31
C PHE B 459 33.24 -13.70 16.56
N SER B 460 33.87 -12.86 15.74
CA SER B 460 35.28 -12.46 15.94
C SER B 460 35.53 -11.09 15.29
N TRP B 461 35.92 -10.10 16.11
CA TRP B 461 36.21 -8.73 15.63
C TRP B 461 37.30 -8.71 14.55
N GLN B 462 38.40 -9.40 14.83
CA GLN B 462 39.55 -9.48 13.94
C GLN B 462 39.21 -10.21 12.61
N GLU B 463 38.31 -11.19 12.68
CA GLU B 463 37.75 -11.85 11.48
C GLU B 463 36.87 -10.87 10.67
N ILE B 464 36.03 -10.11 11.38
CA ILE B 464 35.13 -9.13 10.76
C ILE B 464 35.92 -7.98 10.13
N PHE B 465 37.05 -7.64 10.75
CA PHE B 465 37.93 -6.58 10.24
C PHE B 465 38.45 -6.93 8.85
N GLU B 466 39.21 -8.01 8.74
CA GLU B 466 39.90 -8.33 7.49
C GLU B 466 38.96 -8.70 6.34
N GLU B 467 37.74 -9.14 6.65
CA GLU B 467 36.71 -9.41 5.64
C GLU B 467 36.05 -8.14 5.12
N HIS B 468 35.55 -7.31 6.03
CA HIS B 468 34.66 -6.17 5.71
C HIS B 468 35.30 -4.77 5.63
N VAL B 469 36.37 -4.51 6.39
CA VAL B 469 37.05 -3.18 6.35
C VAL B 469 38.47 -3.13 5.72
N LYS B 470 39.30 -4.15 5.92
CA LYS B 470 40.64 -4.24 5.27
C LYS B 470 40.59 -3.94 3.77
N PRO B 471 39.69 -4.61 3.00
CA PRO B 471 39.62 -4.28 1.56
C PRO B 471 39.52 -2.79 1.23
N LEU B 472 38.80 -2.03 2.06
CA LEU B 472 38.55 -0.61 1.79
C LEU B 472 39.82 0.26 1.88
N GLU B 473 40.81 -0.19 2.66
CA GLU B 473 42.17 0.41 2.69
C GLU B 473 42.20 1.89 3.12
N PHE B 474 41.75 2.13 4.34
CA PHE B 474 41.82 3.46 4.94
C PHE B 474 43.20 3.71 5.56
N PRO B 475 43.65 4.99 5.58
CA PRO B 475 44.95 5.32 6.19
C PRO B 475 45.13 4.78 7.59
N LEU B 476 46.33 4.26 7.85
CA LEU B 476 46.77 3.81 9.20
C LEU B 476 45.88 2.76 9.90
N ALA B 477 44.92 2.21 9.15
CA ALA B 477 43.82 1.44 9.72
C ALA B 477 44.07 -0.04 9.51
N ASP B 478 44.74 -0.65 10.48
CA ASP B 478 45.04 -2.09 10.48
C ASP B 478 44.33 -2.73 11.68
N VAL B 479 44.44 -4.05 11.81
CA VAL B 479 43.68 -4.78 12.85
C VAL B 479 44.14 -4.38 14.26
N ASP B 480 45.42 -4.04 14.42
CA ASP B 480 45.98 -3.67 15.73
C ASP B 480 45.47 -2.32 16.22
N THR B 481 45.69 -1.29 15.40
CA THR B 481 45.42 0.10 15.78
C THR B 481 43.96 0.38 16.15
N VAL B 482 43.03 -0.18 15.38
CA VAL B 482 41.59 0.13 15.53
C VAL B 482 40.87 -0.87 16.44
N ILE B 483 41.17 -2.16 16.31
CA ILE B 483 40.55 -3.18 17.16
C ILE B 483 41.39 -3.52 18.37
N ASN B 484 42.49 -4.24 18.19
CA ASN B 484 43.21 -4.87 19.31
C ASN B 484 43.67 -3.88 20.38
N ASN B 485 44.27 -2.78 19.95
CA ASN B 485 44.71 -1.70 20.87
C ASN B 485 43.57 -0.91 21.57
N GLN B 486 42.38 -0.97 21.00
CA GLN B 486 41.21 -0.24 21.50
C GLN B 486 40.16 -1.11 22.23
N LEU B 487 40.47 -2.37 22.54
CA LEU B 487 39.51 -3.24 23.21
C LEU B 487 39.29 -2.81 24.67
N HIS B 488 40.39 -2.55 25.37
CA HIS B 488 40.32 -2.15 26.77
C HIS B 488 39.93 -0.65 27.03
N VAL B 489 39.73 0.16 25.98
CA VAL B 489 39.56 1.64 26.15
C VAL B 489 38.21 2.25 25.70
N ASP B 490 37.67 3.10 26.57
CA ASP B 490 36.42 3.82 26.38
C ASP B 490 36.80 5.28 26.16
N ASN B 491 36.54 5.79 24.98
CA ASN B 491 36.99 7.14 24.59
C ASN B 491 36.11 8.31 25.11
N PHE B 492 35.12 8.04 25.97
CA PHE B 492 34.36 9.13 26.58
C PHE B 492 35.10 9.67 27.79
N ASN B 493 35.73 10.84 27.61
CA ASN B 493 36.32 11.59 28.71
C ASN B 493 37.47 10.79 29.37
N ASN B 494 38.39 10.28 28.53
CA ASN B 494 39.54 9.45 28.99
C ASN B 494 40.83 10.28 29.15
N SER B 495 41.14 11.10 28.15
CA SER B 495 42.31 11.98 28.19
C SER B 495 42.19 13.16 29.16
N ALA B 496 43.33 13.60 29.67
CA ALA B 496 43.40 14.79 30.50
C ALA B 496 42.99 16.02 29.72
N GLU B 497 43.34 16.05 28.43
CA GLU B 497 43.00 17.15 27.51
C GLU B 497 41.48 17.38 27.43
N LYS B 498 40.74 16.27 27.41
CA LYS B 498 39.26 16.24 27.33
C LYS B 498 38.53 16.77 28.58
N LYS B 499 39.05 16.49 29.76
CA LYS B 499 38.41 16.83 31.06
C LYS B 499 37.86 18.25 31.23
N LYS B 500 38.39 19.23 30.50
CA LYS B 500 37.89 20.60 30.56
C LYS B 500 37.19 21.07 29.30
N HIS B 501 37.08 20.18 28.31
CA HIS B 501 36.32 20.43 27.09
C HIS B 501 34.88 19.89 27.20
N VAL B 502 33.95 20.54 26.50
CA VAL B 502 32.61 19.93 26.39
C VAL B 502 32.70 18.77 25.37
N GLU B 503 32.06 17.65 25.71
CA GLU B 503 32.01 16.45 24.88
C GLU B 503 30.57 16.14 24.48
N ILE B 504 30.40 15.52 23.32
CA ILE B 504 29.07 15.19 22.81
C ILE B 504 29.05 13.74 22.34
N ILE B 505 28.11 12.97 22.89
CA ILE B 505 27.79 11.64 22.40
C ILE B 505 26.43 11.71 21.74
N THR B 506 26.38 11.27 20.48
CA THR B 506 25.17 11.28 19.68
C THR B 506 24.69 9.83 19.57
N LEU B 507 23.89 9.42 20.54
CA LEU B 507 23.59 8.01 20.80
C LEU B 507 22.61 7.48 19.80
N GLY B 508 21.81 8.38 19.23
CA GLY B 508 20.89 8.06 18.15
C GLY B 508 20.79 9.23 17.20
N THR B 509 20.78 8.93 15.89
CA THR B 509 20.84 9.96 14.83
C THR B 509 19.72 9.89 13.81
N GLY B 510 18.67 9.12 14.13
CA GLY B 510 17.58 8.81 13.20
C GLY B 510 16.29 9.60 13.38
N SER B 511 15.33 9.31 12.51
CA SER B 511 14.03 9.96 12.52
C SER B 511 12.89 8.97 12.43
N ALA B 512 11.84 9.23 13.21
CA ALA B 512 10.52 8.60 13.09
C ALA B 512 10.54 7.16 13.58
N LEU B 513 11.16 6.26 12.83
CA LEU B 513 11.25 4.84 13.15
C LEU B 513 12.72 4.47 13.37
N PRO B 514 12.99 3.43 14.19
CA PRO B 514 14.36 2.87 14.17
C PRO B 514 14.66 2.07 12.91
N SER B 515 15.78 2.40 12.26
CA SER B 515 16.26 1.69 11.08
C SER B 515 17.43 0.77 11.46
N LYS B 516 17.86 -0.01 10.48
CA LYS B 516 18.99 -0.92 10.64
C LYS B 516 20.26 -0.21 11.11
N TYR B 517 20.47 1.03 10.65
CA TYR B 517 21.73 1.80 10.86
C TYR B 517 21.69 3.04 11.80
N ARG B 518 20.56 3.73 11.86
CA ARG B 518 20.35 4.87 12.80
C ARG B 518 19.08 4.60 13.64
N ASN B 519 19.28 4.38 14.93
CA ASN B 519 18.21 4.34 15.92
C ASN B 519 17.57 5.76 16.06
N VAL B 520 16.40 5.82 16.68
CA VAL B 520 15.78 7.11 16.98
C VAL B 520 16.68 7.98 17.88
N VAL B 521 16.44 9.29 17.82
CA VAL B 521 17.39 10.29 18.27
C VAL B 521 17.63 10.29 19.78
N SER B 522 18.89 10.51 20.16
CA SER B 522 19.25 10.97 21.49
C SER B 522 20.64 11.52 21.48
N THR B 523 20.82 12.67 22.14
CA THR B 523 22.08 13.39 22.17
C THR B 523 22.42 13.71 23.63
N LEU B 524 23.66 13.46 24.02
CA LEU B 524 24.09 13.67 25.40
C LEU B 524 25.30 14.57 25.37
N VAL B 525 25.27 15.68 26.10
CA VAL B 525 26.41 16.61 26.16
C VAL B 525 26.96 16.70 27.57
N LYS B 526 28.29 16.70 27.68
CA LYS B 526 29.01 16.80 28.94
C LYS B 526 29.56 18.17 28.98
N VAL B 527 28.99 19.04 29.81
CA VAL B 527 29.55 20.38 30.04
C VAL B 527 30.25 20.34 31.39
N PRO B 528 31.60 20.32 31.40
CA PRO B 528 32.30 20.34 32.66
C PRO B 528 32.24 21.69 33.33
N PHE B 529 32.39 21.68 34.65
CA PHE B 529 32.46 22.89 35.47
C PHE B 529 33.71 22.82 36.33
N THR B 530 34.62 23.77 36.15
CA THR B 530 35.74 23.94 37.06
C THR B 530 35.35 24.83 38.22
N ASP B 531 35.58 24.35 39.43
CA ASP B 531 35.13 25.02 40.65
C ASP B 531 36.16 26.06 41.15
N ALA B 532 35.90 26.63 42.32
CA ALA B 532 36.77 27.62 42.97
C ALA B 532 38.26 27.25 43.03
N ASP B 533 38.56 25.98 43.35
CA ASP B 533 39.94 25.57 43.66
C ASP B 533 40.45 24.35 42.87
N GLY B 534 40.41 24.46 41.55
CA GLY B 534 41.05 23.48 40.64
C GLY B 534 40.16 22.39 40.06
N ASN B 535 39.30 21.80 40.89
CA ASN B 535 38.61 20.53 40.57
C ASN B 535 37.55 20.75 39.49
N THR B 536 37.35 19.75 38.63
CA THR B 536 36.35 19.81 37.56
C THR B 536 35.38 18.61 37.61
N ILE B 537 34.12 18.92 37.93
CA ILE B 537 33.00 17.95 37.87
C ILE B 537 32.15 18.15 36.62
N ASN B 538 31.46 17.08 36.23
CA ASN B 538 30.63 17.09 35.03
C ASN B 538 29.17 17.35 35.36
N ARG B 539 28.52 18.18 34.53
CA ARG B 539 27.08 18.13 34.40
C ARG B 539 26.72 17.66 32.98
N ASN B 540 26.04 16.50 32.92
CA ASN B 540 25.66 15.86 31.67
C ASN B 540 24.20 16.17 31.40
N ILE B 541 23.88 16.35 30.13
CA ILE B 541 22.63 16.94 29.66
C ILE B 541 22.08 16.06 28.57
N MSE B 542 20.84 15.58 28.75
CA MSE B 542 20.18 14.67 27.80
C MSE B 542 19.20 15.40 26.91
O MSE B 542 18.20 15.92 27.38
CB MSE B 542 19.48 13.59 28.59
CG MSE B 542 18.80 12.52 27.75
SE MSE B 542 20.01 11.06 27.22
CE MSE B 542 20.58 10.39 28.99
N LEU B 543 19.50 15.44 25.63
CA LEU B 543 18.65 16.16 24.67
C LEU B 543 17.82 15.20 23.81
N ASP B 544 16.64 14.85 24.35
CA ASP B 544 15.71 13.84 23.78
C ASP B 544 16.28 12.46 24.02
N ALA B 545 15.39 11.50 24.27
CA ALA B 545 15.80 10.10 24.47
C ALA B 545 14.70 9.14 23.95
N GLY B 546 14.75 8.90 22.65
CA GLY B 546 13.89 7.92 22.04
C GLY B 546 14.18 6.49 22.46
N GLU B 547 13.32 5.58 21.97
CA GLU B 547 13.37 4.16 22.27
C GLU B 547 14.76 3.54 22.17
N ASN B 548 15.15 2.88 23.25
CA ASN B 548 16.36 2.06 23.34
C ASN B 548 17.65 2.88 23.53
N THR B 549 17.50 4.09 24.02
CA THR B 549 18.62 4.97 24.29
C THR B 549 19.52 4.42 25.39
N LEU B 550 18.95 3.85 26.43
CA LEU B 550 19.72 3.19 27.48
C LEU B 550 20.45 1.92 26.97
N GLY B 551 19.87 1.29 25.96
CA GLY B 551 20.44 0.11 25.32
C GLY B 551 21.71 0.40 24.55
N THR B 552 21.68 1.44 23.71
CA THR B 552 22.90 1.84 22.98
C THR B 552 23.98 2.27 24.01
N ILE B 553 23.55 2.86 25.12
CA ILE B 553 24.45 3.27 26.21
C ILE B 553 25.07 2.03 26.88
N HIS B 554 24.25 1.04 27.14
CA HIS B 554 24.73 -0.18 27.75
C HIS B 554 25.68 -0.98 26.86
N ARG B 555 25.37 -1.03 25.57
CA ARG B 555 26.20 -1.70 24.57
C ARG B 555 27.57 -1.05 24.32
N MSE B 556 27.67 0.26 24.50
CA MSE B 556 28.87 1.01 24.13
C MSE B 556 29.76 1.32 25.30
O MSE B 556 30.85 1.84 25.09
CB MSE B 556 28.48 2.32 23.41
CG MSE B 556 28.11 3.51 24.30
SE MSE B 556 27.95 5.20 23.29
CE MSE B 556 26.16 4.80 22.57
N PHE B 557 29.31 1.03 26.54
CA PHE B 557 30.08 1.34 27.76
C PHE B 557 30.10 0.22 28.76
N SER B 558 31.17 0.19 29.55
CA SER B 558 31.27 -0.72 30.66
C SER B 558 30.42 -0.16 31.79
N GLN B 559 30.03 -1.03 32.72
CA GLN B 559 29.10 -0.64 33.76
C GLN B 559 29.68 0.29 34.84
N LEU B 560 30.98 0.57 34.75
CA LEU B 560 31.66 1.61 35.55
C LEU B 560 31.40 3.01 35.01
N ALA B 561 31.61 3.11 33.71
CA ALA B 561 31.39 4.34 32.98
C ALA B 561 29.90 4.74 32.97
N VAL B 562 29.01 3.73 32.95
CA VAL B 562 27.57 4.03 32.97
C VAL B 562 27.19 4.66 34.32
N LYS B 563 27.61 4.08 35.43
CA LYS B 563 27.42 4.73 36.74
C LYS B 563 27.95 6.15 36.69
N SER B 564 29.21 6.29 36.29
CA SER B 564 29.87 7.59 36.23
C SER B 564 29.03 8.62 35.52
N ILE B 565 28.51 8.26 34.35
CA ILE B 565 27.69 9.14 33.52
C ILE B 565 26.45 9.59 34.28
N PHE B 566 25.71 8.61 34.80
CA PHE B 566 24.41 8.83 35.44
C PHE B 566 24.46 9.51 36.81
N GLN B 567 25.57 9.35 37.53
CA GLN B 567 25.78 10.16 38.74
C GLN B 567 25.89 11.62 38.37
N ASP B 568 26.54 11.91 37.25
CA ASP B 568 26.72 13.28 36.77
C ASP B 568 25.63 13.74 35.76
N LEU B 569 24.48 13.05 35.73
CA LEU B 569 23.33 13.42 34.85
C LEU B 569 22.38 14.37 35.57
N LYS B 570 22.37 15.63 35.15
CA LYS B 570 21.67 16.66 35.91
C LYS B 570 20.35 17.13 35.32
N MSE B 571 20.18 16.93 34.02
CA MSE B 571 18.99 17.39 33.30
C MSE B 571 18.64 16.51 32.14
O MSE B 571 19.52 15.99 31.45
CB MSE B 571 19.26 18.79 32.77
CG MSE B 571 18.00 19.63 32.59
SE MSE B 571 18.36 21.04 31.28
CE MSE B 571 18.28 19.90 29.70
N ILE B 572 17.34 16.36 31.89
CA ILE B 572 16.87 15.71 30.66
C ILE B 572 15.74 16.52 30.04
N TYR B 573 15.99 17.05 28.83
CA TYR B 573 15.07 17.93 28.08
C TYR B 573 14.35 17.15 26.98
N LEU B 574 13.17 17.62 26.61
CA LEU B 574 12.39 17.00 25.52
C LEU B 574 11.85 18.11 24.61
N SER B 575 12.07 17.95 23.31
CA SER B 575 11.77 18.97 22.32
C SER B 575 10.30 19.03 22.09
N HIS B 576 9.67 17.86 21.93
CA HIS B 576 8.24 17.78 21.70
C HIS B 576 7.73 16.38 21.95
N LEU B 577 6.42 16.20 21.77
CA LEU B 577 5.76 14.95 22.17
C LEU B 577 5.78 13.81 21.15
N HIS B 578 6.31 14.01 19.95
CA HIS B 578 6.42 12.86 19.05
C HIS B 578 7.27 11.78 19.69
N ALA B 579 6.75 10.55 19.68
CA ALA B 579 7.41 9.37 20.29
C ALA B 579 8.89 9.10 19.95
N ASP B 580 9.32 9.48 18.74
CA ASP B 580 10.72 9.25 18.34
C ASP B 580 11.76 10.03 19.16
N HIS B 581 11.30 10.82 20.16
CA HIS B 581 12.13 11.64 21.05
C HIS B 581 11.97 11.36 22.54
N HIS B 582 11.10 10.43 22.93
CA HIS B 582 10.85 10.25 24.38
C HIS B 582 10.53 8.84 24.99
N LEU B 583 10.46 7.80 24.18
CA LEU B 583 10.09 6.50 24.74
C LEU B 583 11.19 5.87 25.61
N GLY B 584 12.44 6.30 25.38
CA GLY B 584 13.57 5.94 26.25
C GLY B 584 13.70 6.67 27.59
N ILE B 585 13.04 7.83 27.72
CA ILE B 585 13.13 8.68 28.92
C ILE B 585 12.80 7.94 30.22
N ILE B 586 11.79 7.08 30.22
CA ILE B 586 11.45 6.40 31.46
C ILE B 586 12.59 5.51 31.90
N SER B 587 13.15 4.74 30.98
CA SER B 587 14.31 3.89 31.31
C SER B 587 15.45 4.71 31.93
N VAL B 588 15.80 5.79 31.26
CA VAL B 588 16.81 6.70 31.74
C VAL B 588 16.52 7.23 33.15
N LEU B 589 15.25 7.53 33.46
CA LEU B 589 14.90 7.96 34.83
C LEU B 589 15.16 6.84 35.84
N ASN B 590 14.85 5.61 35.45
CA ASN B 590 15.11 4.45 36.29
C ASN B 590 16.60 4.29 36.53
N GLU B 591 17.35 4.24 35.45
CA GLU B 591 18.81 4.10 35.53
C GLU B 591 19.48 5.26 36.27
N TRP B 592 18.90 6.46 36.18
CA TRP B 592 19.37 7.58 36.99
C TRP B 592 19.19 7.23 38.46
N TYR B 593 17.94 6.90 38.80
CA TYR B 593 17.53 6.58 40.16
C TYR B 593 18.39 5.49 40.79
N LYS B 594 18.81 4.53 39.97
CA LYS B 594 19.68 3.43 40.38
C LYS B 594 20.94 3.98 40.96
N TYR B 595 21.66 4.76 40.16
CA TYR B 595 22.94 5.29 40.59
C TYR B 595 22.87 6.52 41.50
N ASN B 596 21.66 6.96 41.86
CA ASN B 596 21.47 8.19 42.64
C ASN B 596 20.57 8.10 43.88
N LYS B 597 19.84 7.00 44.06
CA LYS B 597 19.02 6.84 45.27
C LYS B 597 19.92 6.82 46.53
N ASP B 598 21.14 6.31 46.36
CA ASP B 598 22.27 6.46 47.31
C ASP B 598 22.12 7.63 48.29
N ASP B 599 22.09 8.87 47.78
CA ASP B 599 21.96 10.07 48.63
C ASP B 599 20.72 10.93 48.30
N GLU B 600 20.05 11.37 49.37
CA GLU B 600 18.78 12.09 49.28
C GLU B 600 18.96 13.54 48.79
N THR B 601 20.19 14.04 48.75
CA THR B 601 20.47 15.37 48.14
C THR B 601 20.24 15.36 46.61
N SER B 602 20.37 14.20 45.98
CA SER B 602 20.34 14.11 44.52
C SER B 602 18.93 14.09 43.94
N TYR B 603 18.67 15.05 43.07
CA TYR B 603 17.43 15.16 42.30
C TYR B 603 17.81 15.52 40.86
N ILE B 604 16.89 15.36 39.92
CA ILE B 604 17.16 15.59 38.50
C ILE B 604 16.16 16.61 37.89
N TYR B 605 16.68 17.54 37.09
CA TYR B 605 15.82 18.50 36.40
C TYR B 605 15.23 17.88 35.14
N VAL B 606 13.94 18.11 34.93
CA VAL B 606 13.26 17.58 33.75
C VAL B 606 12.49 18.74 33.10
N VAL B 607 12.85 19.10 31.87
CA VAL B 607 12.12 20.17 31.22
C VAL B 607 11.55 19.67 29.90
N THR B 608 10.24 19.53 29.90
CA THR B 608 9.52 18.90 28.82
C THR B 608 8.33 19.80 28.50
N PRO B 609 7.51 19.43 27.50
CA PRO B 609 6.19 20.00 27.37
C PRO B 609 5.33 19.58 28.54
N TRP B 610 4.41 20.45 28.96
CA TRP B 610 3.53 20.16 30.11
C TRP B 610 2.84 18.80 30.04
N GLN B 611 2.43 18.39 28.85
CA GLN B 611 1.75 17.09 28.66
C GLN B 611 2.62 15.86 28.99
N TYR B 612 3.94 15.97 28.79
CA TYR B 612 4.85 14.85 29.13
C TYR B 612 4.94 14.66 30.65
N HIS B 613 4.76 15.74 31.38
CA HIS B 613 4.81 15.68 32.82
C HIS B 613 3.66 14.84 33.36
N LYS B 614 2.50 14.93 32.71
CA LYS B 614 1.34 14.12 33.03
C LYS B 614 1.74 12.68 32.85
N PHE B 615 2.27 12.36 31.67
CA PHE B 615 2.75 11.01 31.40
C PHE B 615 3.72 10.50 32.48
N VAL B 616 4.77 11.27 32.78
CA VAL B 616 5.75 10.84 33.78
C VAL B 616 5.06 10.53 35.10
N ASN B 617 4.24 11.47 35.59
CA ASN B 617 3.48 11.28 36.83
C ASN B 617 2.63 10.03 36.73
N GLU B 618 1.83 9.94 35.68
CA GLU B 618 0.96 8.80 35.50
C GLU B 618 1.76 7.49 35.50
N TRP B 619 2.91 7.50 34.84
CA TRP B 619 3.67 6.27 34.71
C TRP B 619 4.45 5.91 35.96
N LEU B 620 5.24 6.84 36.46
CA LEU B 620 6.13 6.51 37.59
C LEU B 620 5.38 6.03 38.85
N VAL B 621 4.14 6.49 39.03
CA VAL B 621 3.28 6.04 40.14
C VAL B 621 2.88 4.56 40.00
N LEU B 622 2.87 4.05 38.76
CA LEU B 622 2.70 2.62 38.45
C LEU B 622 3.99 1.78 38.42
N GLU B 623 5.15 2.42 38.54
CA GLU B 623 6.43 1.70 38.48
C GLU B 623 7.29 1.96 39.71
N ASN B 624 7.63 3.22 39.95
CA ASN B 624 8.40 3.55 41.14
C ASN B 624 8.07 4.99 41.57
N LYS B 625 6.95 5.12 42.29
CA LYS B 625 6.50 6.40 42.84
C LYS B 625 7.56 7.17 43.61
N GLU B 626 8.58 6.48 44.14
CA GLU B 626 9.70 7.15 44.84
C GLU B 626 10.63 8.03 43.97
N ILE B 627 10.61 7.81 42.66
CA ILE B 627 11.42 8.61 41.75
C ILE B 627 10.81 9.99 41.60
N LEU B 628 9.47 10.05 41.59
CA LEU B 628 8.76 11.33 41.50
C LEU B 628 9.22 12.35 42.55
N LYS B 629 9.67 11.89 43.71
CA LYS B 629 10.19 12.78 44.72
C LYS B 629 11.52 13.40 44.35
N ARG B 630 12.25 12.81 43.41
CA ARG B 630 13.55 13.35 42.95
C ARG B 630 13.52 14.08 41.60
N ILE B 631 12.34 14.30 41.04
CA ILE B 631 12.22 15.07 39.79
C ILE B 631 11.85 16.51 40.14
N LYS B 632 12.58 17.46 39.57
CA LYS B 632 12.20 18.87 39.62
C LYS B 632 11.81 19.27 38.20
N TYR B 633 10.52 19.16 37.93
CA TYR B 633 9.98 19.45 36.61
C TYR B 633 9.75 20.96 36.37
N ILE B 634 10.23 21.45 35.22
CA ILE B 634 9.92 22.77 34.70
C ILE B 634 9.33 22.61 33.32
N SER B 635 8.40 23.48 32.93
CA SER B 635 7.79 23.41 31.58
C SER B 635 8.61 24.21 30.58
N CYS B 636 8.80 23.67 29.38
CA CYS B 636 9.47 24.43 28.29
C CYS B 636 8.79 25.75 28.03
N GLU B 637 7.47 25.79 28.19
CA GLU B 637 6.68 27.01 27.98
C GLU B 637 7.11 28.18 28.89
N HIS B 638 7.49 27.90 30.14
CA HIS B 638 8.06 28.95 31.03
C HIS B 638 9.48 29.44 30.65
N PHE B 639 10.11 28.78 29.69
CA PHE B 639 11.39 29.23 29.19
C PHE B 639 11.24 30.05 27.91
N ILE B 640 10.00 30.26 27.47
CA ILE B 640 9.73 30.83 26.14
C ILE B 640 10.17 32.31 26.02
N ASN B 641 10.71 32.67 24.87
CA ASN B 641 11.08 34.08 24.57
C ASN B 641 9.93 35.08 24.62
N ASP B 642 8.87 34.81 23.86
CA ASP B 642 7.68 35.70 23.78
C ASP B 642 7.09 36.14 25.14
N SER B 643 6.42 37.29 25.14
CA SER B 643 5.65 37.79 26.33
C SER B 643 4.45 36.90 26.54
N PHE B 644 3.93 36.45 25.40
CA PHE B 644 2.97 35.38 25.28
C PHE B 644 3.54 34.06 25.82
N VAL B 645 2.88 33.53 26.84
CA VAL B 645 3.26 32.27 27.48
C VAL B 645 1.98 31.48 27.45
N ARG B 646 1.95 30.47 26.60
CA ARG B 646 0.70 29.82 26.28
C ARG B 646 0.10 29.10 27.48
N MSE B 647 -1.23 29.16 27.56
CA MSE B 647 -1.98 28.62 28.71
C MSE B 647 -2.23 27.17 28.42
O MSE B 647 -2.51 26.80 27.27
CB MSE B 647 -3.29 29.40 28.89
CG MSE B 647 -3.54 29.90 30.31
SE MSE B 647 -4.41 31.68 30.28
CE MSE B 647 -6.32 31.26 30.35
N GLN B 648 -2.14 26.32 29.44
CA GLN B 648 -2.38 24.90 29.27
C GLN B 648 -3.79 24.55 29.76
N THR B 649 -4.42 23.58 29.10
CA THR B 649 -5.85 23.29 29.27
C THR B 649 -6.11 22.66 30.64
N GLN B 650 -7.34 22.78 31.11
CA GLN B 650 -7.75 22.35 32.45
C GLN B 650 -7.96 20.83 32.50
N SER B 651 -7.58 20.21 33.62
CA SER B 651 -7.72 18.76 33.80
C SER B 651 -9.17 18.37 34.13
N VAL B 652 -9.76 17.54 33.28
CA VAL B 652 -11.11 17.01 33.47
C VAL B 652 -11.07 15.91 34.54
N PRO B 653 -11.79 16.07 35.67
CA PRO B 653 -11.79 14.95 36.62
C PRO B 653 -12.53 13.75 36.07
N LEU B 654 -12.12 12.56 36.50
CA LEU B 654 -12.63 11.29 35.95
C LEU B 654 -14.16 11.26 35.98
N ALA B 655 -14.71 11.73 37.10
CA ALA B 655 -16.15 11.94 37.27
C ALA B 655 -16.82 12.59 36.05
N GLU B 656 -16.44 13.84 35.74
CA GLU B 656 -17.17 14.66 34.76
C GLU B 656 -16.98 14.29 33.27
N PHE B 657 -16.86 13.00 32.96
CA PHE B 657 -16.59 12.55 31.59
C PHE B 657 -17.91 12.50 30.78
N ASN B 658 -18.09 13.45 29.86
CA ASN B 658 -19.35 13.61 29.08
C ASN B 658 -19.12 13.22 27.60
N GLU B 659 -19.57 14.07 26.67
CA GLU B 659 -19.57 13.83 25.22
C GLU B 659 -20.56 12.73 24.80
N LEU B 673 -13.84 23.21 26.90
CA LEU B 673 -13.13 23.12 28.18
C LEU B 673 -12.31 24.37 28.53
N GLU B 674 -12.18 24.61 29.84
CA GLU B 674 -11.54 25.82 30.41
C GLU B 674 -10.02 25.83 30.12
N LEU B 675 -9.34 26.84 30.64
CA LEU B 675 -7.90 26.98 30.53
C LEU B 675 -7.33 27.28 31.90
N ASP B 676 -6.13 26.78 32.18
CA ASP B 676 -5.48 26.93 33.49
C ASP B 676 -4.62 28.20 33.49
N ARG B 677 -5.26 29.32 33.82
CA ARG B 677 -4.61 30.64 33.77
C ARG B 677 -3.40 30.79 34.70
N ASP B 678 -3.30 29.95 35.74
CA ASP B 678 -2.09 29.89 36.59
C ASP B 678 -0.84 29.31 35.89
N SER B 679 -1.03 28.56 34.80
CA SER B 679 0.05 27.95 34.02
C SER B 679 0.77 28.93 33.07
N SER B 680 0.17 30.09 32.83
CA SER B 680 0.83 31.20 32.15
C SER B 680 1.90 31.87 33.01
N TYR B 681 1.78 31.76 34.33
CA TYR B 681 2.82 32.24 35.24
C TYR B 681 4.02 31.31 35.23
N ARG B 682 5.21 31.89 35.09
CA ARG B 682 6.45 31.14 35.04
C ARG B 682 6.91 30.81 36.44
N ASP B 683 7.32 29.55 36.65
CA ASP B 683 7.88 29.13 37.93
C ASP B 683 9.32 29.65 38.04
N VAL B 684 9.42 30.90 38.44
CA VAL B 684 10.73 31.56 38.57
C VAL B 684 11.58 31.07 39.74
N ASP B 685 10.91 30.63 40.82
CA ASP B 685 11.62 30.18 42.02
C ASP B 685 12.42 28.92 41.69
N LEU B 686 11.82 28.04 40.89
CA LEU B 686 12.48 26.80 40.48
C LEU B 686 13.50 26.97 39.33
N ILE B 687 13.19 27.84 38.37
CA ILE B 687 14.16 28.21 37.33
C ILE B 687 15.42 28.83 37.95
N ARG B 688 15.24 29.69 38.95
CA ARG B 688 16.38 30.30 39.63
C ARG B 688 17.16 29.26 40.42
N GLN B 689 16.45 28.31 41.02
CA GLN B 689 17.08 27.18 41.72
C GLN B 689 17.91 26.28 40.79
N MSE B 690 17.46 26.13 39.54
CA MSE B 690 18.19 25.35 38.52
C MSE B 690 19.42 26.06 38.06
O MSE B 690 20.48 25.45 37.95
CB MSE B 690 17.33 25.12 37.28
CG MSE B 690 18.01 24.15 36.34
SE MSE B 690 16.83 23.99 34.77
CE MSE B 690 17.54 25.51 33.75
N TYR B 691 19.29 27.34 37.74
CA TYR B 691 20.43 28.16 37.35
C TYR B 691 21.54 28.07 38.35
N GLU B 692 21.19 28.07 39.63
CA GLU B 692 22.16 28.02 40.71
C GLU B 692 22.81 26.63 40.85
N ASP B 693 21.99 25.57 40.81
CA ASP B 693 22.49 24.18 40.92
C ASP B 693 23.35 23.71 39.75
N LEU B 694 22.93 24.04 38.53
CA LEU B 694 23.60 23.62 37.29
C LEU B 694 24.47 24.72 36.67
N SER B 695 24.71 25.81 37.40
CA SER B 695 25.56 26.94 36.99
C SER B 695 25.22 27.43 35.58
N ILE B 696 23.94 27.58 35.35
CA ILE B 696 23.41 28.00 34.07
C ILE B 696 23.14 29.51 34.18
N GLU B 697 23.65 30.26 33.20
CA GLU B 697 23.40 31.70 33.10
C GLU B 697 21.99 31.97 32.61
N TYR B 698 21.59 31.24 31.57
CA TYR B 698 20.35 31.52 30.86
C TYR B 698 19.89 30.32 30.07
N PHE B 699 18.61 29.96 30.22
CA PHE B 699 17.94 28.90 29.46
C PHE B 699 16.78 29.51 28.71
N GLN B 700 16.77 29.39 27.40
CA GLN B 700 15.65 29.93 26.63
C GLN B 700 15.12 28.92 25.65
N THR B 701 13.86 29.11 25.27
CA THR B 701 13.22 28.31 24.24
C THR B 701 12.38 29.17 23.30
N CYS B 702 12.24 28.74 22.05
CA CYS B 702 11.23 29.31 21.14
C CYS B 702 10.28 28.24 20.64
N ARG B 703 9.17 28.67 20.04
CA ARG B 703 8.23 27.76 19.43
C ARG B 703 8.81 27.20 18.15
N ALA B 704 8.95 25.87 18.08
CA ALA B 704 9.35 25.17 16.86
C ALA B 704 8.25 25.21 15.82
N ILE B 705 8.62 25.22 14.55
CA ILE B 705 7.66 25.29 13.45
C ILE B 705 7.51 23.86 12.98
N HIS B 706 6.75 23.11 13.78
CA HIS B 706 6.61 21.66 13.64
C HIS B 706 5.20 21.26 14.11
N CYS B 707 5.06 20.62 15.28
CA CYS B 707 3.73 20.35 15.82
C CYS B 707 3.44 21.42 16.88
N ASP B 708 2.28 21.36 17.51
CA ASP B 708 1.98 22.21 18.68
C ASP B 708 2.75 21.71 19.91
N TRP B 709 2.99 22.61 20.85
CA TRP B 709 3.83 22.37 22.04
C TRP B 709 5.13 21.61 21.72
N ALA B 710 5.95 22.29 20.92
CA ALA B 710 7.21 21.78 20.37
C ALA B 710 8.20 22.91 20.40
N TYR B 711 9.45 22.61 20.71
CA TYR B 711 10.41 23.66 21.04
C TYR B 711 11.83 23.49 20.48
N SER B 712 12.47 24.63 20.30
CA SER B 712 13.91 24.75 20.15
C SER B 712 14.40 25.49 21.38
N ASN B 713 15.60 25.15 21.85
CA ASN B 713 16.17 25.73 23.07
C ASN B 713 17.57 26.20 22.83
N SER B 714 18.08 26.93 23.82
CA SER B 714 19.43 27.44 23.82
C SER B 714 19.83 27.59 25.26
N ILE B 715 20.94 26.99 25.62
CA ILE B 715 21.37 27.00 27.01
C ILE B 715 22.77 27.60 27.07
N THR B 716 22.96 28.48 28.04
CA THR B 716 24.21 29.17 28.30
C THR B 716 24.68 28.79 29.71
N PHE B 717 25.70 27.94 29.77
CA PHE B 717 26.31 27.48 31.04
C PHE B 717 27.54 28.36 31.40
N ARG B 718 27.78 28.59 32.69
CA ARG B 718 29.09 29.09 33.18
C ARG B 718 30.04 27.91 33.35
N MSE B 719 31.32 28.11 33.02
CA MSE B 719 32.33 27.03 33.01
C MSE B 719 33.34 26.97 34.15
O MSE B 719 33.78 25.89 34.55
CB MSE B 719 33.13 27.20 31.71
CG MSE B 719 32.29 27.06 30.45
SE MSE B 719 31.55 25.25 30.29
CE MSE B 719 29.77 25.97 30.32
N ASP B 720 33.73 28.14 34.65
CA ASP B 720 34.73 28.27 35.72
C ASP B 720 34.14 29.19 36.77
N GLU B 721 34.30 28.84 38.04
CA GLU B 721 33.88 29.72 39.14
C GLU B 721 34.66 31.05 39.19
N ASN B 722 35.97 30.96 38.97
CA ASN B 722 36.88 32.13 39.10
C ASN B 722 36.60 33.22 38.06
N ASN B 723 36.52 32.81 36.81
CA ASN B 723 36.20 33.71 35.70
C ASN B 723 34.71 33.61 35.29
N GLU B 724 33.95 34.69 35.52
CA GLU B 724 32.50 34.75 35.25
C GLU B 724 32.16 34.83 33.75
N HIS B 725 33.11 35.34 32.95
CA HIS B 725 32.89 35.60 31.52
C HIS B 725 33.12 34.38 30.59
N ASN B 726 33.87 33.39 31.07
CA ASN B 726 34.01 32.10 30.38
C ASN B 726 32.66 31.38 30.43
N THR B 727 31.89 31.52 29.35
CA THR B 727 30.63 30.78 29.17
C THR B 727 30.64 29.96 27.89
N PHE B 728 29.71 29.01 27.81
CA PHE B 728 29.48 28.15 26.64
C PHE B 728 27.99 28.12 26.37
N LYS B 729 27.61 28.23 25.11
CA LYS B 729 26.20 28.33 24.73
C LYS B 729 25.90 27.28 23.67
N VAL B 730 24.88 26.46 23.92
CA VAL B 730 24.53 25.33 23.06
C VAL B 730 23.04 25.37 22.80
N SER B 731 22.65 25.27 21.53
CA SER B 731 21.25 25.29 21.10
C SER B 731 20.92 24.00 20.37
N TYR B 732 19.77 23.41 20.69
CA TYR B 732 19.31 22.16 20.06
C TYR B 732 17.98 22.45 19.41
N SER B 733 17.86 22.10 18.14
CA SER B 733 16.74 22.53 17.32
C SER B 733 15.40 21.92 17.66
N GLY B 734 15.43 20.67 18.11
CA GLY B 734 14.25 19.83 18.08
C GLY B 734 13.90 19.47 16.65
N ASP B 735 12.67 19.04 16.42
CA ASP B 735 12.13 18.90 15.07
C ASP B 735 11.51 20.28 14.76
N THR B 736 11.83 20.86 13.59
CA THR B 736 11.43 22.24 13.19
C THR B 736 11.71 22.53 11.69
N ARG B 737 10.90 23.40 11.10
CA ARG B 737 11.24 23.97 9.79
C ARG B 737 12.20 25.10 10.06
N PRO B 738 13.06 25.46 9.08
CA PRO B 738 14.14 26.40 9.39
C PRO B 738 13.54 27.68 9.93
N ASN B 739 14.08 28.12 11.06
CA ASN B 739 13.44 29.10 11.96
C ASN B 739 14.43 30.22 12.25
N ILE B 740 14.47 31.20 11.37
CA ILE B 740 15.51 32.22 11.40
C ILE B 740 15.05 33.43 12.23
N GLU B 741 13.80 33.85 12.02
CA GLU B 741 13.24 35.02 12.69
C GLU B 741 13.37 34.93 14.21
N LYS B 742 13.20 33.73 14.78
CA LYS B 742 13.08 33.54 16.25
C LYS B 742 14.10 32.59 16.96
N PHE B 743 14.90 31.85 16.19
CA PHE B 743 15.90 30.88 16.74
C PHE B 743 17.33 31.21 16.26
N SER B 744 17.52 31.45 14.96
CA SER B 744 18.80 31.98 14.44
C SER B 744 19.09 33.37 15.03
N LEU B 745 18.21 34.32 14.71
CA LEU B 745 18.39 35.71 15.07
C LEU B 745 18.03 36.08 16.51
N GLU B 746 17.22 35.28 17.20
CA GLU B 746 16.88 35.61 18.59
C GLU B 746 17.61 34.76 19.65
N ILE B 747 17.03 33.67 20.17
CA ILE B 747 17.57 32.98 21.37
C ILE B 747 18.92 32.31 21.18
N GLY B 748 19.11 31.77 19.98
CA GLY B 748 20.28 30.98 19.70
C GLY B 748 21.45 31.75 19.14
N TYR B 749 21.27 33.04 18.87
CA TYR B 749 22.30 33.82 18.19
C TYR B 749 23.65 33.70 18.91
N ASN B 750 24.71 33.58 18.12
CA ASN B 750 26.08 33.48 18.61
C ASN B 750 26.41 32.28 19.53
N SER B 751 25.52 31.30 19.60
CA SER B 751 25.84 30.13 20.41
C SER B 751 27.03 29.35 19.83
N ASP B 752 27.78 28.73 20.75
CA ASP B 752 29.02 28.01 20.46
C ASP B 752 28.77 26.69 19.75
N LEU B 753 27.64 26.06 20.08
CA LEU B 753 27.26 24.77 19.47
C LEU B 753 25.83 24.86 18.97
N LEU B 754 25.60 24.36 17.77
CA LEU B 754 24.23 24.10 17.32
C LEU B 754 24.15 22.64 16.95
N ILE B 755 23.11 21.98 17.49
CA ILE B 755 22.84 20.61 17.15
C ILE B 755 21.54 20.72 16.41
N HIS B 756 21.57 20.68 15.09
CA HIS B 756 20.35 20.88 14.32
C HIS B 756 19.89 19.62 13.65
N GLU B 757 18.57 19.53 13.57
CA GLU B 757 17.86 18.55 12.80
C GLU B 757 18.12 18.76 11.30
N ALA B 758 18.39 17.67 10.62
CA ALA B 758 18.64 17.66 9.18
C ALA B 758 17.99 16.41 8.60
N THR B 759 16.66 16.38 8.64
CA THR B 759 15.91 15.14 8.40
C THR B 759 16.01 14.64 6.96
N LEU B 760 15.64 15.50 6.00
CA LEU B 760 15.61 15.12 4.58
C LEU B 760 16.82 15.59 3.76
N GLU B 761 17.20 14.80 2.76
CA GLU B 761 18.14 15.24 1.74
C GLU B 761 17.52 16.42 0.97
N ASN B 762 18.33 17.08 0.16
CA ASN B 762 17.92 18.34 -0.48
C ASN B 762 16.89 18.14 -1.59
N GLN B 763 17.07 17.09 -2.40
CA GLN B 763 16.08 16.63 -3.40
C GLN B 763 14.64 16.59 -2.87
N LEU B 764 14.49 16.26 -1.58
CA LEU B 764 13.18 16.11 -0.92
C LEU B 764 12.80 17.33 -0.08
N LEU B 765 12.73 18.47 -0.74
CA LEU B 765 12.32 19.70 -0.09
C LEU B 765 10.80 19.78 0.12
N GLU B 766 10.00 19.44 -0.89
CA GLU B 766 8.53 19.54 -0.77
C GLU B 766 8.03 18.56 0.30
N ASP B 767 8.73 17.43 0.46
CA ASP B 767 8.45 16.48 1.55
C ASP B 767 8.77 17.07 2.92
N ALA B 768 9.93 17.70 3.04
CA ALA B 768 10.31 18.39 4.28
C ALA B 768 9.34 19.50 4.69
N VAL B 769 8.70 20.16 3.73
CA VAL B 769 7.68 21.17 4.04
C VAL B 769 6.38 20.53 4.59
N LYS B 770 5.92 19.45 3.93
CA LYS B 770 4.73 18.70 4.37
C LYS B 770 4.97 18.14 5.76
N LYS B 771 6.08 17.40 5.93
CA LYS B 771 6.42 16.75 7.21
C LYS B 771 6.95 17.73 8.29
N LYS B 772 7.13 19.00 7.95
CA LYS B 772 7.63 20.03 8.89
C LYS B 772 9.03 19.75 9.51
N HIS B 773 9.97 19.39 8.63
CA HIS B 773 11.39 19.22 8.93
C HIS B 773 12.30 20.10 8.04
N CYS B 774 13.58 20.07 8.34
CA CYS B 774 14.61 20.67 7.51
C CYS B 774 15.24 19.69 6.52
N THR B 775 15.71 20.26 5.43
CA THR B 775 16.64 19.65 4.49
C THR B 775 18.03 19.95 5.03
N ILE B 776 19.04 19.35 4.40
CA ILE B 776 20.42 19.50 4.90
C ILE B 776 20.91 20.95 4.73
N ASN B 777 20.54 21.59 3.62
CA ASN B 777 20.84 23.00 3.37
C ASN B 777 20.07 23.89 4.31
N GLU B 778 18.75 23.75 4.33
CA GLU B 778 17.90 24.53 5.22
C GLU B 778 18.47 24.61 6.64
N ALA B 779 19.07 23.51 7.09
CA ALA B 779 19.68 23.44 8.40
C ALA B 779 20.92 24.30 8.44
N ILE B 780 21.79 24.08 7.47
CA ILE B 780 23.02 24.83 7.33
C ILE B 780 22.72 26.33 7.32
N GLY B 781 21.74 26.76 6.54
CA GLY B 781 21.22 28.13 6.59
C GLY B 781 20.76 28.64 7.96
N VAL B 782 20.16 27.78 8.76
CA VAL B 782 19.84 28.13 10.15
C VAL B 782 21.13 28.37 10.93
N SER B 783 22.09 27.45 10.84
CA SER B 783 23.40 27.60 11.48
C SER B 783 24.01 28.96 11.18
N ASN B 784 24.13 29.25 9.89
CA ASN B 784 24.79 30.45 9.35
C ASN B 784 24.28 31.76 9.95
N LYS B 785 22.98 31.96 9.89
CA LYS B 785 22.39 33.20 10.38
C LYS B 785 22.35 33.29 11.92
N MSE B 786 22.52 32.15 12.59
CA MSE B 786 22.66 32.11 14.05
C MSE B 786 24.06 32.45 14.49
O MSE B 786 24.30 32.71 15.67
CB MSE B 786 22.30 30.71 14.52
CG MSE B 786 21.88 30.67 15.98
SE MSE B 786 21.58 28.81 16.55
CE MSE B 786 23.49 28.51 16.77
N ASN B 787 24.99 32.46 13.55
CA ASN B 787 26.41 32.73 13.80
C ASN B 787 27.04 31.63 14.68
N ALA B 788 26.75 30.39 14.31
CA ALA B 788 27.13 29.24 15.10
C ALA B 788 28.62 29.04 14.95
N ARG B 789 29.32 28.89 16.07
CA ARG B 789 30.74 28.60 16.00
C ARG B 789 30.87 27.24 15.33
N LYS B 790 30.30 26.21 15.96
CA LYS B 790 30.34 24.85 15.40
C LYS B 790 28.96 24.17 15.29
N LEU B 791 28.90 23.16 14.42
CA LEU B 791 27.63 22.56 13.99
C LEU B 791 27.68 21.03 14.02
N ILE B 792 26.62 20.44 14.61
CA ILE B 792 26.41 19.00 14.60
C ILE B 792 25.04 18.73 14.04
N LEU B 793 24.99 18.14 12.85
CA LEU B 793 23.73 17.72 12.24
C LEU B 793 23.37 16.30 12.70
N THR B 794 22.10 16.08 12.98
CA THR B 794 21.61 14.79 13.50
C THR B 794 20.14 14.66 13.16
N HIS B 795 19.49 13.57 13.59
CA HIS B 795 18.07 13.32 13.26
C HIS B 795 17.92 13.28 11.73
N PHE B 796 18.72 12.44 11.09
CA PHE B 796 18.62 12.18 9.63
C PHE B 796 17.62 11.07 9.42
N SER B 797 16.82 11.17 8.36
CA SER B 797 16.02 10.06 7.88
C SER B 797 16.67 9.60 6.60
N GLN B 798 17.03 8.34 6.51
CA GLN B 798 17.60 7.85 5.26
C GLN B 798 17.38 6.36 5.00
N ARG B 799 17.09 6.09 3.73
CA ARG B 799 17.19 4.77 3.08
C ARG B 799 18.33 3.88 3.57
N TYR B 800 19.56 4.33 3.33
CA TYR B 800 20.78 3.54 3.44
C TYR B 800 21.74 4.39 4.23
N PRO B 801 22.76 3.79 4.86
CA PRO B 801 23.62 4.55 5.80
C PRO B 801 24.53 5.67 5.22
N LYS B 802 24.49 5.90 3.91
CA LYS B 802 25.35 6.87 3.20
C LYS B 802 25.49 8.23 3.88
N LEU B 803 26.65 8.87 3.66
CA LEU B 803 26.93 10.20 4.23
C LEU B 803 26.02 11.21 3.54
N PRO B 804 25.40 12.13 4.32
CA PRO B 804 24.49 13.09 3.71
C PRO B 804 25.19 14.03 2.72
N GLN B 805 24.58 14.19 1.55
CA GLN B 805 25.15 15.00 0.49
C GLN B 805 24.99 16.47 0.78
N LEU B 806 26.00 17.24 0.37
CA LEU B 806 26.12 18.66 0.65
C LEU B 806 26.00 19.39 -0.68
N ASP B 807 25.22 20.47 -0.71
CA ASP B 807 25.09 21.27 -1.93
C ASP B 807 26.34 22.15 -2.01
N ASN B 808 27.10 21.98 -3.09
CA ASN B 808 28.48 22.51 -3.21
C ASN B 808 28.61 24.03 -3.20
N ASN B 809 27.55 24.71 -3.63
CA ASN B 809 27.48 26.18 -3.62
C ASN B 809 26.90 26.81 -2.32
N ILE B 810 26.48 25.99 -1.35
CA ILE B 810 25.98 26.49 -0.05
C ILE B 810 27.13 26.61 0.96
N ASP B 811 27.08 27.69 1.74
CA ASP B 811 28.20 28.09 2.60
C ASP B 811 28.06 27.56 4.00
N VAL B 812 29.20 27.20 4.59
CA VAL B 812 29.25 26.73 5.99
C VAL B 812 29.92 27.77 6.92
N MSE B 813 29.17 28.82 7.22
CA MSE B 813 29.59 29.88 8.17
C MSE B 813 29.58 29.24 9.54
O MSE B 813 28.57 29.27 10.28
CB MSE B 813 28.69 31.14 8.13
CG MSE B 813 28.34 31.72 6.76
SE MSE B 813 29.91 31.98 5.62
CE MSE B 813 30.83 33.26 6.82
N ALA B 814 30.70 28.60 9.84
CA ALA B 814 30.85 27.76 11.04
C ALA B 814 32.26 27.23 10.98
N ARG B 815 33.04 27.52 12.01
CA ARG B 815 34.45 27.22 11.94
C ARG B 815 34.64 25.74 11.58
N GLU B 816 34.11 24.86 12.43
CA GLU B 816 34.11 23.43 12.16
C GLU B 816 32.66 22.93 12.12
N PHE B 817 32.42 21.86 11.37
CA PHE B 817 31.15 21.12 11.47
C PHE B 817 31.35 19.62 11.24
N CYS B 818 30.33 18.84 11.58
CA CYS B 818 30.38 17.38 11.49
C CYS B 818 28.99 16.76 11.41
N PHE B 819 28.91 15.64 10.71
CA PHE B 819 27.69 14.83 10.65
C PHE B 819 27.71 13.76 11.74
N ALA B 820 26.55 13.57 12.37
CA ALA B 820 26.39 12.62 13.47
C ALA B 820 26.13 11.18 13.01
N PHE B 821 26.57 10.24 13.85
CA PHE B 821 26.39 8.81 13.64
C PHE B 821 26.16 8.14 15.00
N ASP B 822 25.29 7.13 15.04
CA ASP B 822 25.00 6.40 16.28
C ASP B 822 26.27 6.08 17.06
N SER B 823 26.27 6.50 18.33
CA SER B 823 27.34 6.23 19.31
C SER B 823 28.70 6.90 19.02
N MSE B 824 28.68 8.00 18.26
CA MSE B 824 29.89 8.81 18.01
C MSE B 824 30.13 9.65 19.23
O MSE B 824 29.19 9.99 19.95
CB MSE B 824 29.68 9.70 16.78
CG MSE B 824 30.79 10.67 16.40
SE MSE B 824 30.06 11.84 14.99
CE MSE B 824 29.48 13.31 16.16
N ILE B 825 31.40 9.98 19.46
CA ILE B 825 31.84 10.62 20.69
C ILE B 825 32.85 11.70 20.30
N VAL B 826 32.38 12.93 20.14
CA VAL B 826 33.25 14.04 19.75
C VAL B 826 33.59 14.97 20.88
N ASP B 827 34.85 15.38 20.89
CA ASP B 827 35.29 16.52 21.69
C ASP B 827 34.88 17.79 20.93
N TYR B 828 34.32 18.75 21.65
CA TYR B 828 33.87 19.96 20.99
C TYR B 828 35.00 20.66 20.28
N GLU B 829 36.18 20.69 20.92
CA GLU B 829 37.36 21.39 20.37
C GLU B 829 37.87 20.70 19.11
N LYS B 830 37.69 19.37 19.03
CA LYS B 830 38.13 18.58 17.89
C LYS B 830 36.98 18.12 16.97
N ILE B 831 35.94 18.92 16.81
CA ILE B 831 34.75 18.56 15.98
C ILE B 831 35.06 18.40 14.47
N GLY B 832 35.97 19.23 13.96
CA GLY B 832 36.28 19.27 12.53
C GLY B 832 37.20 18.19 12.01
N GLU B 833 37.77 17.35 12.88
CA GLU B 833 38.60 16.22 12.43
C GLU B 833 37.91 15.29 11.43
N GLN B 834 36.57 15.24 11.47
CA GLN B 834 35.77 14.50 10.50
C GLN B 834 35.81 15.13 9.10
N GLN B 835 35.74 16.46 9.02
CA GLN B 835 35.79 17.17 7.72
C GLN B 835 36.96 16.72 6.81
N ARG B 836 38.12 16.46 7.42
CA ARG B 836 39.30 15.87 6.77
C ARG B 836 38.93 14.56 6.05
N ILE B 837 38.36 13.63 6.81
CA ILE B 837 37.98 12.28 6.29
C ILE B 837 36.61 12.22 5.61
N PHE B 838 36.06 13.35 5.18
CA PHE B 838 34.74 13.42 4.51
C PHE B 838 34.57 12.64 3.20
N PRO B 839 35.60 12.58 2.33
CA PRO B 839 35.32 11.84 1.08
C PRO B 839 35.23 10.32 1.32
N LEU B 840 36.14 9.80 2.14
CA LEU B 840 36.23 8.35 2.41
C LEU B 840 35.15 7.82 3.38
N LEU B 841 34.24 8.71 3.82
CA LEU B 841 33.06 8.33 4.60
C LEU B 841 31.98 7.68 3.76
N ASN B 842 31.64 8.32 2.65
CA ASN B 842 30.56 7.79 1.81
C ASN B 842 31.03 6.47 1.22
N LYS B 843 32.29 6.46 0.77
CA LYS B 843 32.96 5.24 0.28
C LYS B 843 32.94 4.05 1.27
N ALA B 844 32.83 4.32 2.57
CA ALA B 844 32.70 3.28 3.58
C ALA B 844 31.48 2.36 3.39
N PHE B 845 30.37 2.91 2.86
CA PHE B 845 29.10 2.13 2.70
C PHE B 845 28.62 2.21 1.24
ZN ZN C . -0.66 -12.73 -24.38
ZN ZN D . -3.70 -12.81 -26.07
P PO4 E . -1.09 -11.79 -27.40
O1 PO4 E . -0.23 -12.44 -26.32
O2 PO4 E . -2.42 -12.49 -27.57
O3 PO4 E . -0.32 -11.76 -28.70
O4 PO4 E . -1.38 -10.38 -26.99
ZN ZN F . 8.63 15.34 15.42
ZN ZN G . 11.74 13.51 15.16
P PO4 H . 9.05 13.11 13.20
O1 PO4 H . 8.41 14.41 13.64
O2 PO4 H . 10.53 13.01 13.63
O3 PO4 H . 8.84 12.98 11.70
O4 PO4 H . 8.34 11.98 13.90
#